data_7GAP
# 
_entry.id   7GAP 
# 
_audit_conform.dict_name       mmcif_pdbx.dic 
_audit_conform.dict_version    5.396 
_audit_conform.dict_location   http://mmcif.pdb.org/dictionaries/ascii/mmcif_pdbx.dic 
# 
loop_
_database_2.database_id 
_database_2.database_code 
_database_2.pdbx_database_accession 
_database_2.pdbx_DOI 
PDB   7GAP         pdb_00007gap 10.2210/pdb7gap/pdb 
WWPDB D_1001405946 ?            ?                   
# 
_pdbx_audit_revision_history.ordinal             1 
_pdbx_audit_revision_history.data_content_type   'Structure model' 
_pdbx_audit_revision_history.major_revision      1 
_pdbx_audit_revision_history.minor_revision      0 
_pdbx_audit_revision_history.revision_date       2024-09-04 
# 
_pdbx_audit_revision_details.ordinal             1 
_pdbx_audit_revision_details.revision_ordinal    1 
_pdbx_audit_revision_details.data_content_type   'Structure model' 
_pdbx_audit_revision_details.provider            repository 
_pdbx_audit_revision_details.type                'Initial release' 
_pdbx_audit_revision_details.description         ? 
_pdbx_audit_revision_details.details             ? 
# 
_pdbx_database_status.entry_id                        7GAP 
_pdbx_database_status.status_code                     REL 
_pdbx_database_status.status_code_sf                  REL 
_pdbx_database_status.status_code_mr                  ? 
_pdbx_database_status.status_code_cs                  ? 
_pdbx_database_status.recvd_initial_deposition_date   2023-08-10 
_pdbx_database_status.status_code_nmr_data            ? 
_pdbx_database_status.deposit_site                    RCSB 
_pdbx_database_status.process_site                    RCSB 
_pdbx_database_status.SG_entry                        ? 
_pdbx_database_status.pdb_format_compatible           Y 
_pdbx_database_status.methods_development_category    ? 
# 
_pdbx_contact_author.id                 1 
_pdbx_contact_author.email              knapp@pharmchem.uni-frankfurt.de 
_pdbx_contact_author.name_first         Stefan 
_pdbx_contact_author.name_last          Knapp 
_pdbx_contact_author.role               'principal investigator/group leader' 
_pdbx_contact_author.identifier_ORCID   0000-0001-5995-6494 
_pdbx_contact_author.name_mi            ? 
# 
loop_
_audit_author.name 
_audit_author.pdbx_ordinal 
_audit_author.identifier_ORCID 
'Kumar, A.'                            1 ? 
'Marples, P.G.'                        2 ? 
'Tomlinson, C.W.E.'                    3 ? 
'Fearon, D.'                           4 ? 
'von-Delft, F.'                        5 ? 
'Knapp, S.'                            6 ? 
'Structural Genomics Consortium (SGC)' 7 ? 
# 
_citation.id                        primary 
_citation.title                     'PanDDA analysis group deposition' 
_citation.journal_abbrev            'To Be Published' 
_citation.journal_volume            ? 
_citation.page_first                ? 
_citation.page_last                 ? 
_citation.year                      ? 
_citation.journal_id_ASTM           ? 
_citation.country                   ? 
_citation.journal_id_ISSN           ? 
_citation.journal_id_CSD            0353 
_citation.book_publisher            ? 
_citation.pdbx_database_id_PubMed   ? 
_citation.pdbx_database_id_DOI      ? 
# 
loop_
_citation_author.citation_id 
_citation_author.name 
_citation_author.identifier_ORCID 
_citation_author.ordinal 
primary 'Kumar, A.'                            ? 1 
primary 'Knapp, S.'                            ? 2 
primary 'Structural Genomics Consortium (SGC)' ? 3 
# 
loop_
_entity.id 
_entity.type 
_entity.src_method 
_entity.pdbx_description 
_entity.formula_weight 
_entity.pdbx_number_of_molecules 
_entity.pdbx_ec 
_entity.pdbx_mutation 
_entity.pdbx_fragment 
_entity.details 
1 polymer     man 'Microtubule-associated proteins 1A/1B light chain 3B' 14237.361 1  ? TruncationafterGly120 ? ? 
2 non-polymer syn N-methylquinoxalin-2-amine                             159.188   1  ? ?                     ? ? 
3 non-polymer syn 1,2-ETHANEDIOL                                         62.068    9  ? ?                     ? ? 
4 non-polymer syn 'CHLORIDE ION'                                         35.453    1  ? ?                     ? ? 
5 water       nat water                                                  18.015    92 ? ?                     ? ? 
# 
_entity_name_com.entity_id   1 
_entity_name_com.name        
;Autophagy-related protein LC3 B,Autophagy-related ubiquitin-like modifier LC3 B,MAP1 light chain 3-like protein 2,MAP1A/MAP1B light chain 3 B,MAP1A/MAP1B LC3 B,Microtubule-associated protein 1 light chain 3 beta
;
# 
_entity_poly.entity_id                      1 
_entity_poly.type                           'polypeptide(L)' 
_entity_poly.nstd_linkage                   no 
_entity_poly.nstd_monomer                   no 
_entity_poly.pdbx_seq_one_letter_code       
;SMPSEKTFKQRRTFEQRVEDVRLIREQHPTKIPVIIERYKGEKQLPVLDKTKFLVPDHVNMSELIKIIRRRLQLNANQAF
FLLVNGHSMVSVSTPISEVYESEKDEDGFLYMVYASQETFG
;
_entity_poly.pdbx_seq_one_letter_code_can   
;SMPSEKTFKQRRTFEQRVEDVRLIREQHPTKIPVIIERYKGEKQLPVLDKTKFLVPDHVNMSELIKIIRRRLQLNANQAF
FLLVNGHSMVSVSTPISEVYESEKDEDGFLYMVYASQETFG
;
_entity_poly.pdbx_strand_id                 A 
_entity_poly.pdbx_target_identifier         ? 
# 
loop_
_pdbx_entity_nonpoly.entity_id 
_pdbx_entity_nonpoly.name 
_pdbx_entity_nonpoly.comp_id 
2 N-methylquinoxalin-2-amine KCC 
3 1,2-ETHANEDIOL             EDO 
4 'CHLORIDE ION'             CL  
5 water                      HOH 
# 
loop_
_entity_poly_seq.entity_id 
_entity_poly_seq.num 
_entity_poly_seq.mon_id 
_entity_poly_seq.hetero 
1 1   SER n 
1 2   MET n 
1 3   PRO n 
1 4   SER n 
1 5   GLU n 
1 6   LYS n 
1 7   THR n 
1 8   PHE n 
1 9   LYS n 
1 10  GLN n 
1 11  ARG n 
1 12  ARG n 
1 13  THR n 
1 14  PHE n 
1 15  GLU n 
1 16  GLN n 
1 17  ARG n 
1 18  VAL n 
1 19  GLU n 
1 20  ASP n 
1 21  VAL n 
1 22  ARG n 
1 23  LEU n 
1 24  ILE n 
1 25  ARG n 
1 26  GLU n 
1 27  GLN n 
1 28  HIS n 
1 29  PRO n 
1 30  THR n 
1 31  LYS n 
1 32  ILE n 
1 33  PRO n 
1 34  VAL n 
1 35  ILE n 
1 36  ILE n 
1 37  GLU n 
1 38  ARG n 
1 39  TYR n 
1 40  LYS n 
1 41  GLY n 
1 42  GLU n 
1 43  LYS n 
1 44  GLN n 
1 45  LEU n 
1 46  PRO n 
1 47  VAL n 
1 48  LEU n 
1 49  ASP n 
1 50  LYS n 
1 51  THR n 
1 52  LYS n 
1 53  PHE n 
1 54  LEU n 
1 55  VAL n 
1 56  PRO n 
1 57  ASP n 
1 58  HIS n 
1 59  VAL n 
1 60  ASN n 
1 61  MET n 
1 62  SER n 
1 63  GLU n 
1 64  LEU n 
1 65  ILE n 
1 66  LYS n 
1 67  ILE n 
1 68  ILE n 
1 69  ARG n 
1 70  ARG n 
1 71  ARG n 
1 72  LEU n 
1 73  GLN n 
1 74  LEU n 
1 75  ASN n 
1 76  ALA n 
1 77  ASN n 
1 78  GLN n 
1 79  ALA n 
1 80  PHE n 
1 81  PHE n 
1 82  LEU n 
1 83  LEU n 
1 84  VAL n 
1 85  ASN n 
1 86  GLY n 
1 87  HIS n 
1 88  SER n 
1 89  MET n 
1 90  VAL n 
1 91  SER n 
1 92  VAL n 
1 93  SER n 
1 94  THR n 
1 95  PRO n 
1 96  ILE n 
1 97  SER n 
1 98  GLU n 
1 99  VAL n 
1 100 TYR n 
1 101 GLU n 
1 102 SER n 
1 103 GLU n 
1 104 LYS n 
1 105 ASP n 
1 106 GLU n 
1 107 ASP n 
1 108 GLY n 
1 109 PHE n 
1 110 LEU n 
1 111 TYR n 
1 112 MET n 
1 113 VAL n 
1 114 TYR n 
1 115 ALA n 
1 116 SER n 
1 117 GLN n 
1 118 GLU n 
1 119 THR n 
1 120 PHE n 
1 121 GLY n 
# 
_entity_src_gen.entity_id                          1 
_entity_src_gen.pdbx_src_id                        1 
_entity_src_gen.pdbx_alt_source_flag               sample 
_entity_src_gen.pdbx_seq_type                      'Biological sequence' 
_entity_src_gen.pdbx_beg_seq_num                   1 
_entity_src_gen.pdbx_end_seq_num                   121 
_entity_src_gen.gene_src_common_name               human 
_entity_src_gen.gene_src_genus                     ? 
_entity_src_gen.pdbx_gene_src_gene                 'MAP1LC3B, MAP1ALC3' 
_entity_src_gen.gene_src_species                   ? 
_entity_src_gen.gene_src_strain                    ? 
_entity_src_gen.gene_src_tissue                    ? 
_entity_src_gen.gene_src_tissue_fraction           ? 
_entity_src_gen.gene_src_details                   ? 
_entity_src_gen.pdbx_gene_src_fragment             ? 
_entity_src_gen.pdbx_gene_src_scientific_name      'Homo sapiens' 
_entity_src_gen.pdbx_gene_src_ncbi_taxonomy_id     9606 
_entity_src_gen.pdbx_gene_src_variant              ? 
_entity_src_gen.pdbx_gene_src_cell_line            ? 
_entity_src_gen.pdbx_gene_src_atcc                 ? 
_entity_src_gen.pdbx_gene_src_organ                ? 
_entity_src_gen.pdbx_gene_src_organelle            ? 
_entity_src_gen.pdbx_gene_src_cell                 ? 
_entity_src_gen.pdbx_gene_src_cellular_location    ? 
_entity_src_gen.host_org_common_name               ? 
_entity_src_gen.pdbx_host_org_scientific_name      'Escherichia coli' 
_entity_src_gen.pdbx_host_org_ncbi_taxonomy_id     562 
_entity_src_gen.host_org_genus                     ? 
_entity_src_gen.pdbx_host_org_gene                 ? 
_entity_src_gen.pdbx_host_org_organ                ? 
_entity_src_gen.host_org_species                   ? 
_entity_src_gen.pdbx_host_org_tissue               ? 
_entity_src_gen.pdbx_host_org_tissue_fraction      ? 
_entity_src_gen.pdbx_host_org_strain               ? 
_entity_src_gen.pdbx_host_org_variant              ? 
_entity_src_gen.pdbx_host_org_cell_line            ? 
_entity_src_gen.pdbx_host_org_atcc                 ? 
_entity_src_gen.pdbx_host_org_culture_collection   ? 
_entity_src_gen.pdbx_host_org_cell                 ? 
_entity_src_gen.pdbx_host_org_organelle            ? 
_entity_src_gen.pdbx_host_org_cellular_location    ? 
_entity_src_gen.pdbx_host_org_vector_type          ? 
_entity_src_gen.pdbx_host_org_vector               ? 
_entity_src_gen.host_org_details                   ? 
_entity_src_gen.expression_system_id               ? 
_entity_src_gen.plasmid_name                       ? 
_entity_src_gen.plasmid_details                    ? 
_entity_src_gen.pdbx_description                   ? 
# 
loop_
_chem_comp.id 
_chem_comp.type 
_chem_comp.mon_nstd_flag 
_chem_comp.name 
_chem_comp.pdbx_synonyms 
_chem_comp.formula 
_chem_comp.formula_weight 
ALA 'L-peptide linking' y ALANINE                    ?                 'C3 H7 N O2'     89.093  
ARG 'L-peptide linking' y ARGININE                   ?                 'C6 H15 N4 O2 1' 175.209 
ASN 'L-peptide linking' y ASPARAGINE                 ?                 'C4 H8 N2 O3'    132.118 
ASP 'L-peptide linking' y 'ASPARTIC ACID'            ?                 'C4 H7 N O4'     133.103 
CL  non-polymer         . 'CHLORIDE ION'             ?                 'Cl -1'          35.453  
EDO non-polymer         . 1,2-ETHANEDIOL             'ETHYLENE GLYCOL' 'C2 H6 O2'       62.068  
GLN 'L-peptide linking' y GLUTAMINE                  ?                 'C5 H10 N2 O3'   146.144 
GLU 'L-peptide linking' y 'GLUTAMIC ACID'            ?                 'C5 H9 N O4'     147.129 
GLY 'peptide linking'   y GLYCINE                    ?                 'C2 H5 N O2'     75.067  
HIS 'L-peptide linking' y HISTIDINE                  ?                 'C6 H10 N3 O2 1' 156.162 
HOH non-polymer         . WATER                      ?                 'H2 O'           18.015  
ILE 'L-peptide linking' y ISOLEUCINE                 ?                 'C6 H13 N O2'    131.173 
KCC non-polymer         . N-methylquinoxalin-2-amine ?                 'C9 H9 N3'       159.188 
LEU 'L-peptide linking' y LEUCINE                    ?                 'C6 H13 N O2'    131.173 
LYS 'L-peptide linking' y LYSINE                     ?                 'C6 H15 N2 O2 1' 147.195 
MET 'L-peptide linking' y METHIONINE                 ?                 'C5 H11 N O2 S'  149.211 
PHE 'L-peptide linking' y PHENYLALANINE              ?                 'C9 H11 N O2'    165.189 
PRO 'L-peptide linking' y PROLINE                    ?                 'C5 H9 N O2'     115.130 
SER 'L-peptide linking' y SERINE                     ?                 'C3 H7 N O3'     105.093 
THR 'L-peptide linking' y THREONINE                  ?                 'C4 H9 N O3'     119.119 
TYR 'L-peptide linking' y TYROSINE                   ?                 'C9 H11 N O3'    181.189 
VAL 'L-peptide linking' y VALINE                     ?                 'C5 H11 N O2'    117.146 
# 
loop_
_pdbx_poly_seq_scheme.asym_id 
_pdbx_poly_seq_scheme.entity_id 
_pdbx_poly_seq_scheme.seq_id 
_pdbx_poly_seq_scheme.mon_id 
_pdbx_poly_seq_scheme.ndb_seq_num 
_pdbx_poly_seq_scheme.pdb_seq_num 
_pdbx_poly_seq_scheme.auth_seq_num 
_pdbx_poly_seq_scheme.pdb_mon_id 
_pdbx_poly_seq_scheme.auth_mon_id 
_pdbx_poly_seq_scheme.pdb_strand_id 
_pdbx_poly_seq_scheme.pdb_ins_code 
_pdbx_poly_seq_scheme.hetero 
A 1 1   SER 1   0   ?   ?   ?   A . n 
A 1 2   MET 2   1   ?   ?   ?   A . n 
A 1 3   PRO 3   2   ?   ?   ?   A . n 
A 1 4   SER 4   3   ?   ?   ?   A . n 
A 1 5   GLU 5   4   ?   ?   ?   A . n 
A 1 6   LYS 6   5   5   LYS LYS A . n 
A 1 7   THR 7   6   6   THR THR A . n 
A 1 8   PHE 8   7   7   PHE PHE A . n 
A 1 9   LYS 9   8   8   LYS LYS A . n 
A 1 10  GLN 10  9   9   GLN GLN A . n 
A 1 11  ARG 11  10  10  ARG ARG A . n 
A 1 12  ARG 12  11  11  ARG ARG A . n 
A 1 13  THR 13  12  12  THR THR A . n 
A 1 14  PHE 14  13  13  PHE PHE A . n 
A 1 15  GLU 15  14  14  GLU GLU A . n 
A 1 16  GLN 16  15  15  GLN GLN A . n 
A 1 17  ARG 17  16  16  ARG ARG A . n 
A 1 18  VAL 18  17  17  VAL VAL A . n 
A 1 19  GLU 19  18  18  GLU GLU A . n 
A 1 20  ASP 20  19  19  ASP ASP A . n 
A 1 21  VAL 21  20  20  VAL VAL A . n 
A 1 22  ARG 22  21  21  ARG ARG A . n 
A 1 23  LEU 23  22  22  LEU LEU A . n 
A 1 24  ILE 24  23  23  ILE ILE A . n 
A 1 25  ARG 25  24  24  ARG ARG A . n 
A 1 26  GLU 26  25  25  GLU GLU A . n 
A 1 27  GLN 27  26  26  GLN GLN A . n 
A 1 28  HIS 28  27  27  HIS HIS A . n 
A 1 29  PRO 29  28  28  PRO PRO A . n 
A 1 30  THR 30  29  29  THR THR A . n 
A 1 31  LYS 31  30  30  LYS LYS A . n 
A 1 32  ILE 32  31  31  ILE ILE A . n 
A 1 33  PRO 33  32  32  PRO PRO A . n 
A 1 34  VAL 34  33  33  VAL VAL A . n 
A 1 35  ILE 35  34  34  ILE ILE A . n 
A 1 36  ILE 36  35  35  ILE ILE A . n 
A 1 37  GLU 37  36  36  GLU GLU A . n 
A 1 38  ARG 38  37  37  ARG ARG A . n 
A 1 39  TYR 39  38  38  TYR TYR A . n 
A 1 40  LYS 40  39  39  LYS LYS A . n 
A 1 41  GLY 41  40  40  GLY GLY A . n 
A 1 42  GLU 42  41  41  GLU GLU A . n 
A 1 43  LYS 43  42  42  LYS LYS A . n 
A 1 44  GLN 44  43  43  GLN GLN A . n 
A 1 45  LEU 45  44  44  LEU LEU A . n 
A 1 46  PRO 46  45  45  PRO PRO A . n 
A 1 47  VAL 47  46  46  VAL VAL A . n 
A 1 48  LEU 48  47  47  LEU LEU A . n 
A 1 49  ASP 49  48  48  ASP ASP A . n 
A 1 50  LYS 50  49  49  LYS LYS A . n 
A 1 51  THR 51  50  50  THR THR A . n 
A 1 52  LYS 52  51  51  LYS LYS A . n 
A 1 53  PHE 53  52  52  PHE PHE A . n 
A 1 54  LEU 54  53  53  LEU LEU A . n 
A 1 55  VAL 55  54  54  VAL VAL A . n 
A 1 56  PRO 56  55  55  PRO PRO A . n 
A 1 57  ASP 57  56  56  ASP ASP A . n 
A 1 58  HIS 58  57  57  HIS HIS A . n 
A 1 59  VAL 59  58  58  VAL VAL A . n 
A 1 60  ASN 60  59  59  ASN ASN A . n 
A 1 61  MET 61  60  60  MET MET A . n 
A 1 62  SER 62  61  61  SER SER A . n 
A 1 63  GLU 63  62  62  GLU GLU A . n 
A 1 64  LEU 64  63  63  LEU LEU A . n 
A 1 65  ILE 65  64  64  ILE ILE A . n 
A 1 66  LYS 66  65  65  LYS LYS A . n 
A 1 67  ILE 67  66  66  ILE ILE A . n 
A 1 68  ILE 68  67  67  ILE ILE A . n 
A 1 69  ARG 69  68  68  ARG ARG A . n 
A 1 70  ARG 70  69  69  ARG ARG A . n 
A 1 71  ARG 71  70  70  ARG ARG A . n 
A 1 72  LEU 72  71  71  LEU LEU A . n 
A 1 73  GLN 73  72  72  GLN GLN A . n 
A 1 74  LEU 74  73  73  LEU LEU A . n 
A 1 75  ASN 75  74  74  ASN ASN A . n 
A 1 76  ALA 76  75  75  ALA ALA A . n 
A 1 77  ASN 77  76  76  ASN ASN A . n 
A 1 78  GLN 78  77  77  GLN GLN A . n 
A 1 79  ALA 79  78  78  ALA ALA A . n 
A 1 80  PHE 80  79  79  PHE PHE A . n 
A 1 81  PHE 81  80  80  PHE PHE A . n 
A 1 82  LEU 82  81  81  LEU LEU A . n 
A 1 83  LEU 83  82  82  LEU LEU A . n 
A 1 84  VAL 84  83  83  VAL VAL A . n 
A 1 85  ASN 85  84  84  ASN ASN A . n 
A 1 86  GLY 86  85  85  GLY GLY A . n 
A 1 87  HIS 87  86  86  HIS HIS A . n 
A 1 88  SER 88  87  87  SER SER A . n 
A 1 89  MET 89  88  88  MET MET A . n 
A 1 90  VAL 90  89  89  VAL VAL A . n 
A 1 91  SER 91  90  90  SER SER A . n 
A 1 92  VAL 92  91  91  VAL VAL A . n 
A 1 93  SER 93  92  92  SER SER A . n 
A 1 94  THR 94  93  93  THR THR A . n 
A 1 95  PRO 95  94  94  PRO PRO A . n 
A 1 96  ILE 96  95  95  ILE ILE A . n 
A 1 97  SER 97  96  96  SER SER A . n 
A 1 98  GLU 98  97  97  GLU GLU A . n 
A 1 99  VAL 99  98  98  VAL VAL A . n 
A 1 100 TYR 100 99  99  TYR TYR A . n 
A 1 101 GLU 101 100 100 GLU GLU A . n 
A 1 102 SER 102 101 101 SER SER A . n 
A 1 103 GLU 103 102 102 GLU GLU A . n 
A 1 104 LYS 104 103 103 LYS LYS A . n 
A 1 105 ASP 105 104 104 ASP ASP A . n 
A 1 106 GLU 106 105 105 GLU GLU A . n 
A 1 107 ASP 107 106 106 ASP ASP A . n 
A 1 108 GLY 108 107 107 GLY GLY A . n 
A 1 109 PHE 109 108 108 PHE PHE A . n 
A 1 110 LEU 110 109 109 LEU LEU A . n 
A 1 111 TYR 111 110 110 TYR TYR A . n 
A 1 112 MET 112 111 111 MET MET A . n 
A 1 113 VAL 113 112 112 VAL VAL A . n 
A 1 114 TYR 114 113 113 TYR TYR A . n 
A 1 115 ALA 115 114 114 ALA ALA A . n 
A 1 116 SER 116 115 115 SER SER A . n 
A 1 117 GLN 117 116 116 GLN GLN A . n 
A 1 118 GLU 118 117 117 GLU GLU A . n 
A 1 119 THR 119 118 118 THR THR A . n 
A 1 120 PHE 120 119 119 PHE PHE A . n 
A 1 121 GLY 121 120 ?   ?   ?   A . n 
# 
_pdbx_entity_instance_feature.ordinal        1 
_pdbx_entity_instance_feature.comp_id        KCC 
_pdbx_entity_instance_feature.asym_id        ? 
_pdbx_entity_instance_feature.seq_num        ? 
_pdbx_entity_instance_feature.auth_comp_id   KCC 
_pdbx_entity_instance_feature.auth_asym_id   ? 
_pdbx_entity_instance_feature.auth_seq_num   ? 
_pdbx_entity_instance_feature.feature_type   'SUBJECT OF INVESTIGATION' 
_pdbx_entity_instance_feature.details        ? 
# 
loop_
_pdbx_nonpoly_scheme.asym_id 
_pdbx_nonpoly_scheme.entity_id 
_pdbx_nonpoly_scheme.mon_id 
_pdbx_nonpoly_scheme.ndb_seq_num 
_pdbx_nonpoly_scheme.pdb_seq_num 
_pdbx_nonpoly_scheme.auth_seq_num 
_pdbx_nonpoly_scheme.pdb_mon_id 
_pdbx_nonpoly_scheme.auth_mon_id 
_pdbx_nonpoly_scheme.pdb_strand_id 
_pdbx_nonpoly_scheme.pdb_ins_code 
B 2 KCC 1  201 201 KCC LIG A . 
C 3 EDO 1  202 105 EDO EDO A . 
D 3 EDO 1  203 106 EDO EDO A . 
E 3 EDO 1  204 107 EDO EDO A . 
F 3 EDO 1  205 108 EDO EDO A . 
G 3 EDO 1  206 109 EDO EDO A . 
H 3 EDO 1  207 110 EDO EDO A . 
I 3 EDO 1  208 111 EDO EDO A . 
J 3 EDO 1  209 112 EDO EDO A . 
K 3 EDO 1  210 113 EDO EDO A . 
L 4 CL  1  211 114 CL  CL  A . 
M 5 HOH 1  301 55  HOH HOH A . 
M 5 HOH 2  302 86  HOH HOH A . 
M 5 HOH 3  303 56  HOH HOH A . 
M 5 HOH 4  304 40  HOH HOH A . 
M 5 HOH 5  305 10  HOH HOH A . 
M 5 HOH 6  306 62  HOH HOH A . 
M 5 HOH 7  307 27  HOH HOH A . 
M 5 HOH 8  308 52  HOH HOH A . 
M 5 HOH 9  309 91  HOH HOH A . 
M 5 HOH 10 310 21  HOH HOH A . 
M 5 HOH 11 311 44  HOH HOH A . 
M 5 HOH 12 312 34  HOH HOH A . 
M 5 HOH 13 313 38  HOH HOH A . 
M 5 HOH 14 314 49  HOH HOH A . 
M 5 HOH 15 315 42  HOH HOH A . 
M 5 HOH 16 316 33  HOH HOH A . 
M 5 HOH 17 317 9   HOH HOH A . 
M 5 HOH 18 318 81  HOH HOH A . 
M 5 HOH 19 319 82  HOH HOH A . 
M 5 HOH 20 320 22  HOH HOH A . 
M 5 HOH 21 321 66  HOH HOH A . 
M 5 HOH 22 322 43  HOH HOH A . 
M 5 HOH 23 323 77  HOH HOH A . 
M 5 HOH 24 324 89  HOH HOH A . 
M 5 HOH 25 325 63  HOH HOH A . 
M 5 HOH 26 326 32  HOH HOH A . 
M 5 HOH 27 327 7   HOH HOH A . 
M 5 HOH 28 328 12  HOH HOH A . 
M 5 HOH 29 329 8   HOH HOH A . 
M 5 HOH 30 330 3   HOH HOH A . 
M 5 HOH 31 331 2   HOH HOH A . 
M 5 HOH 32 332 17  HOH HOH A . 
M 5 HOH 33 333 19  HOH HOH A . 
M 5 HOH 34 334 41  HOH HOH A . 
M 5 HOH 35 335 5   HOH HOH A . 
M 5 HOH 36 336 48  HOH HOH A . 
M 5 HOH 37 337 69  HOH HOH A . 
M 5 HOH 38 338 16  HOH HOH A . 
M 5 HOH 39 339 47  HOH HOH A . 
M 5 HOH 40 340 72  HOH HOH A . 
M 5 HOH 41 341 1   HOH HOH A . 
M 5 HOH 42 342 25  HOH HOH A . 
M 5 HOH 43 343 18  HOH HOH A . 
M 5 HOH 44 344 53  HOH HOH A . 
M 5 HOH 45 345 84  HOH HOH A . 
M 5 HOH 46 346 31  HOH HOH A . 
M 5 HOH 47 347 4   HOH HOH A . 
M 5 HOH 48 348 15  HOH HOH A . 
M 5 HOH 49 349 13  HOH HOH A . 
M 5 HOH 50 350 23  HOH HOH A . 
M 5 HOH 51 351 54  HOH HOH A . 
M 5 HOH 52 352 51  HOH HOH A . 
M 5 HOH 53 353 93  HOH HOH A . 
M 5 HOH 54 354 87  HOH HOH A . 
M 5 HOH 55 355 64  HOH HOH A . 
M 5 HOH 56 356 59  HOH HOH A . 
M 5 HOH 57 357 79  HOH HOH A . 
M 5 HOH 58 358 83  HOH HOH A . 
M 5 HOH 59 359 36  HOH HOH A . 
M 5 HOH 60 360 75  HOH HOH A . 
M 5 HOH 61 361 45  HOH HOH A . 
M 5 HOH 62 362 11  HOH HOH A . 
M 5 HOH 63 363 30  HOH HOH A . 
M 5 HOH 64 364 6   HOH HOH A . 
M 5 HOH 65 365 60  HOH HOH A . 
M 5 HOH 66 366 14  HOH HOH A . 
M 5 HOH 67 367 20  HOH HOH A . 
M 5 HOH 68 368 71  HOH HOH A . 
M 5 HOH 69 369 92  HOH HOH A . 
M 5 HOH 70 370 80  HOH HOH A . 
M 5 HOH 71 371 46  HOH HOH A . 
M 5 HOH 72 372 90  HOH HOH A . 
M 5 HOH 73 373 35  HOH HOH A . 
M 5 HOH 74 374 24  HOH HOH A . 
M 5 HOH 75 375 37  HOH HOH A . 
M 5 HOH 76 376 67  HOH HOH A . 
M 5 HOH 77 377 39  HOH HOH A . 
M 5 HOH 78 378 76  HOH HOH A . 
M 5 HOH 79 379 68  HOH HOH A . 
M 5 HOH 80 380 88  HOH HOH A . 
M 5 HOH 81 381 61  HOH HOH A . 
M 5 HOH 82 382 57  HOH HOH A . 
M 5 HOH 83 383 26  HOH HOH A . 
M 5 HOH 84 384 28  HOH HOH A . 
M 5 HOH 85 385 65  HOH HOH A . 
M 5 HOH 86 386 29  HOH HOH A . 
M 5 HOH 87 387 85  HOH HOH A . 
M 5 HOH 88 388 70  HOH HOH A . 
M 5 HOH 89 389 78  HOH HOH A . 
M 5 HOH 90 390 50  HOH HOH A . 
M 5 HOH 91 391 58  HOH HOH A . 
M 5 HOH 92 392 94  HOH HOH A . 
# 
loop_
_pdbx_unobs_or_zero_occ_atoms.id 
_pdbx_unobs_or_zero_occ_atoms.PDB_model_num 
_pdbx_unobs_or_zero_occ_atoms.polymer_flag 
_pdbx_unobs_or_zero_occ_atoms.occupancy_flag 
_pdbx_unobs_or_zero_occ_atoms.auth_asym_id 
_pdbx_unobs_or_zero_occ_atoms.auth_comp_id 
_pdbx_unobs_or_zero_occ_atoms.auth_seq_id 
_pdbx_unobs_or_zero_occ_atoms.PDB_ins_code 
_pdbx_unobs_or_zero_occ_atoms.auth_atom_id 
_pdbx_unobs_or_zero_occ_atoms.label_alt_id 
_pdbx_unobs_or_zero_occ_atoms.label_asym_id 
_pdbx_unobs_or_zero_occ_atoms.label_comp_id 
_pdbx_unobs_or_zero_occ_atoms.label_seq_id 
_pdbx_unobs_or_zero_occ_atoms.label_atom_id 
1 1 Y 1 A GLN 116 ? CG  ? A GLN 117 CG  
2 1 Y 1 A GLN 116 ? CD  ? A GLN 117 CD  
3 1 Y 1 A GLN 116 ? OE1 ? A GLN 117 OE1 
4 1 Y 1 A GLN 116 ? NE2 ? A GLN 117 NE2 
5 1 Y 1 A THR 118 ? OG1 ? A THR 119 OG1 
6 1 Y 1 A THR 118 ? CG2 ? A THR 119 CG2 
# 
loop_
_software.pdbx_ordinal 
_software.name 
_software.version 
_software.date 
_software.type 
_software.contact_author 
_software.contact_author_email 
_software.classification 
_software.location 
_software.language 
_software.citation_id 
1 REFMAC      5.8.0267 ?               program 'Garib N. Murshudov' garib@ysbl.york.ac.uk    refinement        
http://www.ccp4.ac.uk/dist/html/refmac5.html        Fortran_77 ? 
2 Aimless     0.7.7    23/04/21        program 'Phil Evans'         ?                        'data scaling'    
http://www.mrc-lmb.cam.ac.uk/harry/pre/aimless.html ?          ? 
3 PDB_EXTRACT 3.23     'SEP. 23, 2016' package PDB                  deposit@deposit.rcsb.org 'data extraction' 
http://sw-tools.pdb.org/apps/PDB_EXTRACT/           C++        ? 
4 XDS         .        ?               program ?                    ?                        'data reduction'  ? ?          ? 
5 REFMAC      .        ?               program ?                    ?                        phasing           ? ?          ? 
# 
_cell.entry_id           7GAP 
_cell.length_a           61.215 
_cell.length_b           61.215 
_cell.length_c           35.379 
_cell.angle_alpha        90.000 
_cell.angle_beta         90.000 
_cell.angle_gamma        90.000 
_cell.Z_PDB              4 
_cell.pdbx_unique_axis   ? 
# 
_symmetry.entry_id                         7GAP 
_symmetry.space_group_name_H-M             'P 43' 
_symmetry.pdbx_full_space_group_name_H-M   ? 
_symmetry.cell_setting                     ? 
_symmetry.Int_Tables_number                78 
# 
_exptl.crystals_number   1 
_exptl.entry_id          7GAP 
_exptl.method            'X-RAY DIFFRACTION' 
# 
_exptl_crystal.id                    1 
_exptl_crystal.pdbx_mosaicity        0.000 
_exptl_crystal.pdbx_mosaicity_esd    ? 
_exptl_crystal.density_Matthews      2.24 
_exptl_crystal.density_diffrn        ? 
_exptl_crystal.density_meas          ? 
_exptl_crystal.density_meas_temp     ? 
_exptl_crystal.density_percent_sol   45.09 
_exptl_crystal.size_max              ? 
_exptl_crystal.size_mid              ? 
_exptl_crystal.size_min              ? 
_exptl_crystal.size_rad              ? 
_exptl_crystal.description           ? 
# 
_exptl_crystal_grow.crystal_id      1 
_exptl_crystal_grow.method          'VAPOR DIFFUSION, SITTING DROP' 
_exptl_crystal_grow.pH              4.7 
_exptl_crystal_grow.temp            293 
_exptl_crystal_grow.pdbx_details    '36% PEG 8000, 0.1M acetate pH 4.7' 
_exptl_crystal_grow.temp_details    ? 
_exptl_crystal_grow.pdbx_pH_range   ? 
# 
_diffrn.id                     1 
_diffrn.ambient_temp           100 
_diffrn.crystal_id             1 
_diffrn.ambient_temp_details   ? 
# 
_diffrn_detector.detector               PIXEL 
_diffrn_detector.type                   'DECTRIS PILATUS 6M' 
_diffrn_detector.pdbx_collection_date   2023-02-10 
_diffrn_detector.diffrn_id              1 
_diffrn_detector.details                ? 
# 
_diffrn_radiation.diffrn_id                        1 
_diffrn_radiation.wavelength_id                    1 
_diffrn_radiation.pdbx_diffrn_protocol             'SINGLE WAVELENGTH' 
_diffrn_radiation.pdbx_monochromatic_or_laue_m_l   ? 
_diffrn_radiation.monochromator                    ? 
_diffrn_radiation.pdbx_scattering_type             x-ray 
# 
_diffrn_radiation_wavelength.id           1 
_diffrn_radiation_wavelength.wavelength   0.92124 
_diffrn_radiation_wavelength.wt           1.0 
# 
_diffrn_source.diffrn_id                   1 
_diffrn_source.source                      SYNCHROTRON 
_diffrn_source.type                        'DIAMOND BEAMLINE I04-1' 
_diffrn_source.pdbx_wavelength_list        0.92124 
_diffrn_source.pdbx_synchrotron_site       Diamond 
_diffrn_source.pdbx_synchrotron_beamline   I04-1 
_diffrn_source.pdbx_wavelength             ? 
# 
_reflns.entry_id                     7GAP 
_reflns.pdbx_diffrn_id               1 
_reflns.pdbx_ordinal                 1 
_reflns.observed_criterion_sigma_I   ? 
_reflns.observed_criterion_sigma_F   ? 
_reflns.d_resolution_low             30.630 
_reflns.d_resolution_high            1.680 
_reflns.number_obs                   15116 
_reflns.number_all                   ? 
_reflns.percent_possible_obs         99.600 
_reflns.pdbx_Rmerge_I_obs            0.153 
_reflns.pdbx_Rsym_value              ? 
_reflns.pdbx_netI_over_sigmaI        9.900 
_reflns.B_iso_Wilson_estimate        ? 
_reflns.pdbx_redundancy              13.700 
_reflns.pdbx_Rrim_I_all              0.159 
_reflns.pdbx_Rpim_I_all              0.043 
_reflns.pdbx_CC_half                 0.977 
_reflns.pdbx_netI_over_av_sigmaI     ? 
_reflns.pdbx_number_measured_all     207746 
_reflns.pdbx_scaling_rejects         0 
_reflns.pdbx_chi_squared             ? 
_reflns.Rmerge_F_all                 ? 
_reflns.Rmerge_F_obs                 ? 
_reflns.observed_criterion_F_max     ? 
_reflns.observed_criterion_F_min     ? 
_reflns.observed_criterion_I_max     ? 
_reflns.observed_criterion_I_min     ? 
_reflns.pdbx_d_res_high_opt          ? 
_reflns.pdbx_d_res_low_opt           ? 
_reflns.details                      ? 
_reflns.pdbx_CC_star                 ? 
# 
loop_
_reflns_shell.pdbx_diffrn_id 
_reflns_shell.pdbx_ordinal 
_reflns_shell.d_res_high 
_reflns_shell.d_res_low 
_reflns_shell.number_measured_obs 
_reflns_shell.number_measured_all 
_reflns_shell.number_unique_obs 
_reflns_shell.pdbx_rejects 
_reflns_shell.Rmerge_I_obs 
_reflns_shell.meanI_over_sigI_obs 
_reflns_shell.pdbx_Rsym_value 
_reflns_shell.pdbx_chi_squared 
_reflns_shell.pdbx_redundancy 
_reflns_shell.percent_possible_obs 
_reflns_shell.pdbx_netI_over_sigmaI_obs 
_reflns_shell.number_possible 
_reflns_shell.number_unique_all 
_reflns_shell.Rmerge_F_all 
_reflns_shell.Rmerge_F_obs 
_reflns_shell.Rmerge_I_all 
_reflns_shell.meanI_over_sigI_all 
_reflns_shell.percent_possible_all 
_reflns_shell.pdbx_Rrim_I_all 
_reflns_shell.pdbx_Rpim_I_all 
_reflns_shell.pdbx_CC_half 
_reflns_shell.pdbx_CC_star 
1 1 1.680 1.710  ? 10646 760 ? 5.552 ? ? ? 14.000 ? 0.300  ? ? ? ? ? ? 98.800 5.761 1.530 0.327 ? 
1 2 9.050 30.630 ? 1198  110 ? 0.118 ? ? ? 10.900 ? 47.900 ? ? ? ? ? ? 98.600 0.123 0.036 0.998 ? 
# 
_refine.entry_id                                 7GAP 
_refine.pdbx_refine_id                           'X-RAY DIFFRACTION' 
_refine.ls_d_res_high                            1.6800 
_refine.ls_d_res_low                             30.6500 
_refine.pdbx_ls_sigma_F                          0.000 
_refine.pdbx_data_cutoff_high_absF               ? 
_refine.pdbx_data_cutoff_low_absF                ? 
_refine.ls_percent_reflns_obs                    99.0300 
_refine.ls_number_reflns_obs                     14358 
_refine.ls_number_reflns_all                     ? 
_refine.pdbx_ls_cross_valid_method               THROUGHOUT 
_refine.ls_matrix_type                           ? 
_refine.pdbx_R_Free_selection_details            RANDOM 
_refine.details                                  
'HYDROGENS HAVE BEEN ADDED IN THE RIDING POSITIONS U VALUES      : REFINED INDIVIDUALLY' 
_refine.ls_R_factor_all                          ? 
_refine.ls_R_factor_obs                          0.2045 
_refine.ls_R_factor_R_work                       0.2028 
_refine.ls_wR_factor_R_work                      ? 
_refine.ls_R_factor_R_free                       0.2436 
_refine.ls_wR_factor_R_free                      ? 
_refine.ls_percent_reflns_R_free                 4.5000 
_refine.ls_number_reflns_R_free                  674 
_refine.ls_number_reflns_R_work                  ? 
_refine.ls_R_factor_R_free_error                 ? 
_refine.B_iso_mean                               35.0280 
_refine.solvent_model_param_bsol                 ? 
_refine.solvent_model_param_ksol                 ? 
_refine.pdbx_isotropic_thermal_model             ? 
_refine.aniso_B[1][1]                            -0.4800 
_refine.aniso_B[2][2]                            -0.4800 
_refine.aniso_B[3][3]                            0.9700 
_refine.aniso_B[1][2]                            0.0000 
_refine.aniso_B[1][3]                            -0.0000 
_refine.aniso_B[2][3]                            -0.0000 
_refine.correlation_coeff_Fo_to_Fc               0.9550 
_refine.correlation_coeff_Fo_to_Fc_free          0.9500 
_refine.overall_SU_R_Cruickshank_DPI             ? 
_refine.pdbx_overall_SU_R_free_Cruickshank_DPI   ? 
_refine.pdbx_overall_SU_R_Blow_DPI               ? 
_refine.pdbx_overall_SU_R_free_Blow_DPI          ? 
_refine.overall_SU_R_free                        ? 
_refine.pdbx_overall_ESU_R                       0.1290 
_refine.pdbx_overall_ESU_R_Free                  0.1240 
_refine.overall_SU_ML                            0.1400 
_refine.overall_SU_B                             4.6640 
_refine.solvent_model_details                    MASK 
_refine.pdbx_solvent_vdw_probe_radii             1.2000 
_refine.pdbx_solvent_ion_probe_radii             0.8000 
_refine.pdbx_solvent_shrinkage_radii             0.8000 
_refine.ls_number_parameters                     ? 
_refine.ls_number_restraints                     ? 
_refine.pdbx_starting_model                      8Q53 
_refine.pdbx_method_to_determine_struct          'FOURIER SYNTHESIS' 
_refine.pdbx_stereochemistry_target_values       'MAXIMUM LIKELIHOOD' 
_refine.pdbx_stereochem_target_val_spec_case     ? 
_refine.overall_FOM_work_R_set                   ? 
_refine.B_iso_max                                142.930 
_refine.B_iso_min                                20.700 
_refine.pdbx_overall_phase_error                 ? 
_refine.occupancy_max                            ? 
_refine.occupancy_min                            ? 
_refine.pdbx_diffrn_id                           1 
_refine.pdbx_TLS_residual_ADP_flag               ? 
_refine.pdbx_ls_sigma_I                          ? 
_refine.pdbx_data_cutoff_high_rms_absF           ? 
_refine.ls_R_factor_R_free_error_details         ? 
# 
_refine_hist.cycle_id                         final 
_refine_hist.pdbx_refine_id                   'X-RAY DIFFRACTION' 
_refine_hist.d_res_high                       1.6800 
_refine_hist.d_res_low                        30.6500 
_refine_hist.pdbx_number_atoms_ligand         49 
_refine_hist.number_atoms_solvent             92 
_refine_hist.number_atoms_total               1095 
_refine_hist.pdbx_number_residues_total       113 
_refine_hist.pdbx_B_iso_mean_ligand           59.75 
_refine_hist.pdbx_B_iso_mean_solvent          47.82 
_refine_hist.pdbx_number_atoms_protein        954 
_refine_hist.pdbx_number_atoms_nucleic_acid   0 
# 
loop_
_refine_ls_restr.pdbx_refine_id 
_refine_ls_restr.type 
_refine_ls_restr.number 
_refine_ls_restr.dev_ideal 
_refine_ls_restr.dev_ideal_target 
_refine_ls_restr.weight 
_refine_ls_restr.pdbx_restraint_function 
'X-RAY DIFFRACTION' r_bond_refined_d       1340 0.008  0.014  ? ? 
'X-RAY DIFFRACTION' r_bond_other_d         1205 0.001  0.014  ? ? 
'X-RAY DIFFRACTION' r_angle_refined_deg    1648 1.494  1.667  ? ? 
'X-RAY DIFFRACTION' r_angle_other_deg      2753 1.261  1.583  ? ? 
'X-RAY DIFFRACTION' r_dihedral_angle_1_deg 156  6.020  5.000  ? ? 
'X-RAY DIFFRACTION' r_dihedral_angle_2_deg 70   27.180 19.429 ? ? 
'X-RAY DIFFRACTION' r_dihedral_angle_3_deg 224  13.830 15.000 ? ? 
'X-RAY DIFFRACTION' r_dihedral_angle_4_deg 15   23.692 15.000 ? ? 
'X-RAY DIFFRACTION' r_chiral_restr         152  0.079  0.200  ? ? 
'X-RAY DIFFRACTION' r_gen_planes_refined   1423 0.006  0.020  ? ? 
'X-RAY DIFFRACTION' r_gen_planes_other     315  0.001  0.020  ? ? 
'X-RAY DIFFRACTION' r_mcbond_it            622  2.546  3.260  ? ? 
'X-RAY DIFFRACTION' r_mcbond_other         619  2.548  3.253  ? ? 
'X-RAY DIFFRACTION' r_mcangle_it           740  3.706  4.886  ? ? 
# 
_refine_ls_shell.d_res_high                       1.6800 
_refine_ls_shell.d_res_low                        1.7230 
_refine_ls_shell.pdbx_total_number_of_bins_used   20 
_refine_ls_shell.percent_reflns_obs               91.9700 
_refine_ls_shell.number_reflns_R_work             986 
_refine_ls_shell.R_factor_all                     ? 
_refine_ls_shell.R_factor_R_work                  0.3970 
_refine_ls_shell.R_factor_R_free                  0.4660 
_refine_ls_shell.percent_reflns_R_free            ? 
_refine_ls_shell.number_reflns_R_free             45 
_refine_ls_shell.R_factor_R_free_error            ? 
_refine_ls_shell.number_reflns_all                1031 
_refine_ls_shell.number_reflns_obs                ? 
_refine_ls_shell.pdbx_refine_id                   'X-RAY DIFFRACTION' 
_refine_ls_shell.R_factor_obs                     ? 
# 
_struct.entry_id                  7GAP 
_struct.title                     'PanDDA analysis group deposition -- Crystal Structure of MAP1LC3B in complex with Z728939702' 
_struct.pdbx_model_details        ? 
_struct.pdbx_CASP_flag            ? 
_struct.pdbx_model_type_details   ? 
# 
_struct_keywords.entry_id        7GAP 
_struct_keywords.text            'SGC - Diamond I04-1 fragment screening, PanDDA, XChemExplorer, STRUCTURAL PROTEIN' 
_struct_keywords.pdbx_keywords   'STRUCTURAL PROTEIN' 
# 
loop_
_struct_asym.id 
_struct_asym.pdbx_blank_PDB_chainid_flag 
_struct_asym.pdbx_modified 
_struct_asym.entity_id 
_struct_asym.details 
A N N 1 ? 
B N N 2 ? 
C N N 3 ? 
D N N 3 ? 
E N N 3 ? 
F N N 3 ? 
G N N 3 ? 
H N N 3 ? 
I N N 3 ? 
J N N 3 ? 
K N N 3 ? 
L N N 4 ? 
M N N 5 ? 
# 
_struct_ref.id                         1 
_struct_ref.db_name                    UNP 
_struct_ref.db_code                    MLP3B_HUMAN 
_struct_ref.pdbx_db_accession          Q9GZQ8 
_struct_ref.pdbx_db_isoform            ? 
_struct_ref.entity_id                  1 
_struct_ref.pdbx_seq_one_letter_code   
;MPSEKTFKQRRTFEQRVEDVRLIREQHPTKIPVIIERYKGEKQLPVLDKTKFLVPDHVNMSELIKIIRRRLQLNANQAFF
LLVNGHSMVSVSTPISEVYESEKDEDGFLYMVYASQETFG
;
_struct_ref.pdbx_align_begin           1 
# 
_struct_ref_seq.align_id                      1 
_struct_ref_seq.ref_id                        1 
_struct_ref_seq.pdbx_PDB_id_code              7GAP 
_struct_ref_seq.pdbx_strand_id                A 
_struct_ref_seq.seq_align_beg                 2 
_struct_ref_seq.pdbx_seq_align_beg_ins_code   ? 
_struct_ref_seq.seq_align_end                 121 
_struct_ref_seq.pdbx_seq_align_end_ins_code   ? 
_struct_ref_seq.pdbx_db_accession             Q9GZQ8 
_struct_ref_seq.db_align_beg                  1 
_struct_ref_seq.pdbx_db_align_beg_ins_code    ? 
_struct_ref_seq.db_align_end                  120 
_struct_ref_seq.pdbx_db_align_end_ins_code    ? 
_struct_ref_seq.pdbx_auth_seq_align_beg       1 
_struct_ref_seq.pdbx_auth_seq_align_end       120 
# 
_struct_ref_seq_dif.align_id                     1 
_struct_ref_seq_dif.pdbx_pdb_id_code             7GAP 
_struct_ref_seq_dif.mon_id                       SER 
_struct_ref_seq_dif.pdbx_pdb_strand_id           A 
_struct_ref_seq_dif.seq_num                      1 
_struct_ref_seq_dif.pdbx_pdb_ins_code            ? 
_struct_ref_seq_dif.pdbx_seq_db_name             UNP 
_struct_ref_seq_dif.pdbx_seq_db_accession_code   Q9GZQ8 
_struct_ref_seq_dif.db_mon_id                    ? 
_struct_ref_seq_dif.pdbx_seq_db_seq_num          ? 
_struct_ref_seq_dif.details                      'expression tag' 
_struct_ref_seq_dif.pdbx_auth_seq_num            0 
_struct_ref_seq_dif.pdbx_ordinal                 1 
# 
_pdbx_struct_assembly.id                   1 
_pdbx_struct_assembly.details              author_and_software_defined_assembly 
_pdbx_struct_assembly.method_details       PISA 
_pdbx_struct_assembly.oligomeric_details   monomeric 
_pdbx_struct_assembly.oligomeric_count     1 
# 
_pdbx_struct_assembly_gen.assembly_id       1 
_pdbx_struct_assembly_gen.oper_expression   1 
_pdbx_struct_assembly_gen.asym_id_list      A,B,C,D,E,F,G,H,I,J,K,L,M 
# 
_pdbx_struct_oper_list.id                   1 
_pdbx_struct_oper_list.type                 'identity operation' 
_pdbx_struct_oper_list.name                 1_555 
_pdbx_struct_oper_list.symmetry_operation   x,y,z 
_pdbx_struct_oper_list.matrix[1][1]         1.0000000000 
_pdbx_struct_oper_list.matrix[1][2]         0.0000000000 
_pdbx_struct_oper_list.matrix[1][3]         0.0000000000 
_pdbx_struct_oper_list.vector[1]            0.0000000000 
_pdbx_struct_oper_list.matrix[2][1]         0.0000000000 
_pdbx_struct_oper_list.matrix[2][2]         1.0000000000 
_pdbx_struct_oper_list.matrix[2][3]         0.0000000000 
_pdbx_struct_oper_list.vector[2]            0.0000000000 
_pdbx_struct_oper_list.matrix[3][1]         0.0000000000 
_pdbx_struct_oper_list.matrix[3][2]         0.0000000000 
_pdbx_struct_oper_list.matrix[3][3]         1.0000000000 
_pdbx_struct_oper_list.vector[3]            0.0000000000 
# 
loop_
_struct_conf.conf_type_id 
_struct_conf.id 
_struct_conf.pdbx_PDB_helix_id 
_struct_conf.beg_label_comp_id 
_struct_conf.beg_label_asym_id 
_struct_conf.beg_label_seq_id 
_struct_conf.pdbx_beg_PDB_ins_code 
_struct_conf.end_label_comp_id 
_struct_conf.end_label_asym_id 
_struct_conf.end_label_seq_id 
_struct_conf.pdbx_end_PDB_ins_code 
_struct_conf.beg_auth_comp_id 
_struct_conf.beg_auth_asym_id 
_struct_conf.beg_auth_seq_id 
_struct_conf.end_auth_comp_id 
_struct_conf.end_auth_asym_id 
_struct_conf.end_auth_seq_id 
_struct_conf.pdbx_PDB_helix_class 
_struct_conf.details 
_struct_conf.pdbx_PDB_helix_length 
HELX_P HELX_P1 AA1 THR A 7  ? ARG A 12  ? THR A 6  ARG A 11  1 ? 6  
HELX_P HELX_P2 AA2 THR A 13 ? HIS A 28  ? THR A 12 HIS A 27  1 ? 16 
HELX_P HELX_P3 AA3 ASN A 60 ? GLN A 73  ? ASN A 59 GLN A 72  1 ? 14 
HELX_P HELX_P4 AA4 PRO A 95 ? LYS A 104 ? PRO A 94 LYS A 103 1 ? 10 
# 
_struct_conf_type.id          HELX_P 
_struct_conf_type.criteria    ? 
_struct_conf_type.reference   ? 
# 
_struct_sheet.id               AA1 
_struct_sheet.type             ? 
_struct_sheet.number_strands   5 
_struct_sheet.details          ? 
# 
loop_
_struct_sheet_order.sheet_id 
_struct_sheet_order.range_id_1 
_struct_sheet_order.range_id_2 
_struct_sheet_order.offset 
_struct_sheet_order.sense 
AA1 1 2 ? anti-parallel 
AA1 2 3 ? parallel      
AA1 3 4 ? anti-parallel 
AA1 4 5 ? anti-parallel 
# 
loop_
_struct_sheet_range.sheet_id 
_struct_sheet_range.id 
_struct_sheet_range.beg_label_comp_id 
_struct_sheet_range.beg_label_asym_id 
_struct_sheet_range.beg_label_seq_id 
_struct_sheet_range.pdbx_beg_PDB_ins_code 
_struct_sheet_range.end_label_comp_id 
_struct_sheet_range.end_label_asym_id 
_struct_sheet_range.end_label_seq_id 
_struct_sheet_range.pdbx_end_PDB_ins_code 
_struct_sheet_range.beg_auth_comp_id 
_struct_sheet_range.beg_auth_asym_id 
_struct_sheet_range.beg_auth_seq_id 
_struct_sheet_range.end_auth_comp_id 
_struct_sheet_range.end_auth_asym_id 
_struct_sheet_range.end_auth_seq_id 
AA1 1 LYS A 52  ? PRO A 56  ? LYS A 51  PRO A 55  
AA1 2 LYS A 31  ? ARG A 38  ? LYS A 30  ARG A 37  
AA1 3 LEU A 110 ? ALA A 115 ? LEU A 109 ALA A 114 
AA1 4 PHE A 81  ? VAL A 84  ? PHE A 80  VAL A 83  
AA1 5 HIS A 87  ? SER A 88  ? HIS A 86  SER A 87  
# 
loop_
_pdbx_struct_sheet_hbond.sheet_id 
_pdbx_struct_sheet_hbond.range_id_1 
_pdbx_struct_sheet_hbond.range_id_2 
_pdbx_struct_sheet_hbond.range_1_label_atom_id 
_pdbx_struct_sheet_hbond.range_1_label_comp_id 
_pdbx_struct_sheet_hbond.range_1_label_asym_id 
_pdbx_struct_sheet_hbond.range_1_label_seq_id 
_pdbx_struct_sheet_hbond.range_1_PDB_ins_code 
_pdbx_struct_sheet_hbond.range_1_auth_atom_id 
_pdbx_struct_sheet_hbond.range_1_auth_comp_id 
_pdbx_struct_sheet_hbond.range_1_auth_asym_id 
_pdbx_struct_sheet_hbond.range_1_auth_seq_id 
_pdbx_struct_sheet_hbond.range_2_label_atom_id 
_pdbx_struct_sheet_hbond.range_2_label_comp_id 
_pdbx_struct_sheet_hbond.range_2_label_asym_id 
_pdbx_struct_sheet_hbond.range_2_label_seq_id 
_pdbx_struct_sheet_hbond.range_2_PDB_ins_code 
_pdbx_struct_sheet_hbond.range_2_auth_atom_id 
_pdbx_struct_sheet_hbond.range_2_auth_comp_id 
_pdbx_struct_sheet_hbond.range_2_auth_asym_id 
_pdbx_struct_sheet_hbond.range_2_auth_seq_id 
AA1 1 2 O VAL A 55  ? O VAL A 54  N ILE A 32  ? N ILE A 31  
AA1 2 3 N ILE A 35  ? N ILE A 34  O LEU A 110 ? O LEU A 109 
AA1 3 4 O VAL A 113 ? O VAL A 112 N LEU A 83  ? N LEU A 82  
AA1 4 5 N VAL A 84  ? N VAL A 83  O HIS A 87  ? O HIS A 86  
# 
_pdbx_entry_details.entry_id                   7GAP 
_pdbx_entry_details.compound_details           ? 
_pdbx_entry_details.source_details             ? 
_pdbx_entry_details.nonpolymer_details         ? 
_pdbx_entry_details.sequence_details           ? 
_pdbx_entry_details.has_ligand_of_interest     Y 
_pdbx_entry_details.has_protein_modification   ? 
# 
loop_
_pdbx_validate_close_contact.id 
_pdbx_validate_close_contact.PDB_model_num 
_pdbx_validate_close_contact.auth_atom_id_1 
_pdbx_validate_close_contact.auth_asym_id_1 
_pdbx_validate_close_contact.auth_comp_id_1 
_pdbx_validate_close_contact.auth_seq_id_1 
_pdbx_validate_close_contact.PDB_ins_code_1 
_pdbx_validate_close_contact.label_alt_id_1 
_pdbx_validate_close_contact.auth_atom_id_2 
_pdbx_validate_close_contact.auth_asym_id_2 
_pdbx_validate_close_contact.auth_comp_id_2 
_pdbx_validate_close_contact.auth_seq_id_2 
_pdbx_validate_close_contact.PDB_ins_code_2 
_pdbx_validate_close_contact.label_alt_id_2 
_pdbx_validate_close_contact.dist 
1 1 O   A HOH 342 ? ? O A HOH 351 ? ? 1.91 
2 1 O   A HOH 344 ? ? O A HOH 381 ? ? 1.98 
3 1 O   A ASP 56  ? ? O A HOH 301 ? ? 2.05 
4 1 NH2 A ARG 10  ? B O A HOH 302 ? ? 2.10 
5 1 O   A HOH 308 ? ? O A HOH 382 ? ? 2.16 
# 
_phasing.method   MR 
# 
loop_
_pdbx_unobs_or_zero_occ_residues.id 
_pdbx_unobs_or_zero_occ_residues.PDB_model_num 
_pdbx_unobs_or_zero_occ_residues.polymer_flag 
_pdbx_unobs_or_zero_occ_residues.occupancy_flag 
_pdbx_unobs_or_zero_occ_residues.auth_asym_id 
_pdbx_unobs_or_zero_occ_residues.auth_comp_id 
_pdbx_unobs_or_zero_occ_residues.auth_seq_id 
_pdbx_unobs_or_zero_occ_residues.PDB_ins_code 
_pdbx_unobs_or_zero_occ_residues.label_asym_id 
_pdbx_unobs_or_zero_occ_residues.label_comp_id 
_pdbx_unobs_or_zero_occ_residues.label_seq_id 
1 1 Y 1 A SER 0   ? A SER 1   
2 1 Y 1 A MET 1   ? A MET 2   
3 1 Y 1 A PRO 2   ? A PRO 3   
4 1 Y 1 A SER 3   ? A SER 4   
5 1 Y 1 A GLU 4   ? A GLU 5   
6 1 Y 1 A GLY 120 ? A GLY 121 
# 
loop_
_chem_comp_atom.comp_id 
_chem_comp_atom.atom_id 
_chem_comp_atom.type_symbol 
_chem_comp_atom.pdbx_aromatic_flag 
_chem_comp_atom.pdbx_stereo_config 
_chem_comp_atom.pdbx_ordinal 
ALA N    N  N N 1   
ALA CA   C  N S 2   
ALA C    C  N N 3   
ALA O    O  N N 4   
ALA CB   C  N N 5   
ALA OXT  O  N N 6   
ALA H    H  N N 7   
ALA H2   H  N N 8   
ALA HA   H  N N 9   
ALA HB1  H  N N 10  
ALA HB2  H  N N 11  
ALA HB3  H  N N 12  
ALA HXT  H  N N 13  
ARG N    N  N N 14  
ARG CA   C  N S 15  
ARG C    C  N N 16  
ARG O    O  N N 17  
ARG CB   C  N N 18  
ARG CG   C  N N 19  
ARG CD   C  N N 20  
ARG NE   N  N N 21  
ARG CZ   C  N N 22  
ARG NH1  N  N N 23  
ARG NH2  N  N N 24  
ARG OXT  O  N N 25  
ARG H    H  N N 26  
ARG H2   H  N N 27  
ARG HA   H  N N 28  
ARG HB2  H  N N 29  
ARG HB3  H  N N 30  
ARG HG2  H  N N 31  
ARG HG3  H  N N 32  
ARG HD2  H  N N 33  
ARG HD3  H  N N 34  
ARG HE   H  N N 35  
ARG HH11 H  N N 36  
ARG HH12 H  N N 37  
ARG HH21 H  N N 38  
ARG HH22 H  N N 39  
ARG HXT  H  N N 40  
ASN N    N  N N 41  
ASN CA   C  N S 42  
ASN C    C  N N 43  
ASN O    O  N N 44  
ASN CB   C  N N 45  
ASN CG   C  N N 46  
ASN OD1  O  N N 47  
ASN ND2  N  N N 48  
ASN OXT  O  N N 49  
ASN H    H  N N 50  
ASN H2   H  N N 51  
ASN HA   H  N N 52  
ASN HB2  H  N N 53  
ASN HB3  H  N N 54  
ASN HD21 H  N N 55  
ASN HD22 H  N N 56  
ASN HXT  H  N N 57  
ASP N    N  N N 58  
ASP CA   C  N S 59  
ASP C    C  N N 60  
ASP O    O  N N 61  
ASP CB   C  N N 62  
ASP CG   C  N N 63  
ASP OD1  O  N N 64  
ASP OD2  O  N N 65  
ASP OXT  O  N N 66  
ASP H    H  N N 67  
ASP H2   H  N N 68  
ASP HA   H  N N 69  
ASP HB2  H  N N 70  
ASP HB3  H  N N 71  
ASP HD2  H  N N 72  
ASP HXT  H  N N 73  
CL  CL   CL N N 74  
EDO C1   C  N N 75  
EDO O1   O  N N 76  
EDO C2   C  N N 77  
EDO O2   O  N N 78  
EDO H11  H  N N 79  
EDO H12  H  N N 80  
EDO HO1  H  N N 81  
EDO H21  H  N N 82  
EDO H22  H  N N 83  
EDO HO2  H  N N 84  
GLN N    N  N N 85  
GLN CA   C  N S 86  
GLN C    C  N N 87  
GLN O    O  N N 88  
GLN CB   C  N N 89  
GLN CG   C  N N 90  
GLN CD   C  N N 91  
GLN OE1  O  N N 92  
GLN NE2  N  N N 93  
GLN OXT  O  N N 94  
GLN H    H  N N 95  
GLN H2   H  N N 96  
GLN HA   H  N N 97  
GLN HB2  H  N N 98  
GLN HB3  H  N N 99  
GLN HG2  H  N N 100 
GLN HG3  H  N N 101 
GLN HE21 H  N N 102 
GLN HE22 H  N N 103 
GLN HXT  H  N N 104 
GLU N    N  N N 105 
GLU CA   C  N S 106 
GLU C    C  N N 107 
GLU O    O  N N 108 
GLU CB   C  N N 109 
GLU CG   C  N N 110 
GLU CD   C  N N 111 
GLU OE1  O  N N 112 
GLU OE2  O  N N 113 
GLU OXT  O  N N 114 
GLU H    H  N N 115 
GLU H2   H  N N 116 
GLU HA   H  N N 117 
GLU HB2  H  N N 118 
GLU HB3  H  N N 119 
GLU HG2  H  N N 120 
GLU HG3  H  N N 121 
GLU HE2  H  N N 122 
GLU HXT  H  N N 123 
GLY N    N  N N 124 
GLY CA   C  N N 125 
GLY C    C  N N 126 
GLY O    O  N N 127 
GLY OXT  O  N N 128 
GLY H    H  N N 129 
GLY H2   H  N N 130 
GLY HA2  H  N N 131 
GLY HA3  H  N N 132 
GLY HXT  H  N N 133 
HIS N    N  N N 134 
HIS CA   C  N S 135 
HIS C    C  N N 136 
HIS O    O  N N 137 
HIS CB   C  N N 138 
HIS CG   C  Y N 139 
HIS ND1  N  Y N 140 
HIS CD2  C  Y N 141 
HIS CE1  C  Y N 142 
HIS NE2  N  Y N 143 
HIS OXT  O  N N 144 
HIS H    H  N N 145 
HIS H2   H  N N 146 
HIS HA   H  N N 147 
HIS HB2  H  N N 148 
HIS HB3  H  N N 149 
HIS HD1  H  N N 150 
HIS HD2  H  N N 151 
HIS HE1  H  N N 152 
HIS HE2  H  N N 153 
HIS HXT  H  N N 154 
HOH O    O  N N 155 
HOH H1   H  N N 156 
HOH H2   H  N N 157 
ILE N    N  N N 158 
ILE CA   C  N S 159 
ILE C    C  N N 160 
ILE O    O  N N 161 
ILE CB   C  N S 162 
ILE CG1  C  N N 163 
ILE CG2  C  N N 164 
ILE CD1  C  N N 165 
ILE OXT  O  N N 166 
ILE H    H  N N 167 
ILE H2   H  N N 168 
ILE HA   H  N N 169 
ILE HB   H  N N 170 
ILE HG12 H  N N 171 
ILE HG13 H  N N 172 
ILE HG21 H  N N 173 
ILE HG22 H  N N 174 
ILE HG23 H  N N 175 
ILE HD11 H  N N 176 
ILE HD12 H  N N 177 
ILE HD13 H  N N 178 
ILE HXT  H  N N 179 
KCC N1   N  N N 180 
KCC N3   N  Y N 181 
KCC C4   C  Y N 182 
KCC C5   C  Y N 183 
KCC C6   C  Y N 184 
KCC C7   C  Y N 185 
KCC C8   C  Y N 186 
KCC C1   C  N N 187 
KCC C2   C  Y N 188 
KCC C3   C  Y N 189 
KCC C9   C  Y N 190 
KCC N2   N  Y N 191 
KCC H4   H  N N 192 
KCC H6   H  N N 193 
KCC H7   H  N N 194 
KCC H8   H  N N 195 
KCC H9   H  N N 196 
KCC H1   H  N N 197 
KCC H3   H  N N 198 
KCC H2   H  N N 199 
KCC H5   H  N N 200 
LEU N    N  N N 201 
LEU CA   C  N S 202 
LEU C    C  N N 203 
LEU O    O  N N 204 
LEU CB   C  N N 205 
LEU CG   C  N N 206 
LEU CD1  C  N N 207 
LEU CD2  C  N N 208 
LEU OXT  O  N N 209 
LEU H    H  N N 210 
LEU H2   H  N N 211 
LEU HA   H  N N 212 
LEU HB2  H  N N 213 
LEU HB3  H  N N 214 
LEU HG   H  N N 215 
LEU HD11 H  N N 216 
LEU HD12 H  N N 217 
LEU HD13 H  N N 218 
LEU HD21 H  N N 219 
LEU HD22 H  N N 220 
LEU HD23 H  N N 221 
LEU HXT  H  N N 222 
LYS N    N  N N 223 
LYS CA   C  N S 224 
LYS C    C  N N 225 
LYS O    O  N N 226 
LYS CB   C  N N 227 
LYS CG   C  N N 228 
LYS CD   C  N N 229 
LYS CE   C  N N 230 
LYS NZ   N  N N 231 
LYS OXT  O  N N 232 
LYS H    H  N N 233 
LYS H2   H  N N 234 
LYS HA   H  N N 235 
LYS HB2  H  N N 236 
LYS HB3  H  N N 237 
LYS HG2  H  N N 238 
LYS HG3  H  N N 239 
LYS HD2  H  N N 240 
LYS HD3  H  N N 241 
LYS HE2  H  N N 242 
LYS HE3  H  N N 243 
LYS HZ1  H  N N 244 
LYS HZ2  H  N N 245 
LYS HZ3  H  N N 246 
LYS HXT  H  N N 247 
MET N    N  N N 248 
MET CA   C  N S 249 
MET C    C  N N 250 
MET O    O  N N 251 
MET CB   C  N N 252 
MET CG   C  N N 253 
MET SD   S  N N 254 
MET CE   C  N N 255 
MET OXT  O  N N 256 
MET H    H  N N 257 
MET H2   H  N N 258 
MET HA   H  N N 259 
MET HB2  H  N N 260 
MET HB3  H  N N 261 
MET HG2  H  N N 262 
MET HG3  H  N N 263 
MET HE1  H  N N 264 
MET HE2  H  N N 265 
MET HE3  H  N N 266 
MET HXT  H  N N 267 
PHE N    N  N N 268 
PHE CA   C  N S 269 
PHE C    C  N N 270 
PHE O    O  N N 271 
PHE CB   C  N N 272 
PHE CG   C  Y N 273 
PHE CD1  C  Y N 274 
PHE CD2  C  Y N 275 
PHE CE1  C  Y N 276 
PHE CE2  C  Y N 277 
PHE CZ   C  Y N 278 
PHE OXT  O  N N 279 
PHE H    H  N N 280 
PHE H2   H  N N 281 
PHE HA   H  N N 282 
PHE HB2  H  N N 283 
PHE HB3  H  N N 284 
PHE HD1  H  N N 285 
PHE HD2  H  N N 286 
PHE HE1  H  N N 287 
PHE HE2  H  N N 288 
PHE HZ   H  N N 289 
PHE HXT  H  N N 290 
PRO N    N  N N 291 
PRO CA   C  N S 292 
PRO C    C  N N 293 
PRO O    O  N N 294 
PRO CB   C  N N 295 
PRO CG   C  N N 296 
PRO CD   C  N N 297 
PRO OXT  O  N N 298 
PRO H    H  N N 299 
PRO HA   H  N N 300 
PRO HB2  H  N N 301 
PRO HB3  H  N N 302 
PRO HG2  H  N N 303 
PRO HG3  H  N N 304 
PRO HD2  H  N N 305 
PRO HD3  H  N N 306 
PRO HXT  H  N N 307 
SER N    N  N N 308 
SER CA   C  N S 309 
SER C    C  N N 310 
SER O    O  N N 311 
SER CB   C  N N 312 
SER OG   O  N N 313 
SER OXT  O  N N 314 
SER H    H  N N 315 
SER H2   H  N N 316 
SER HA   H  N N 317 
SER HB2  H  N N 318 
SER HB3  H  N N 319 
SER HG   H  N N 320 
SER HXT  H  N N 321 
THR N    N  N N 322 
THR CA   C  N S 323 
THR C    C  N N 324 
THR O    O  N N 325 
THR CB   C  N R 326 
THR OG1  O  N N 327 
THR CG2  C  N N 328 
THR OXT  O  N N 329 
THR H    H  N N 330 
THR H2   H  N N 331 
THR HA   H  N N 332 
THR HB   H  N N 333 
THR HG1  H  N N 334 
THR HG21 H  N N 335 
THR HG22 H  N N 336 
THR HG23 H  N N 337 
THR HXT  H  N N 338 
TYR N    N  N N 339 
TYR CA   C  N S 340 
TYR C    C  N N 341 
TYR O    O  N N 342 
TYR CB   C  N N 343 
TYR CG   C  Y N 344 
TYR CD1  C  Y N 345 
TYR CD2  C  Y N 346 
TYR CE1  C  Y N 347 
TYR CE2  C  Y N 348 
TYR CZ   C  Y N 349 
TYR OH   O  N N 350 
TYR OXT  O  N N 351 
TYR H    H  N N 352 
TYR H2   H  N N 353 
TYR HA   H  N N 354 
TYR HB2  H  N N 355 
TYR HB3  H  N N 356 
TYR HD1  H  N N 357 
TYR HD2  H  N N 358 
TYR HE1  H  N N 359 
TYR HE2  H  N N 360 
TYR HH   H  N N 361 
TYR HXT  H  N N 362 
VAL N    N  N N 363 
VAL CA   C  N S 364 
VAL C    C  N N 365 
VAL O    O  N N 366 
VAL CB   C  N N 367 
VAL CG1  C  N N 368 
VAL CG2  C  N N 369 
VAL OXT  O  N N 370 
VAL H    H  N N 371 
VAL H2   H  N N 372 
VAL HA   H  N N 373 
VAL HB   H  N N 374 
VAL HG11 H  N N 375 
VAL HG12 H  N N 376 
VAL HG13 H  N N 377 
VAL HG21 H  N N 378 
VAL HG22 H  N N 379 
VAL HG23 H  N N 380 
VAL HXT  H  N N 381 
# 
loop_
_chem_comp_bond.comp_id 
_chem_comp_bond.atom_id_1 
_chem_comp_bond.atom_id_2 
_chem_comp_bond.value_order 
_chem_comp_bond.pdbx_aromatic_flag 
_chem_comp_bond.pdbx_stereo_config 
_chem_comp_bond.pdbx_ordinal 
ALA N   CA   sing N N 1   
ALA N   H    sing N N 2   
ALA N   H2   sing N N 3   
ALA CA  C    sing N N 4   
ALA CA  CB   sing N N 5   
ALA CA  HA   sing N N 6   
ALA C   O    doub N N 7   
ALA C   OXT  sing N N 8   
ALA CB  HB1  sing N N 9   
ALA CB  HB2  sing N N 10  
ALA CB  HB3  sing N N 11  
ALA OXT HXT  sing N N 12  
ARG N   CA   sing N N 13  
ARG N   H    sing N N 14  
ARG N   H2   sing N N 15  
ARG CA  C    sing N N 16  
ARG CA  CB   sing N N 17  
ARG CA  HA   sing N N 18  
ARG C   O    doub N N 19  
ARG C   OXT  sing N N 20  
ARG CB  CG   sing N N 21  
ARG CB  HB2  sing N N 22  
ARG CB  HB3  sing N N 23  
ARG CG  CD   sing N N 24  
ARG CG  HG2  sing N N 25  
ARG CG  HG3  sing N N 26  
ARG CD  NE   sing N N 27  
ARG CD  HD2  sing N N 28  
ARG CD  HD3  sing N N 29  
ARG NE  CZ   sing N N 30  
ARG NE  HE   sing N N 31  
ARG CZ  NH1  sing N N 32  
ARG CZ  NH2  doub N N 33  
ARG NH1 HH11 sing N N 34  
ARG NH1 HH12 sing N N 35  
ARG NH2 HH21 sing N N 36  
ARG NH2 HH22 sing N N 37  
ARG OXT HXT  sing N N 38  
ASN N   CA   sing N N 39  
ASN N   H    sing N N 40  
ASN N   H2   sing N N 41  
ASN CA  C    sing N N 42  
ASN CA  CB   sing N N 43  
ASN CA  HA   sing N N 44  
ASN C   O    doub N N 45  
ASN C   OXT  sing N N 46  
ASN CB  CG   sing N N 47  
ASN CB  HB2  sing N N 48  
ASN CB  HB3  sing N N 49  
ASN CG  OD1  doub N N 50  
ASN CG  ND2  sing N N 51  
ASN ND2 HD21 sing N N 52  
ASN ND2 HD22 sing N N 53  
ASN OXT HXT  sing N N 54  
ASP N   CA   sing N N 55  
ASP N   H    sing N N 56  
ASP N   H2   sing N N 57  
ASP CA  C    sing N N 58  
ASP CA  CB   sing N N 59  
ASP CA  HA   sing N N 60  
ASP C   O    doub N N 61  
ASP C   OXT  sing N N 62  
ASP CB  CG   sing N N 63  
ASP CB  HB2  sing N N 64  
ASP CB  HB3  sing N N 65  
ASP CG  OD1  doub N N 66  
ASP CG  OD2  sing N N 67  
ASP OD2 HD2  sing N N 68  
ASP OXT HXT  sing N N 69  
EDO C1  O1   sing N N 70  
EDO C1  C2   sing N N 71  
EDO C1  H11  sing N N 72  
EDO C1  H12  sing N N 73  
EDO O1  HO1  sing N N 74  
EDO C2  O2   sing N N 75  
EDO C2  H21  sing N N 76  
EDO C2  H22  sing N N 77  
EDO O2  HO2  sing N N 78  
GLN N   CA   sing N N 79  
GLN N   H    sing N N 80  
GLN N   H2   sing N N 81  
GLN CA  C    sing N N 82  
GLN CA  CB   sing N N 83  
GLN CA  HA   sing N N 84  
GLN C   O    doub N N 85  
GLN C   OXT  sing N N 86  
GLN CB  CG   sing N N 87  
GLN CB  HB2  sing N N 88  
GLN CB  HB3  sing N N 89  
GLN CG  CD   sing N N 90  
GLN CG  HG2  sing N N 91  
GLN CG  HG3  sing N N 92  
GLN CD  OE1  doub N N 93  
GLN CD  NE2  sing N N 94  
GLN NE2 HE21 sing N N 95  
GLN NE2 HE22 sing N N 96  
GLN OXT HXT  sing N N 97  
GLU N   CA   sing N N 98  
GLU N   H    sing N N 99  
GLU N   H2   sing N N 100 
GLU CA  C    sing N N 101 
GLU CA  CB   sing N N 102 
GLU CA  HA   sing N N 103 
GLU C   O    doub N N 104 
GLU C   OXT  sing N N 105 
GLU CB  CG   sing N N 106 
GLU CB  HB2  sing N N 107 
GLU CB  HB3  sing N N 108 
GLU CG  CD   sing N N 109 
GLU CG  HG2  sing N N 110 
GLU CG  HG3  sing N N 111 
GLU CD  OE1  doub N N 112 
GLU CD  OE2  sing N N 113 
GLU OE2 HE2  sing N N 114 
GLU OXT HXT  sing N N 115 
GLY N   CA   sing N N 116 
GLY N   H    sing N N 117 
GLY N   H2   sing N N 118 
GLY CA  C    sing N N 119 
GLY CA  HA2  sing N N 120 
GLY CA  HA3  sing N N 121 
GLY C   O    doub N N 122 
GLY C   OXT  sing N N 123 
GLY OXT HXT  sing N N 124 
HIS N   CA   sing N N 125 
HIS N   H    sing N N 126 
HIS N   H2   sing N N 127 
HIS CA  C    sing N N 128 
HIS CA  CB   sing N N 129 
HIS CA  HA   sing N N 130 
HIS C   O    doub N N 131 
HIS C   OXT  sing N N 132 
HIS CB  CG   sing N N 133 
HIS CB  HB2  sing N N 134 
HIS CB  HB3  sing N N 135 
HIS CG  ND1  sing Y N 136 
HIS CG  CD2  doub Y N 137 
HIS ND1 CE1  doub Y N 138 
HIS ND1 HD1  sing N N 139 
HIS CD2 NE2  sing Y N 140 
HIS CD2 HD2  sing N N 141 
HIS CE1 NE2  sing Y N 142 
HIS CE1 HE1  sing N N 143 
HIS NE2 HE2  sing N N 144 
HIS OXT HXT  sing N N 145 
HOH O   H1   sing N N 146 
HOH O   H2   sing N N 147 
ILE N   CA   sing N N 148 
ILE N   H    sing N N 149 
ILE N   H2   sing N N 150 
ILE CA  C    sing N N 151 
ILE CA  CB   sing N N 152 
ILE CA  HA   sing N N 153 
ILE C   O    doub N N 154 
ILE C   OXT  sing N N 155 
ILE CB  CG1  sing N N 156 
ILE CB  CG2  sing N N 157 
ILE CB  HB   sing N N 158 
ILE CG1 CD1  sing N N 159 
ILE CG1 HG12 sing N N 160 
ILE CG1 HG13 sing N N 161 
ILE CG2 HG21 sing N N 162 
ILE CG2 HG22 sing N N 163 
ILE CG2 HG23 sing N N 164 
ILE CD1 HD11 sing N N 165 
ILE CD1 HD12 sing N N 166 
ILE CD1 HD13 sing N N 167 
ILE OXT HXT  sing N N 168 
KCC C1  N1   sing N N 169 
KCC N1  C2   sing N N 170 
KCC C2  C3   doub Y N 171 
KCC C3  N2   sing Y N 172 
KCC N2  C4   doub Y N 173 
KCC C4  C5   sing Y N 174 
KCC C5  C6   doub Y N 175 
KCC C6  C7   sing Y N 176 
KCC C7  C8   doub Y N 177 
KCC C8  C9   sing Y N 178 
KCC C9  N3   doub Y N 179 
KCC C2  N3   sing Y N 180 
KCC C4  C9   sing Y N 181 
KCC N1  H4   sing N N 182 
KCC C5  H6   sing N N 183 
KCC C6  H7   sing N N 184 
KCC C7  H8   sing N N 185 
KCC C8  H9   sing N N 186 
KCC C1  H1   sing N N 187 
KCC C1  H3   sing N N 188 
KCC C1  H2   sing N N 189 
KCC C3  H5   sing N N 190 
LEU N   CA   sing N N 191 
LEU N   H    sing N N 192 
LEU N   H2   sing N N 193 
LEU CA  C    sing N N 194 
LEU CA  CB   sing N N 195 
LEU CA  HA   sing N N 196 
LEU C   O    doub N N 197 
LEU C   OXT  sing N N 198 
LEU CB  CG   sing N N 199 
LEU CB  HB2  sing N N 200 
LEU CB  HB3  sing N N 201 
LEU CG  CD1  sing N N 202 
LEU CG  CD2  sing N N 203 
LEU CG  HG   sing N N 204 
LEU CD1 HD11 sing N N 205 
LEU CD1 HD12 sing N N 206 
LEU CD1 HD13 sing N N 207 
LEU CD2 HD21 sing N N 208 
LEU CD2 HD22 sing N N 209 
LEU CD2 HD23 sing N N 210 
LEU OXT HXT  sing N N 211 
LYS N   CA   sing N N 212 
LYS N   H    sing N N 213 
LYS N   H2   sing N N 214 
LYS CA  C    sing N N 215 
LYS CA  CB   sing N N 216 
LYS CA  HA   sing N N 217 
LYS C   O    doub N N 218 
LYS C   OXT  sing N N 219 
LYS CB  CG   sing N N 220 
LYS CB  HB2  sing N N 221 
LYS CB  HB3  sing N N 222 
LYS CG  CD   sing N N 223 
LYS CG  HG2  sing N N 224 
LYS CG  HG3  sing N N 225 
LYS CD  CE   sing N N 226 
LYS CD  HD2  sing N N 227 
LYS CD  HD3  sing N N 228 
LYS CE  NZ   sing N N 229 
LYS CE  HE2  sing N N 230 
LYS CE  HE3  sing N N 231 
LYS NZ  HZ1  sing N N 232 
LYS NZ  HZ2  sing N N 233 
LYS NZ  HZ3  sing N N 234 
LYS OXT HXT  sing N N 235 
MET N   CA   sing N N 236 
MET N   H    sing N N 237 
MET N   H2   sing N N 238 
MET CA  C    sing N N 239 
MET CA  CB   sing N N 240 
MET CA  HA   sing N N 241 
MET C   O    doub N N 242 
MET C   OXT  sing N N 243 
MET CB  CG   sing N N 244 
MET CB  HB2  sing N N 245 
MET CB  HB3  sing N N 246 
MET CG  SD   sing N N 247 
MET CG  HG2  sing N N 248 
MET CG  HG3  sing N N 249 
MET SD  CE   sing N N 250 
MET CE  HE1  sing N N 251 
MET CE  HE2  sing N N 252 
MET CE  HE3  sing N N 253 
MET OXT HXT  sing N N 254 
PHE N   CA   sing N N 255 
PHE N   H    sing N N 256 
PHE N   H2   sing N N 257 
PHE CA  C    sing N N 258 
PHE CA  CB   sing N N 259 
PHE CA  HA   sing N N 260 
PHE C   O    doub N N 261 
PHE C   OXT  sing N N 262 
PHE CB  CG   sing N N 263 
PHE CB  HB2  sing N N 264 
PHE CB  HB3  sing N N 265 
PHE CG  CD1  doub Y N 266 
PHE CG  CD2  sing Y N 267 
PHE CD1 CE1  sing Y N 268 
PHE CD1 HD1  sing N N 269 
PHE CD2 CE2  doub Y N 270 
PHE CD2 HD2  sing N N 271 
PHE CE1 CZ   doub Y N 272 
PHE CE1 HE1  sing N N 273 
PHE CE2 CZ   sing Y N 274 
PHE CE2 HE2  sing N N 275 
PHE CZ  HZ   sing N N 276 
PHE OXT HXT  sing N N 277 
PRO N   CA   sing N N 278 
PRO N   CD   sing N N 279 
PRO N   H    sing N N 280 
PRO CA  C    sing N N 281 
PRO CA  CB   sing N N 282 
PRO CA  HA   sing N N 283 
PRO C   O    doub N N 284 
PRO C   OXT  sing N N 285 
PRO CB  CG   sing N N 286 
PRO CB  HB2  sing N N 287 
PRO CB  HB3  sing N N 288 
PRO CG  CD   sing N N 289 
PRO CG  HG2  sing N N 290 
PRO CG  HG3  sing N N 291 
PRO CD  HD2  sing N N 292 
PRO CD  HD3  sing N N 293 
PRO OXT HXT  sing N N 294 
SER N   CA   sing N N 295 
SER N   H    sing N N 296 
SER N   H2   sing N N 297 
SER CA  C    sing N N 298 
SER CA  CB   sing N N 299 
SER CA  HA   sing N N 300 
SER C   O    doub N N 301 
SER C   OXT  sing N N 302 
SER CB  OG   sing N N 303 
SER CB  HB2  sing N N 304 
SER CB  HB3  sing N N 305 
SER OG  HG   sing N N 306 
SER OXT HXT  sing N N 307 
THR N   CA   sing N N 308 
THR N   H    sing N N 309 
THR N   H2   sing N N 310 
THR CA  C    sing N N 311 
THR CA  CB   sing N N 312 
THR CA  HA   sing N N 313 
THR C   O    doub N N 314 
THR C   OXT  sing N N 315 
THR CB  OG1  sing N N 316 
THR CB  CG2  sing N N 317 
THR CB  HB   sing N N 318 
THR OG1 HG1  sing N N 319 
THR CG2 HG21 sing N N 320 
THR CG2 HG22 sing N N 321 
THR CG2 HG23 sing N N 322 
THR OXT HXT  sing N N 323 
TYR N   CA   sing N N 324 
TYR N   H    sing N N 325 
TYR N   H2   sing N N 326 
TYR CA  C    sing N N 327 
TYR CA  CB   sing N N 328 
TYR CA  HA   sing N N 329 
TYR C   O    doub N N 330 
TYR C   OXT  sing N N 331 
TYR CB  CG   sing N N 332 
TYR CB  HB2  sing N N 333 
TYR CB  HB3  sing N N 334 
TYR CG  CD1  doub Y N 335 
TYR CG  CD2  sing Y N 336 
TYR CD1 CE1  sing Y N 337 
TYR CD1 HD1  sing N N 338 
TYR CD2 CE2  doub Y N 339 
TYR CD2 HD2  sing N N 340 
TYR CE1 CZ   doub Y N 341 
TYR CE1 HE1  sing N N 342 
TYR CE2 CZ   sing Y N 343 
TYR CE2 HE2  sing N N 344 
TYR CZ  OH   sing N N 345 
TYR OH  HH   sing N N 346 
TYR OXT HXT  sing N N 347 
VAL N   CA   sing N N 348 
VAL N   H    sing N N 349 
VAL N   H2   sing N N 350 
VAL CA  C    sing N N 351 
VAL CA  CB   sing N N 352 
VAL CA  HA   sing N N 353 
VAL C   O    doub N N 354 
VAL C   OXT  sing N N 355 
VAL CB  CG1  sing N N 356 
VAL CB  CG2  sing N N 357 
VAL CB  HB   sing N N 358 
VAL CG1 HG11 sing N N 359 
VAL CG1 HG12 sing N N 360 
VAL CG1 HG13 sing N N 361 
VAL CG2 HG21 sing N N 362 
VAL CG2 HG22 sing N N 363 
VAL CG2 HG23 sing N N 364 
VAL OXT HXT  sing N N 365 
# 
_pdbx_audit_support.ordinal                1 
_pdbx_audit_support.funding_organization   'European Union (EU)' 
_pdbx_audit_support.grant_number           875510 
_pdbx_audit_support.country                'European Union' 
# 
_pdbx_deposit_group.group_id            G_1002273 
_pdbx_deposit_group.group_description   
;MAP1LC3B screened against the DSi-poised Fragment Library by X-ray Crystallography at the XChem facility of Diamond Light Source beamline I04-1
;
_pdbx_deposit_group.group_title         'PanDDA analysis group deposition' 
_pdbx_deposit_group.group_type          'changed state' 
# 
_atom_sites.entry_id                    7GAP 
_atom_sites.fract_transf_matrix[1][1]   0.00538437 
_atom_sites.fract_transf_matrix[1][2]   0.01255141 
_atom_sites.fract_transf_matrix[1][3]   0.00896301 
_atom_sites.fract_transf_matrix[2][1]   -0.00226527 
_atom_sites.fract_transf_matrix[2][2]   -0.00874697 
_atom_sites.fract_transf_matrix[2][3]   0.01360970 
_atom_sites.fract_transf_matrix[3][1]   0.02639616 
_atom_sites.fract_transf_matrix[3][2]   -0.00991187 
_atom_sites.fract_transf_matrix[3][3]   -0.00197686 
_atom_sites.fract_transf_vector[1]      0.185241 
_atom_sites.fract_transf_vector[2]      -0.381746 
_atom_sites.fract_transf_vector[3]      0.022655 
# 
loop_
_atom_type.symbol 
C  
CL 
N  
O  
S  
# 
loop_
_atom_site.group_PDB 
_atom_site.id 
_atom_site.type_symbol 
_atom_site.label_atom_id 
_atom_site.label_alt_id 
_atom_site.label_comp_id 
_atom_site.label_asym_id 
_atom_site.label_entity_id 
_atom_site.label_seq_id 
_atom_site.pdbx_PDB_ins_code 
_atom_site.Cartn_x 
_atom_site.Cartn_y 
_atom_site.Cartn_z 
_atom_site.occupancy 
_atom_site.B_iso_or_equiv 
_atom_site.pdbx_formal_charge 
_atom_site.auth_seq_id 
_atom_site.auth_comp_id 
_atom_site.auth_asym_id 
_atom_site.auth_atom_id 
_atom_site.pdbx_PDB_model_num 
ATOM   1    N  N   . LYS A 1 6   ? -15.077 -8.138  1.455   1.00 55.50  ? 5   LYS A N   1 
ATOM   2    C  CA  . LYS A 1 6   ? -13.875 -8.399  2.298   1.00 59.20  ? 5   LYS A CA  1 
ATOM   3    C  C   . LYS A 1 6   ? -12.752 -7.435  1.883   1.00 49.83  ? 5   LYS A C   1 
ATOM   4    O  O   . LYS A 1 6   ? -12.401 -6.584  2.710   1.00 49.31  ? 5   LYS A O   1 
ATOM   5    C  CB  . LYS A 1 6   ? -13.390 -9.851  2.190   1.00 64.14  ? 5   LYS A CB  1 
ATOM   6    C  CG  . LYS A 1 6   ? -13.603 -10.697 3.432   1.00 72.88  ? 5   LYS A CG  1 
ATOM   7    C  CD  . LYS A 1 6   ? -12.945 -10.143 4.685   1.00 75.77  ? 5   LYS A CD  1 
ATOM   8    C  CE  . LYS A 1 6   ? -13.212 -11.003 5.899   1.00 76.97  ? 5   LYS A CE  1 
ATOM   9    N  NZ  . LYS A 1 6   ? -14.646 -11.376 5.996   1.00 76.68  ? 5   LYS A NZ  1 
ATOM   10   N  N   . THR A 1 7   ? -12.222 -7.551  0.659   1.00 48.47  ? 6   THR A N   1 
ATOM   11   C  CA  . THR A 1 7   ? -11.134 -6.660  0.165   1.00 41.68  ? 6   THR A CA  1 
ATOM   12   C  C   . THR A 1 7   ? -11.715 -5.288  -0.170  1.00 40.61  ? 6   THR A C   1 
ATOM   13   O  O   . THR A 1 7   ? -12.978 -5.142  -0.376  1.00 35.45  ? 6   THR A O   1 
ATOM   14   C  CB  . THR A 1 7   ? -10.342 -7.226  -1.022  1.00 43.69  ? 6   THR A CB  1 
ATOM   15   O  OG1 . THR A 1 7   ? -11.130 -7.192  -2.210  1.00 38.64  ? 6   THR A OG1 1 
ATOM   16   C  CG2 . THR A 1 7   ? -9.823  -8.627  -0.780  1.00 50.77  ? 6   THR A CG2 1 
ATOM   17   N  N   . PHE A 1 8   ? -10.826 -4.293  -0.205  1.00 34.35  ? 7   PHE A N   1 
ATOM   18   C  CA  . PHE A 1 8   ? -11.153 -2.907  -0.610  1.00 31.95  ? 7   PHE A CA  1 
ATOM   19   C  C   . PHE A 1 8   ? -11.921 -2.929  -1.931  1.00 29.12  ? 7   PHE A C   1 
ATOM   20   O  O   . PHE A 1 8   ? -12.987 -2.267  -2.007  1.00 32.59  ? 7   PHE A O   1 
ATOM   21   C  CB  . PHE A 1 8   ? -9.883  -2.057  -0.712  1.00 30.74  ? 7   PHE A CB  1 
ATOM   22   C  CG  . PHE A 1 8   ? -10.175 -0.614  -0.992  1.00 31.11  ? 7   PHE A CG  1 
ATOM   23   C  CD1 . PHE A 1 8   ? -10.797 0.178   -0.048  1.00 30.43  ? 7   PHE A CD1 1 
ATOM   24   C  CD2 . PHE A 1 8   ? -9.898  -0.060  -2.234  1.00 32.19  ? 7   PHE A CD2 1 
ATOM   25   C  CE1 . PHE A 1 8   ? -11.066 1.510   -0.305  1.00 32.39  ? 7   PHE A CE1 1 
ATOM   26   C  CE2 . PHE A 1 8   ? -10.204 1.265   -2.498  1.00 31.28  ? 7   PHE A CE2 1 
ATOM   27   C  CZ  . PHE A 1 8   ? -10.777 2.052   -1.531  1.00 31.07  ? 7   PHE A CZ  1 
ATOM   28   N  N   . LYS A 1 9   ? -11.442 -3.665  -2.943  1.00 31.33  ? 8   LYS A N   1 
ATOM   29   C  CA  . LYS A 1 9   ? -12.082 -3.638  -4.291  1.00 31.53  ? 8   LYS A CA  1 
ATOM   30   C  C   . LYS A 1 9   ? -13.507 -4.228  -4.244  1.00 35.86  ? 8   LYS A C   1 
ATOM   31   O  O   . LYS A 1 9   ? -14.365 -3.787  -5.058  1.00 38.37  ? 8   LYS A O   1 
ATOM   32   C  CB  . LYS A 1 9   ? -11.213 -4.356  -5.332  1.00 33.62  ? 8   LYS A CB  1 
ATOM   33   C  CG  . LYS A 1 9   ? -9.993  -3.576  -5.792  1.00 33.49  ? 8   LYS A CG  1 
ATOM   34   C  CD  . LYS A 1 9   ? -9.297  -4.219  -6.977  1.00 35.10  ? 8   LYS A CD  1 
ATOM   35   C  CE  . LYS A 1 9   ? -8.258  -3.303  -7.595  1.00 36.68  ? 8   LYS A CE  1 
ATOM   36   N  NZ  . LYS A 1 9   ? -7.504  -3.959  -8.698  1.00 40.54  ? 8   LYS A NZ  1 
ATOM   37   N  N   . GLN A 1 10  ? -13.747 -5.180  -3.342  1.00 37.93  ? 9   GLN A N   1 
ATOM   38   C  CA  . GLN A 1 10  ? -15.071 -5.824  -3.101  1.00 42.22  ? 9   GLN A CA  1 
ATOM   39   C  C   . GLN A 1 10  ? -16.028 -4.898  -2.334  1.00 40.90  ? 9   GLN A C   1 
ATOM   40   O  O   . GLN A 1 10  ? -17.229 -5.008  -2.544  1.00 48.49  ? 9   GLN A O   1 
ATOM   41   C  CB  . GLN A 1 10  ? -14.879 -7.140  -2.350  1.00 43.63  ? 9   GLN A CB  1 
ATOM   42   C  CG  . GLN A 1 10  ? -14.131 -8.187  -3.160  1.00 47.52  ? 9   GLN A CG  1 
ATOM   43   C  CD  . GLN A 1 10  ? -13.702 -9.396  -2.356  1.00 49.60  ? 9   GLN A CD  1 
ATOM   44   O  OE1 . GLN A 1 10  ? -13.678 -9.404  -1.119  1.00 57.02  ? 9   GLN A OE1 1 
ATOM   45   N  NE2 . GLN A 1 10  ? -13.363 -10.457 -3.062  1.00 56.93  ? 9   GLN A NE2 1 
ATOM   46   N  N   A ARG A 1 11  ? -15.488 -4.013  -1.484  0.34 39.07  ? 10  ARG A N   1 
ATOM   47   N  N   B ARG A 1 11  ? -15.496 -4.002  -1.496  0.17 40.29  ? 10  ARG A N   1 
ATOM   48   C  CA  A ARG A 1 11  ? -16.251 -3.085  -0.601  0.34 40.76  ? 10  ARG A CA  1 
ATOM   49   C  CA  B ARG A 1 11  ? -16.287 -3.099  -0.615  0.17 40.68  ? 10  ARG A CA  1 
ATOM   50   C  C   A ARG A 1 11  ? -16.752 -1.867  -1.391  0.34 40.37  ? 10  ARG A C   1 
ATOM   51   C  C   B ARG A 1 11  ? -16.752 -1.854  -1.386  0.17 40.12  ? 10  ARG A C   1 
ATOM   52   O  O   A ARG A 1 11  ? -17.862 -1.386  -1.082  0.34 38.75  ? 10  ARG A O   1 
ATOM   53   O  O   B ARG A 1 11  ? -17.852 -1.355  -1.068  0.17 39.19  ? 10  ARG A O   1 
ATOM   54   C  CB  A ARG A 1 11  ? -15.373 -2.604  0.561   0.34 43.15  ? 10  ARG A CB  1 
ATOM   55   C  CB  B ARG A 1 11  ? -15.458 -2.701  0.608   0.17 42.07  ? 10  ARG A CB  1 
ATOM   56   C  CG  A ARG A 1 11  ? -15.130 -3.646  1.643   0.34 46.54  ? 10  ARG A CG  1 
ATOM   57   C  CG  B ARG A 1 11  ? -15.363 -3.787  1.671   0.17 43.78  ? 10  ARG A CG  1 
ATOM   58   C  CD  A ARG A 1 11  ? -14.577 -3.049  2.928   0.34 48.62  ? 10  ARG A CD  1 
ATOM   59   C  CD  B ARG A 1 11  ? -14.521 -3.354  2.854   0.17 44.67  ? 10  ARG A CD  1 
ATOM   60   N  NE  A ARG A 1 11  ? -13.122 -3.116  3.029   0.34 49.24  ? 10  ARG A NE  1 
ATOM   61   N  NE  B ARG A 1 11  ? -13.149 -3.826  2.743   0.17 45.16  ? 10  ARG A NE  1 
ATOM   62   C  CZ  A ARG A 1 11  ? -12.327 -2.064  3.153   0.34 49.76  ? 10  ARG A CZ  1 
ATOM   63   C  CZ  B ARG A 1 11  ? -12.084 -3.134  3.119   0.17 43.97  ? 10  ARG A CZ  1 
ATOM   64   N  NH1 A ARG A 1 11  ? -12.843 -0.848  3.197   0.34 54.10  ? 10  ARG A NH1 1 
ATOM   65   N  NH1 B ARG A 1 11  ? -12.222 -1.919  3.618   0.17 44.72  ? 10  ARG A NH1 1 
ATOM   66   N  NH2 A ARG A 1 11  ? -11.021 -2.228  3.252   0.34 50.28  ? 10  ARG A NH2 1 
ATOM   67   N  NH2 B ARG A 1 11  ? -10.881 -3.655  2.982   0.17 45.32  ? 10  ARG A NH2 1 
ATOM   68   N  N   . ARG A 1 12  ? -15.948 -1.359  -2.337  1.00 38.59  ? 11  ARG A N   1 
ATOM   69   C  CA  . ARG A 1 12  ? -16.259 -0.107  -3.091  1.00 38.46  ? 11  ARG A CA  1 
ATOM   70   C  C   . ARG A 1 12  ? -16.344 -0.396  -4.590  1.00 32.27  ? 11  ARG A C   1 
ATOM   71   O  O   . ARG A 1 12  ? -15.459 -1.098  -5.088  1.00 33.50  ? 11  ARG A O   1 
ATOM   72   C  CB  . ARG A 1 12  ? -15.168 0.956   -2.887  1.00 42.65  ? 11  ARG A CB  1 
ATOM   73   C  CG  . ARG A 1 12  ? -14.889 1.348   -1.438  1.00 46.44  ? 11  ARG A CG  1 
ATOM   74   C  CD  . ARG A 1 12  ? -15.932 2.265   -0.837  1.00 49.90  ? 11  ARG A CD  1 
ATOM   75   N  NE  . ARG A 1 12  ? -15.913 3.641   -1.325  1.00 53.11  ? 11  ARG A NE  1 
ATOM   76   C  CZ  . ARG A 1 12  ? -16.871 4.546   -1.096  1.00 53.50  ? 11  ARG A CZ  1 
ATOM   77   N  NH1 . ARG A 1 12  ? -17.951 4.238   -0.392  1.00 56.02  ? 11  ARG A NH1 1 
ATOM   78   N  NH2 . ARG A 1 12  ? -16.742 5.769   -1.574  1.00 57.08  ? 11  ARG A NH2 1 
ATOM   79   N  N   . THR A 1 13  ? -17.297 0.223   -5.290  1.00 29.86  ? 12  THR A N   1 
ATOM   80   C  CA  . THR A 1 13  ? -17.449 0.053   -6.769  1.00 31.38  ? 12  THR A CA  1 
ATOM   81   C  C   . THR A 1 13  ? -16.242 0.702   -7.484  1.00 32.93  ? 12  THR A C   1 
ATOM   82   O  O   . THR A 1 13  ? -15.609 1.577   -6.906  1.00 29.56  ? 12  THR A O   1 
ATOM   83   C  CB  . THR A 1 13  ? -18.793 0.586   -7.256  1.00 31.65  ? 12  THR A CB  1 
ATOM   84   O  OG1 . THR A 1 13  ? -18.804 2.011   -7.148  1.00 32.11  ? 12  THR A OG1 1 
ATOM   85   C  CG2 . THR A 1 13  ? -19.979 0.022   -6.487  1.00 33.84  ? 12  THR A CG2 1 
ATOM   86   N  N   . PHE A 1 14  ? -15.959 0.320   -8.717  1.00 29.92  ? 13  PHE A N   1 
ATOM   87   C  CA  . PHE A 1 14  ? -14.896 0.943   -9.545  1.00 34.52  ? 13  PHE A CA  1 
ATOM   88   C  C   . PHE A 1 14  ? -15.172 2.450   -9.587  1.00 36.34  ? 13  PHE A C   1 
ATOM   89   O  O   . PHE A 1 14  ? -14.205 3.209   -9.390  1.00 31.47  ? 13  PHE A O   1 
ATOM   90   C  CB  . PHE A 1 14  ? -14.773 0.294   -10.932 1.00 32.08  ? 13  PHE A CB  1 
ATOM   91   C  CG  . PHE A 1 14  ? -13.686 0.903   -11.788 1.00 30.78  ? 13  PHE A CG  1 
ATOM   92   C  CD1 . PHE A 1 14  ? -12.387 0.458   -11.684 1.00 33.32  ? 13  PHE A CD1 1 
ATOM   93   C  CD2 . PHE A 1 14  ? -13.963 1.949   -12.652 1.00 32.82  ? 13  PHE A CD2 1 
ATOM   94   C  CE1 . PHE A 1 14  ? -11.376 1.040   -12.426 1.00 30.38  ? 13  PHE A CE1 1 
ATOM   95   C  CE2 . PHE A 1 14  ? -12.950 2.527   -13.401 1.00 31.44  ? 13  PHE A CE2 1 
ATOM   96   C  CZ  . PHE A 1 14  ? -11.670 2.064   -13.291 1.00 32.35  ? 13  PHE A CZ  1 
ATOM   97   N  N   . GLU A 1 15  ? -16.435 2.859   -9.769  1.00 32.59  ? 14  GLU A N   1 
ATOM   98   C  CA  . GLU A 1 15  ? -16.827 4.283   -9.877  1.00 32.71  ? 14  GLU A CA  1 
ATOM   99   C  C   . GLU A 1 15  ? -16.503 5.004   -8.555  1.00 31.00  ? 14  GLU A C   1 
ATOM   100  O  O   . GLU A 1 15  ? -16.028 6.147   -8.591  1.00 28.17  ? 14  GLU A O   1 
ATOM   101  C  CB  . GLU A 1 15  ? -18.311 4.369   -10.218 1.00 37.80  ? 14  GLU A CB  1 
ATOM   102  C  CG  . GLU A 1 15  ? -18.800 5.771   -10.466 1.00 43.58  ? 14  GLU A CG  1 
ATOM   103  C  CD  . GLU A 1 15  ? -20.296 5.832   -10.719 1.00 49.97  ? 14  GLU A CD  1 
ATOM   104  O  OE1 . GLU A 1 15  ? -20.996 4.868   -10.334 1.00 47.46  ? 14  GLU A OE1 1 
ATOM   105  O  OE2 . GLU A 1 15  ? -20.755 6.854   -11.274 1.00 53.19  ? 14  GLU A OE2 1 
ATOM   106  N  N   . GLN A 1 16  ? -16.790 4.370   -7.425  1.00 27.59  ? 15  GLN A N   1 
ATOM   107  C  CA  . GLN A 1 16  ? -16.521 4.947   -6.085  1.00 28.56  ? 15  GLN A CA  1 
ATOM   108  C  C   . GLN A 1 16  ? -14.996 5.106   -5.858  1.00 28.63  ? 15  GLN A C   1 
ATOM   109  O  O   . GLN A 1 16  ? -14.572 6.133   -5.256  1.00 28.75  ? 15  GLN A O   1 
ATOM   110  C  CB  . GLN A 1 16  ? -17.155 4.098   -4.985  1.00 31.43  ? 15  GLN A CB  1 
ATOM   111  C  CG  . GLN A 1 16  ? -18.630 4.393   -4.739  1.00 34.00  ? 15  GLN A CG  1 
ATOM   112  C  CD  . GLN A 1 16  ? -19.281 3.341   -3.869  1.00 33.79  ? 15  GLN A CD  1 
ATOM   113  O  OE1 . GLN A 1 16  ? -18.775 2.239   -3.693  1.00 31.50  ? 15  GLN A OE1 1 
ATOM   114  N  NE2 . GLN A 1 16  ? -20.419 3.688   -3.295  1.00 38.42  ? 15  GLN A NE2 1 
ATOM   115  N  N   A ARG A 1 17  ? -14.193 4.134   -6.308  0.15 28.76  ? 16  ARG A N   1 
ATOM   116  N  N   B ARG A 1 17  ? -14.191 4.141   -6.309  0.35 27.88  ? 16  ARG A N   1 
ATOM   117  C  CA  A ARG A 1 17  ? -12.714 4.121   -6.108  0.15 29.43  ? 16  ARG A CA  1 
ATOM   118  C  CA  B ARG A 1 17  ? -12.712 4.148   -6.100  0.35 28.74  ? 16  ARG A CA  1 
ATOM   119  C  C   A ARG A 1 17  ? -12.069 5.213   -6.971  0.15 29.18  ? 16  ARG A C   1 
ATOM   120  C  C   B ARG A 1 17  ? -12.084 5.244   -6.965  0.35 28.55  ? 16  ARG A C   1 
ATOM   121  O  O   A ARG A 1 17  ? -11.172 5.918   -6.455  0.15 28.98  ? 16  ARG A O   1 
ATOM   122  O  O   B ARG A 1 17  ? -11.226 6.002   -6.444  0.35 27.39  ? 16  ARG A O   1 
ATOM   123  C  CB  A ARG A 1 17  ? -12.136 2.733   -6.404  0.15 29.42  ? 16  ARG A CB  1 
ATOM   124  C  CB  B ARG A 1 17  ? -12.123 2.759   -6.362  0.35 27.78  ? 16  ARG A CB  1 
ATOM   125  C  CG  A ARG A 1 17  ? -12.643 1.647   -5.466  0.15 29.82  ? 16  ARG A CG  1 
ATOM   126  C  CG  B ARG A 1 17  ? -12.453 1.758   -5.268  0.35 27.76  ? 16  ARG A CG  1 
ATOM   127  C  CD  A ARG A 1 17  ? -11.897 0.329   -5.560  0.15 30.45  ? 16  ARG A CD  1 
ATOM   128  C  CD  B ARG A 1 17  ? -11.926 0.357   -5.505  0.35 28.85  ? 16  ARG A CD  1 
ATOM   129  N  NE  A ARG A 1 17  ? -11.625 -0.111  -6.921  0.15 31.46  ? 16  ARG A NE  1 
ATOM   130  N  NE  B ARG A 1 17  ? -12.864 -0.535  -6.176  0.35 30.84  ? 16  ARG A NE  1 
ATOM   131  C  CZ  A ARG A 1 17  ? -12.196 -1.156  -7.515  0.15 32.28  ? 16  ARG A CZ  1 
ATOM   132  C  CZ  B ARG A 1 17  ? -12.685 -1.038  -7.394  0.35 32.03  ? 16  ARG A CZ  1 
ATOM   133  N  NH1 A ARG A 1 17  ? -13.103 -1.877  -6.878  0.15 31.87  ? 16  ARG A NH1 1 
ATOM   134  N  NH1 B ARG A 1 17  ? -11.610 -0.712  -8.096  0.35 31.83  ? 16  ARG A NH1 1 
ATOM   135  N  NH2 A ARG A 1 17  ? -11.863 -1.471  -8.754  0.15 32.87  ? 16  ARG A NH2 1 
ATOM   136  N  NH2 B ARG A 1 17  ? -13.589 -1.850  -7.916  0.35 30.09  ? 16  ARG A NH2 1 
ATOM   137  N  N   . VAL A 1 18  ? -12.509 5.351   -8.227  1.00 28.76  ? 17  VAL A N   1 
ATOM   138  C  CA  . VAL A 1 18  ? -12.038 6.423   -9.145  1.00 29.56  ? 17  VAL A CA  1 
ATOM   139  C  C   . VAL A 1 18  ? -12.344 7.791   -8.506  1.00 32.72  ? 17  VAL A C   1 
ATOM   140  O  O   . VAL A 1 18  ? -11.457 8.689   -8.518  1.00 27.36  ? 17  VAL A O   1 
ATOM   141  C  CB  . VAL A 1 18  ? -12.712 6.249   -10.515 1.00 30.51  ? 17  VAL A CB  1 
ATOM   142  C  CG1 . VAL A 1 18  ? -12.715 7.529   -11.335 1.00 33.05  ? 17  VAL A CG1 1 
ATOM   143  C  CG2 . VAL A 1 18  ? -12.069 5.090   -11.275 1.00 33.07  ? 17  VAL A CG2 1 
ATOM   144  N  N   . GLU A 1 19  ? -13.557 7.963   -7.961  1.00 30.46  ? 18  GLU A N   1 
ATOM   145  C  CA  . GLU A 1 19  ? -14.004 9.266   -7.410  1.00 33.69  ? 18  GLU A CA  1 
ATOM   146  C  C   . GLU A 1 19  ? -13.233 9.592   -6.134  1.00 32.15  ? 18  GLU A C   1 
ATOM   147  O  O   . GLU A 1 19  ? -12.969 10.802  -5.906  1.00 35.51  ? 18  GLU A O   1 
ATOM   148  C  CB  . GLU A 1 19  ? -15.510 9.298   -7.121  1.00 40.31  ? 18  GLU A CB  1 
ATOM   149  C  CG  . GLU A 1 19  ? -16.325 9.786   -8.306  1.00 46.09  ? 18  GLU A CG  1 
ATOM   150  C  CD  . GLU A 1 19  ? -15.802 11.010  -9.043  1.00 54.01  ? 18  GLU A CD  1 
ATOM   151  O  OE1 . GLU A 1 19  ? -15.549 12.043  -8.373  1.00 60.81  ? 18  GLU A OE1 1 
ATOM   152  O  OE2 . GLU A 1 19  ? -15.652 10.927  -10.289 1.00 55.39  ? 18  GLU A OE2 1 
ATOM   153  N  N   . ASP A 1 20  ? -12.937 8.600   -5.297  1.00 30.11  ? 19  ASP A N   1 
ATOM   154  C  CA  . ASP A 1 20  ? -12.132 8.862   -4.073  1.00 33.33  ? 19  ASP A CA  1 
ATOM   155  C  C   . ASP A 1 20  ? -10.696 9.267   -4.444  1.00 31.36  ? 19  ASP A C   1 
ATOM   156  O  O   . ASP A 1 20  ? -10.186 10.222  -3.812  1.00 25.87  ? 19  ASP A O   1 
ATOM   157  C  CB  . ASP A 1 20  ? -12.119 7.715   -3.084  1.00 39.00  ? 19  ASP A CB  1 
ATOM   158  C  CG  . ASP A 1 20  ? -11.553 8.175   -1.740  1.00 55.05  ? 19  ASP A CG  1 
ATOM   159  O  OD1 . ASP A 1 20  ? -10.968 7.313   -1.046  1.00 60.98  ? 19  ASP A OD1 1 
ATOM   160  O  OD2 . ASP A 1 20  ? -11.671 9.419   -1.397  1.00 58.59  ? 19  ASP A OD2 1 
ATOM   161  N  N   . VAL A 1 21  ? -10.084 8.652   -5.465  1.00 25.08  ? 20  VAL A N   1 
ATOM   162  C  CA  . VAL A 1 21  ? -8.750  9.099   -5.931  1.00 25.14  ? 20  VAL A CA  1 
ATOM   163  C  C   . VAL A 1 21  ? -8.811  10.539  -6.457  1.00 25.83  ? 20  VAL A C   1 
ATOM   164  O  O   . VAL A 1 21  ? -7.879  11.315  -6.177  1.00 24.74  ? 20  VAL A O   1 
ATOM   165  C  CB  . VAL A 1 21  ? -8.183  8.140   -6.989  1.00 23.88  ? 20  VAL A CB  1 
ATOM   166  C  CG1 . VAL A 1 21  ? -7.012  8.785   -7.716  1.00 24.70  ? 20  VAL A CG1 1 
ATOM   167  C  CG2 . VAL A 1 21  ? -7.852  6.822   -6.370  1.00 22.48  ? 20  VAL A CG2 1 
ATOM   168  N  N   . ARG A 1 22  ? -9.836  10.912  -7.217  1.00 26.67  ? 21  ARG A N   1 
ATOM   169  C  CA  . ARG A 1 22  ? -9.947  12.294  -7.739  1.00 28.00  ? 21  ARG A CA  1 
ATOM   170  C  C   . ARG A 1 22  ? -10.091 13.310  -6.587  1.00 31.02  ? 21  ARG A C   1 
ATOM   171  O  O   . ARG A 1 22  ? -9.503  14.426  -6.705  1.00 30.15  ? 21  ARG A O   1 
ATOM   172  C  CB  . ARG A 1 22  ? -11.095 12.347  -8.752  1.00 29.13  ? 21  ARG A CB  1 
ATOM   173  C  CG  . ARG A 1 22  ? -10.806 11.600  -10.045 1.00 30.63  ? 21  ARG A CG  1 
ATOM   174  C  CD  . ARG A 1 22  ? -12.069 11.590  -10.908 1.00 29.99  ? 21  ARG A CD  1 
ATOM   175  N  NE  . ARG A 1 22  ? -11.871 10.820  -12.124 1.00 33.29  ? 21  ARG A NE  1 
ATOM   176  C  CZ  . ARG A 1 22  ? -12.748 10.724  -13.123 1.00 32.37  ? 21  ARG A CZ  1 
ATOM   177  N  NH1 . ARG A 1 22  ? -13.927 11.321  -13.065 1.00 33.12  ? 21  ARG A NH1 1 
ATOM   178  N  NH2 . ARG A 1 22  ? -12.432 9.979   -14.159 1.00 32.25  ? 21  ARG A NH2 1 
ATOM   179  N  N   . LEU A 1 23  ? -10.830 12.990  -5.526  1.00 31.27  ? 22  LEU A N   1 
ATOM   180  C  CA  . LEU A 1 23  ? -10.966 13.873  -4.319  1.00 32.99  ? 22  LEU A CA  1 
ATOM   181  C  C   . LEU A 1 23  ? -9.610  14.038  -3.591  1.00 32.58  ? 22  LEU A C   1 
ATOM   182  O  O   . LEU A 1 23  ? -9.360  15.138  -3.068  1.00 32.04  ? 22  LEU A O   1 
ATOM   183  C  CB  . LEU A 1 23  ? -12.009 13.271  -3.368  1.00 35.67  ? 22  LEU A CB  1 
ATOM   184  C  CG  . LEU A 1 23  ? -12.274 14.027  -2.066  1.00 38.20  ? 22  LEU A CG  1 
ATOM   185  C  CD1 . LEU A 1 23  ? -12.864 15.404  -2.349  1.00 39.03  ? 22  LEU A CD1 1 
ATOM   186  C  CD2 . LEU A 1 23  ? -13.194 13.235  -1.158  1.00 42.84  ? 22  LEU A CD2 1 
ATOM   187  N  N   . ILE A 1 24  ? -8.765  12.997  -3.533  1.00 28.78  ? 23  ILE A N   1 
ATOM   188  C  CA  . ILE A 1 24  ? -7.388  13.080  -2.951  1.00 26.51  ? 23  ILE A CA  1 
ATOM   189  C  C   . ILE A 1 24  ? -6.532  13.972  -3.860  1.00 24.11  ? 23  ILE A C   1 
ATOM   190  O  O   . ILE A 1 24  ? -5.827  14.820  -3.325  1.00 23.12  ? 23  ILE A O   1 
ATOM   191  C  CB  . ILE A 1 24  ? -6.825  11.670  -2.727  1.00 28.02  ? 23  ILE A CB  1 
ATOM   192  C  CG1 . ILE A 1 24  ? -7.755  10.917  -1.762  1.00 30.73  ? 23  ILE A CG1 1 
ATOM   193  C  CG2 . ILE A 1 24  ? -5.366  11.729  -2.283  1.00 27.77  ? 23  ILE A CG2 1 
ATOM   194  C  CD1 . ILE A 1 24  ? -7.474  9.444   -1.595  1.00 31.30  ? 23  ILE A CD1 1 
ATOM   195  N  N   . ARG A 1 25  ? -6.667  13.877  -5.182  1.00 23.65  ? 24  ARG A N   1 
ATOM   196  C  CA  . ARG A 1 25  ? -5.930  14.740  -6.139  1.00 24.27  ? 24  ARG A CA  1 
ATOM   197  C  C   . ARG A 1 25  ? -6.310  16.197  -5.871  1.00 26.88  ? 24  ARG A C   1 
ATOM   198  O  O   . ARG A 1 25  ? -5.432  17.049  -5.889  1.00 26.62  ? 24  ARG A O   1 
ATOM   199  C  CB  . ARG A 1 25  ? -6.232  14.354  -7.589  1.00 24.89  ? 24  ARG A CB  1 
ATOM   200  C  CG  . ARG A 1 25  ? -5.537  13.075  -8.016  1.00 25.82  ? 24  ARG A CG  1 
ATOM   201  C  CD  . ARG A 1 25  ? -5.683  12.820  -9.500  1.00 29.62  ? 24  ARG A CD  1 
ATOM   202  N  NE  . ARG A 1 25  ? -5.160  11.477  -9.687  1.00 28.07  ? 24  ARG A NE  1 
ATOM   203  C  CZ  . ARG A 1 25  ? -5.560  10.587  -10.605 1.00 30.51  ? 24  ARG A CZ  1 
ATOM   204  N  NH1 . ARG A 1 25  ? -6.493  10.873  -11.501 1.00 29.45  ? 24  ARG A NH1 1 
ATOM   205  N  NH2 . ARG A 1 25  ? -4.993  9.395   -10.606 1.00 30.46  ? 24  ARG A NH2 1 
ATOM   206  N  N   . GLU A 1 26  ? -7.582  16.456  -5.588  1.00 26.09  ? 25  GLU A N   1 
ATOM   207  C  CA  . GLU A 1 26  ? -8.116  17.833  -5.382  1.00 31.51  ? 25  GLU A CA  1 
ATOM   208  C  C   . GLU A 1 26  ? -7.707  18.332  -3.980  1.00 29.79  ? 25  GLU A C   1 
ATOM   209  O  O   . GLU A 1 26  ? -7.186  19.449  -3.918  1.00 30.55  ? 25  GLU A O   1 
ATOM   210  C  CB  . GLU A 1 26  ? -9.629  17.874  -5.653  1.00 39.31  ? 25  GLU A CB  1 
ATOM   211  C  CG  . GLU A 1 26  ? -10.258 19.260  -5.540  1.00 46.09  ? 25  GLU A CG  1 
ATOM   212  C  CD  . GLU A 1 26  ? -9.902  20.261  -6.636  1.00 52.63  ? 25  GLU A CD  1 
ATOM   213  O  OE1 . GLU A 1 26  ? -9.290  19.868  -7.666  1.00 52.61  ? 25  GLU A OE1 1 
ATOM   214  O  OE2 . GLU A 1 26  ? -10.251 21.443  -6.467  1.00 59.92  ? 25  GLU A OE2 1 
ATOM   215  N  N   . GLN A 1 27  ? -7.837  17.534  -2.918  1.00 28.23  ? 26  GLN A N   1 
ATOM   216  C  CA  . GLN A 1 27  ? -7.687  17.994  -1.510  1.00 28.28  ? 26  GLN A CA  1 
ATOM   217  C  C   . GLN A 1 27  ? -6.279  17.733  -0.963  1.00 30.26  ? 26  GLN A C   1 
ATOM   218  O  O   . GLN A 1 27  ? -5.871  18.424  -0.029  1.00 27.04  ? 26  GLN A O   1 
ATOM   219  C  CB  . GLN A 1 27  ? -8.749  17.336  -0.638  1.00 32.66  ? 26  GLN A CB  1 
ATOM   220  C  CG  . GLN A 1 27  ? -10.148 17.773  -1.041  1.00 37.64  ? 26  GLN A CG  1 
ATOM   221  C  CD  . GLN A 1 27  ? -11.199 17.371  -0.035  1.00 43.08  ? 26  GLN A CD  1 
ATOM   222  O  OE1 . GLN A 1 27  ? -11.014 16.432  0.734   1.00 46.85  ? 26  GLN A OE1 1 
ATOM   223  N  NE2 . GLN A 1 27  ? -12.315 18.090  -0.043  1.00 45.18  ? 26  GLN A NE2 1 
ATOM   224  N  N   . HIS A 1 28  ? -5.562  16.741  -1.473  1.00 26.34  ? 27  HIS A N   1 
ATOM   225  C  CA  . HIS A 1 28  ? -4.201  16.417  -0.971  1.00 26.41  ? 27  HIS A CA  1 
ATOM   226  C  C   . HIS A 1 28  ? -3.346  16.170  -2.188  1.00 22.68  ? 27  HIS A C   1 
ATOM   227  O  O   . HIS A 1 28  ? -2.867  15.070  -2.367  1.00 22.79  ? 27  HIS A O   1 
ATOM   228  C  CB  . HIS A 1 28  ? -4.213  15.228  0.004   1.00 30.19  ? 27  HIS A CB  1 
ATOM   229  C  CG  . HIS A 1 28  ? -5.215  15.377  1.097   1.00 32.71  ? 27  HIS A CG  1 
ATOM   230  N  ND1 . HIS A 1 28  ? -4.941  16.075  2.253   1.00 34.23  ? 27  HIS A ND1 1 
ATOM   231  C  CD2 . HIS A 1 28  ? -6.487  14.917  1.204   1.00 35.56  ? 27  HIS A CD2 1 
ATOM   232  C  CE1 . HIS A 1 28  ? -6.028  16.079  3.009   1.00 36.86  ? 27  HIS A CE1 1 
ATOM   233  N  NE2 . HIS A 1 28  ? -6.990  15.371  2.387   1.00 35.76  ? 27  HIS A NE2 1 
ATOM   234  N  N   . PRO A 1 29  ? -3.131  17.205  -3.006  1.00 23.18  ? 28  PRO A N   1 
ATOM   235  C  CA  . PRO A 1 29  ? -2.469  17.057  -4.302  1.00 23.71  ? 28  PRO A CA  1 
ATOM   236  C  C   . PRO A 1 29  ? -1.049  16.485  -4.194  1.00 23.59  ? 28  PRO A C   1 
ATOM   237  O  O   . PRO A 1 29  ? -0.661  15.834  -5.163  1.00 24.22  ? 28  PRO A O   1 
ATOM   238  C  CB  . PRO A 1 29  ? -2.511  18.480  -4.903  1.00 23.81  ? 28  PRO A CB  1 
ATOM   239  C  CG  . PRO A 1 29  ? -2.608  19.388  -3.685  1.00 24.06  ? 28  PRO A CG  1 
ATOM   240  C  CD  . PRO A 1 29  ? -3.499  18.607  -2.742  1.00 25.16  ? 28  PRO A CD  1 
ATOM   241  N  N   . THR A 1 30  ? -0.337  16.623  -3.064  1.00 24.25  ? 29  THR A N   1 
ATOM   242  C  CA  . THR A 1 30  ? 1.078   16.122  -2.941  1.00 24.72  ? 29  THR A CA  1 
ATOM   243  C  C   . THR A 1 30  ? 1.129   14.681  -2.397  1.00 24.33  ? 29  THR A C   1 
ATOM   244  O  O   . THR A 1 30  ? 2.255   14.150  -2.198  1.00 27.96  ? 29  THR A O   1 
ATOM   245  C  CB  . THR A 1 30  ? 1.978   17.042  -2.091  1.00 23.89  ? 29  THR A CB  1 
ATOM   246  O  OG1 . THR A 1 30  ? 1.633   16.916  -0.712  1.00 22.85  ? 29  THR A OG1 1 
ATOM   247  C  CG2 . THR A 1 30  ? 1.925   18.487  -2.528  1.00 23.55  ? 29  THR A CG2 1 
ATOM   248  N  N   . LYS A 1 31  ? -0.018  14.042  -2.161  1.00 24.79  ? 30  LYS A N   1 
ATOM   249  C  CA  . LYS A 1 31  ? -0.094  12.716  -1.499  1.00 22.92  ? 30  LYS A CA  1 
ATOM   250  C  C   . LYS A 1 31  ? -0.338  11.620  -2.541  1.00 22.59  ? 30  LYS A C   1 
ATOM   251  O  O   . LYS A 1 31  ? -1.093  11.843  -3.502  1.00 23.41  ? 30  LYS A O   1 
ATOM   252  C  CB  . LYS A 1 31  ? -1.179  12.733  -0.417  1.00 25.14  ? 30  LYS A CB  1 
ATOM   253  C  CG  . LYS A 1 31  ? -0.962  13.732  0.725   1.00 29.28  ? 30  LYS A CG  1 
ATOM   254  C  CD  . LYS A 1 31  ? 0.412   13.690  1.363   1.00 30.61  ? 30  LYS A CD  1 
ATOM   255  C  CE  . LYS A 1 31  ? 0.674   14.860  2.312   1.00 33.82  ? 30  LYS A CE  1 
ATOM   256  N  NZ  . LYS A 1 31  ? -0.329  14.888  3.388   1.00 34.63  ? 30  LYS A NZ  1 
ATOM   257  N  N   . ILE A 1 32  ? 0.249   10.434  -2.331  1.00 22.04  ? 31  ILE A N   1 
ATOM   258  C  CA  . ILE A 1 32  ? -0.066  9.233   -3.147  1.00 22.49  ? 31  ILE A CA  1 
ATOM   259  C  C   . ILE A 1 32  ? -1.166  8.458   -2.423  1.00 22.13  ? 31  ILE A C   1 
ATOM   260  O  O   . ILE A 1 32  ? -0.981  8.142   -1.246  1.00 21.84  ? 31  ILE A O   1 
ATOM   261  C  CB  . ILE A 1 32  ? 1.193   8.382   -3.421  1.00 21.24  ? 31  ILE A CB  1 
ATOM   262  C  CG1 . ILE A 1 32  ? 2.271   9.214   -4.136  1.00 23.00  ? 31  ILE A CG1 1 
ATOM   263  C  CG2 . ILE A 1 32  ? 0.824   7.122   -4.195  1.00 20.70  ? 31  ILE A CG2 1 
ATOM   264  C  CD1 . ILE A 1 32  ? 1.819   9.879   -5.449  1.00 24.05  ? 31  ILE A CD1 1 
ATOM   265  N  N   . PRO A 1 33  ? -2.290  8.124   -3.101  1.00 24.21  ? 32  PRO A N   1 
ATOM   266  C  CA  . PRO A 1 33  ? -3.349  7.290   -2.522  1.00 23.13  ? 32  PRO A CA  1 
ATOM   267  C  C   . PRO A 1 33  ? -2.968  5.803   -2.526  1.00 23.88  ? 32  PRO A C   1 
ATOM   268  O  O   . PRO A 1 33  ? -2.802  5.222   -3.624  1.00 23.33  ? 32  PRO A O   1 
ATOM   269  C  CB  . PRO A 1 33  ? -4.533  7.612   -3.437  1.00 24.44  ? 32  PRO A CB  1 
ATOM   270  C  CG  . PRO A 1 33  ? -3.925  7.827   -4.777  1.00 25.95  ? 32  PRO A CG  1 
ATOM   271  C  CD  . PRO A 1 33  ? -2.633  8.541   -4.468  1.00 25.70  ? 32  PRO A CD  1 
ATOM   272  N  N   . VAL A 1 34  ? -2.751  5.228   -1.337  1.00 22.81  ? 33  VAL A N   1 
ATOM   273  C  CA  . VAL A 1 34  ? -2.244  3.836   -1.212  1.00 23.57  ? 33  VAL A CA  1 
ATOM   274  C  C   . VAL A 1 34  ? -3.262  2.979   -0.440  1.00 26.52  ? 33  VAL A C   1 
ATOM   275  O  O   . VAL A 1 34  ? -3.774  3.444   0.587   1.00 25.63  ? 33  VAL A O   1 
ATOM   276  C  CB  . VAL A 1 34  ? -0.842  3.810   -0.586  1.00 23.27  ? 33  VAL A CB  1 
ATOM   277  C  CG1 . VAL A 1 34  ? -0.292  2.392   -0.532  1.00 26.38  ? 33  VAL A CG1 1 
ATOM   278  C  CG2 . VAL A 1 34  ? 0.102   4.736   -1.331  1.00 22.51  ? 33  VAL A CG2 1 
ATOM   279  N  N   . ILE A 1 35  ? -3.558  1.798   -0.969  1.00 26.72  ? 34  ILE A N   1 
ATOM   280  C  CA  . ILE A 1 35  ? -4.387  0.755   -0.292  1.00 25.69  ? 34  ILE A CA  1 
ATOM   281  C  C   . ILE A 1 35  ? -3.411  -0.279  0.250   1.00 24.89  ? 34  ILE A C   1 
ATOM   282  O  O   . ILE A 1 35  ? -2.570  -0.760  -0.527  1.00 26.36  ? 34  ILE A O   1 
ATOM   283  C  CB  . ILE A 1 35  ? -5.417  0.156   -1.272  1.00 25.98  ? 34  ILE A CB  1 
ATOM   284  C  CG1 . ILE A 1 35  ? -6.390  1.212   -1.796  1.00 25.62  ? 34  ILE A CG1 1 
ATOM   285  C  CG2 . ILE A 1 35  ? -6.154  -1.027  -0.638  1.00 28.05  ? 34  ILE A CG2 1 
ATOM   286  C  CD1 . ILE A 1 35  ? -7.084  2.020   -0.730  1.00 26.92  ? 34  ILE A CD1 1 
ATOM   287  N  N   . ILE A 1 36  ? -3.433  -0.555  1.554   1.00 25.71  ? 35  ILE A N   1 
ATOM   288  C  CA  . ILE A 1 36  ? -2.487  -1.544  2.140   1.00 26.86  ? 35  ILE A CA  1 
ATOM   289  C  C   . ILE A 1 36  ? -3.322  -2.606  2.855   1.00 29.93  ? 35  ILE A C   1 
ATOM   290  O  O   . ILE A 1 36  ? -4.090  -2.217  3.729   1.00 27.19  ? 35  ILE A O   1 
ATOM   291  C  CB  . ILE A 1 36  ? -1.480  -0.884  3.087   1.00 28.63  ? 35  ILE A CB  1 
ATOM   292  C  CG1 . ILE A 1 36  ? -0.824  0.340   2.430   1.00 29.06  ? 35  ILE A CG1 1 
ATOM   293  C  CG2 . ILE A 1 36  ? -0.464  -1.914  3.552   1.00 28.66  ? 35  ILE A CG2 1 
ATOM   294  C  CD1 . ILE A 1 36  ? 0.130   1.109   3.357   1.00 27.77  ? 35  ILE A CD1 1 
ATOM   295  N  N   . GLU A 1 37  ? -3.156  -3.868  2.467   1.00 29.00  ? 36  GLU A N   1 
ATOM   296  C  CA  . GLU A 1 37  ? -3.990  -4.999  2.939   1.00 31.27  ? 36  GLU A CA  1 
ATOM   297  C  C   . GLU A 1 37  ? -3.074  -6.139  3.391   1.00 30.92  ? 36  GLU A C   1 
ATOM   298  O  O   . GLU A 1 37  ? -1.985  -6.286  2.835   1.00 27.43  ? 36  GLU A O   1 
ATOM   299  C  CB  . GLU A 1 37  ? -4.986  -5.380  1.834   1.00 31.75  ? 36  GLU A CB  1 
ATOM   300  C  CG  . GLU A 1 37  ? -6.096  -4.345  1.677   1.00 34.71  ? 36  GLU A CG  1 
ATOM   301  C  CD  . GLU A 1 37  ? -7.084  -4.673  0.575   1.00 36.54  ? 36  GLU A CD  1 
ATOM   302  O  OE1 . GLU A 1 37  ? -6.646  -4.888  -0.585  1.00 34.41  ? 36  GLU A OE1 1 
ATOM   303  O  OE2 . GLU A 1 37  ? -8.286  -4.725  0.883   1.00 38.86  ? 36  GLU A OE2 1 
ATOM   304  N  N   . ARG A 1 38  ? -3.509  -6.911  4.389   1.00 31.08  ? 37  ARG A N   1 
ATOM   305  C  CA  . ARG A 1 38  ? -2.775  -8.113  4.824   1.00 31.75  ? 37  ARG A CA  1 
ATOM   306  C  C   . ARG A 1 38  ? -3.109  -9.264  3.870   1.00 35.59  ? 37  ARG A C   1 
ATOM   307  O  O   . ARG A 1 38  ? -4.302  -9.398  3.494   1.00 34.09  ? 37  ARG A O   1 
ATOM   308  C  CB  . ARG A 1 38  ? -3.160  -8.495  6.252   1.00 34.66  ? 37  ARG A CB  1 
ATOM   309  C  CG  . ARG A 1 38  ? -2.302  -9.641  6.771   1.00 35.61  ? 37  ARG A CG  1 
ATOM   310  C  CD  . ARG A 1 38  ? -2.536  -9.976  8.232   1.00 37.50  ? 37  ARG A CD  1 
ATOM   311  N  NE  . ARG A 1 38  ? -3.921  -10.349 8.467   1.00 40.16  ? 37  ARG A NE  1 
ATOM   312  C  CZ  . ARG A 1 38  ? -4.392  -10.847 9.604   1.00 45.94  ? 37  ARG A CZ  1 
ATOM   313  N  NH1 . ARG A 1 38  ? -3.571  -11.051 10.621  1.00 43.58  ? 37  ARG A NH1 1 
ATOM   314  N  NH2 . ARG A 1 38  ? -5.692  -11.111 9.717   1.00 43.68  ? 37  ARG A NH2 1 
ATOM   315  N  N   . TYR A 1 39  ? -2.104  -10.049 3.477   1.00 38.01  ? 38  TYR A N   1 
ATOM   316  C  CA  . TYR A 1 39  ? -2.269  -11.278 2.656   1.00 39.01  ? 38  TYR A CA  1 
ATOM   317  C  C   . TYR A 1 39  ? -3.330  -12.160 3.339   1.00 42.84  ? 38  TYR A C   1 
ATOM   318  O  O   . TYR A 1 39  ? -3.373  -12.227 4.598   1.00 37.26  ? 38  TYR A O   1 
ATOM   319  C  CB  . TYR A 1 39  ? -0.900  -11.923 2.484   1.00 46.65  ? 38  TYR A CB  1 
ATOM   320  C  CG  . TYR A 1 39  ? -0.903  -13.321 1.928   1.00 53.34  ? 38  TYR A CG  1 
ATOM   321  C  CD1 . TYR A 1 39  ? -1.405  -13.588 0.667   1.00 51.86  ? 38  TYR A CD1 1 
ATOM   322  C  CD2 . TYR A 1 39  ? -0.348  -14.367 2.657   1.00 56.95  ? 38  TYR A CD2 1 
ATOM   323  C  CE1 . TYR A 1 39  ? -1.391  -14.878 0.156   1.00 63.33  ? 38  TYR A CE1 1 
ATOM   324  C  CE2 . TYR A 1 39  ? -0.317  -15.657 2.154   1.00 63.40  ? 38  TYR A CE2 1 
ATOM   325  C  CZ  . TYR A 1 39  ? -0.844  -15.913 0.901   1.00 64.95  ? 38  TYR A CZ  1 
ATOM   326  O  OH  . TYR A 1 39  ? -0.806  -17.188 0.408   1.00 81.46  ? 38  TYR A OH  1 
ATOM   327  N  N   . LYS A 1 40  ? -4.249  -12.752 2.569   1.00 43.86  ? 39  LYS A N   1 
ATOM   328  C  CA  . LYS A 1 40  ? -5.462  -13.378 3.176   1.00 52.18  ? 39  LYS A CA  1 
ATOM   329  C  C   . LYS A 1 40  ? -5.048  -14.695 3.857   1.00 45.73  ? 39  LYS A C   1 
ATOM   330  O  O   . LYS A 1 40  ? -5.743  -15.078 4.789   1.00 50.19  ? 39  LYS A O   1 
ATOM   331  C  CB  . LYS A 1 40  ? -6.634  -13.465 2.189   1.00 60.91  ? 39  LYS A CB  1 
ATOM   332  C  CG  . LYS A 1 40  ? -6.663  -14.661 1.247   1.00 73.09  ? 39  LYS A CG  1 
ATOM   333  C  CD  . LYS A 1 40  ? -7.564  -14.455 0.026   1.00 83.13  ? 39  LYS A CD  1 
ATOM   334  C  CE  . LYS A 1 40  ? -8.902  -13.785 0.301   1.00 90.40  ? 39  LYS A CE  1 
ATOM   335  N  NZ  . LYS A 1 40  ? -9.903  -14.728 0.856   1.00 92.15  ? 39  LYS A NZ  1 
ATOM   336  N  N   . GLY A 1 41  ? -3.877  -15.255 3.535   1.00 45.26  ? 40  GLY A N   1 
ATOM   337  C  CA  . GLY A 1 41  ? -3.293  -16.402 4.262   1.00 50.76  ? 40  GLY A CA  1 
ATOM   338  C  C   . GLY A 1 41  ? -2.599  -16.048 5.578   1.00 53.99  ? 40  GLY A C   1 
ATOM   339  O  O   . GLY A 1 41  ? -2.263  -16.987 6.337   1.00 52.94  ? 40  GLY A O   1 
ATOM   340  N  N   . GLU A 1 42  ? -2.376  -14.765 5.878   1.00 52.03  ? 41  GLU A N   1 
ATOM   341  C  CA  . GLU A 1 42  ? -1.361  -14.339 6.883   1.00 50.15  ? 41  GLU A CA  1 
ATOM   342  C  C   . GLU A 1 42  ? -1.780  -14.702 8.322   1.00 53.70  ? 41  GLU A C   1 
ATOM   343  O  O   . GLU A 1 42  ? -2.886  -14.327 8.760   1.00 53.10  ? 41  GLU A O   1 
ATOM   344  C  CB  . GLU A 1 42  ? -1.086  -12.840 6.750   1.00 51.79  ? 41  GLU A CB  1 
ATOM   345  C  CG  . GLU A 1 42  ? -0.045  -12.342 7.737   1.00 44.36  ? 41  GLU A CG  1 
ATOM   346  C  CD  . GLU A 1 42  ? 1.282   -13.048 7.631   1.00 41.43  ? 41  GLU A CD  1 
ATOM   347  O  OE1 . GLU A 1 42  ? 1.688   -13.411 6.494   1.00 42.16  ? 41  GLU A OE1 1 
ATOM   348  O  OE2 . GLU A 1 42  ? 1.912   -13.231 8.676   1.00 40.15  ? 41  GLU A OE2 1 
ATOM   349  N  N   . LYS A 1 43  ? -0.885  -15.382 9.043   1.00 57.99  ? 42  LYS A N   1 
ATOM   350  C  CA  . LYS A 1 43  ? -1.105  -15.886 10.420  1.00 64.81  ? 42  LYS A CA  1 
ATOM   351  C  C   . LYS A 1 43  ? -0.406  -14.966 11.423  1.00 60.95  ? 42  LYS A C   1 
ATOM   352  O  O   . LYS A 1 43  ? -1.008  -14.637 12.448  1.00 66.32  ? 42  LYS A O   1 
ATOM   353  C  CB  . LYS A 1 43  ? -0.549  -17.309 10.541  1.00 74.77  ? 42  LYS A CB  1 
ATOM   354  C  CG  . LYS A 1 43  ? -1.068  -18.317 9.522   1.00 81.58  ? 42  LYS A CG  1 
ATOM   355  C  CD  . LYS A 1 43  ? -2.585  -18.424 9.489   1.00 84.33  ? 42  LYS A CD  1 
ATOM   356  C  CE  . LYS A 1 43  ? -3.071  -19.715 8.865   1.00 85.02  ? 42  LYS A CE  1 
ATOM   357  N  NZ  . LYS A 1 43  ? -4.499  -19.964 9.164   1.00 85.03  ? 42  LYS A NZ  1 
ATOM   358  N  N   . GLN A 1 44  ? 0.829   -14.568 11.138  1.00 56.87  ? 43  GLN A N   1 
ATOM   359  C  CA  . GLN A 1 44  ? 1.747   -13.997 12.153  1.00 50.76  ? 43  GLN A CA  1 
ATOM   360  C  C   . GLN A 1 44  ? 1.469   -12.494 12.328  1.00 49.19  ? 43  GLN A C   1 
ATOM   361  O  O   . GLN A 1 44  ? 1.266   -12.057 13.468  1.00 55.05  ? 43  GLN A O   1 
ATOM   362  C  CB  . GLN A 1 44  ? 3.197   -14.290 11.759  1.00 58.06  ? 43  GLN A CB  1 
ATOM   363  C  CG  . GLN A 1 44  ? 3.481   -15.761 11.460  1.00 70.20  ? 43  GLN A CG  1 
ATOM   364  C  CD  . GLN A 1 44  ? 2.951   -16.700 12.521  1.00 81.76  ? 43  GLN A CD  1 
ATOM   365  O  OE1 . GLN A 1 44  ? 3.264   -16.584 13.705  1.00 84.17  ? 43  GLN A OE1 1 
ATOM   366  N  NE2 . GLN A 1 44  ? 2.132   -17.649 12.101  1.00 92.14  ? 43  GLN A NE2 1 
ATOM   367  N  N   . LEU A 1 45  ? 1.456   -11.720 11.246  1.00 43.05  ? 44  LEU A N   1 
ATOM   368  C  CA  . LEU A 1 45  ? 1.396   -10.240 11.314  1.00 38.07  ? 44  LEU A CA  1 
ATOM   369  C  C   . LEU A 1 45  ? -0.024  -9.806  11.655  1.00 36.95  ? 44  LEU A C   1 
ATOM   370  O  O   . LEU A 1 45  ? -0.997  -10.455 11.263  1.00 36.37  ? 44  LEU A O   1 
ATOM   371  C  CB  . LEU A 1 45  ? 1.860   -9.662  9.974   1.00 40.87  ? 44  LEU A CB  1 
ATOM   372  C  CG  . LEU A 1 45  ? 3.307   -9.944  9.590   1.00 39.33  ? 44  LEU A CG  1 
ATOM   373  C  CD1 . LEU A 1 45  ? 3.586   -9.452  8.194   1.00 39.58  ? 44  LEU A CD1 1 
ATOM   374  C  CD2 . LEU A 1 45  ? 4.290   -9.326  10.567  1.00 38.11  ? 44  LEU A CD2 1 
ATOM   375  N  N   . PRO A 1 46  ? -0.190  -8.681  12.391  1.00 34.25  ? 45  PRO A N   1 
ATOM   376  C  CA  . PRO A 1 46  ? -1.513  -8.131  12.670  1.00 37.27  ? 45  PRO A CA  1 
ATOM   377  C  C   . PRO A 1 46  ? -2.138  -7.431  11.459  1.00 34.76  ? 45  PRO A C   1 
ATOM   378  O  O   . PRO A 1 46  ? -1.459  -7.186  10.489  1.00 35.50  ? 45  PRO A O   1 
ATOM   379  C  CB  . PRO A 1 46  ? -1.281  -7.112  13.791  1.00 38.03  ? 45  PRO A CB  1 
ATOM   380  C  CG  . PRO A 1 46  ? 0.176   -6.727  13.667  1.00 38.67  ? 45  PRO A CG  1 
ATOM   381  C  CD  . PRO A 1 46  ? 0.886   -7.900  13.011  1.00 38.83  ? 45  PRO A CD  1 
ATOM   382  N  N   . VAL A 1 47  ? -3.412  -7.082  11.581  1.00 36.87  ? 46  VAL A N   1 
ATOM   383  C  CA  . VAL A 1 47  ? -4.090  -6.167  10.628  1.00 36.05  ? 46  VAL A CA  1 
ATOM   384  C  C   . VAL A 1 47  ? -3.759  -4.726  11.022  1.00 37.11  ? 46  VAL A C   1 
ATOM   385  O  O   . VAL A 1 47  ? -3.522  -4.437  12.218  1.00 37.74  ? 46  VAL A O   1 
ATOM   386  C  CB  . VAL A 1 47  ? -5.613  -6.381  10.550  1.00 37.00  ? 46  VAL A CB  1 
ATOM   387  C  CG1 . VAL A 1 47  ? -5.958  -7.783  10.060  1.00 37.36  ? 46  VAL A CG1 1 
ATOM   388  C  CG2 . VAL A 1 47  ? -6.304  -6.069  11.872  1.00 44.57  ? 46  VAL A CG2 1 
ATOM   389  N  N   . LEU A 1 48  ? -3.804  -3.850  10.029  1.00 34.10  ? 47  LEU A N   1 
ATOM   390  C  CA  . LEU A 1 48  ? -3.633  -2.389  10.200  1.00 33.83  ? 47  LEU A CA  1 
ATOM   391  C  C   . LEU A 1 48  ? -4.936  -1.813  10.754  1.00 31.57  ? 47  LEU A C   1 
ATOM   392  O  O   . LEU A 1 48  ? -5.966  -2.502  10.667  1.00 31.77  ? 47  LEU A O   1 
ATOM   393  C  CB  . LEU A 1 48  ? -3.321  -1.816  8.817   1.00 32.98  ? 47  LEU A CB  1 
ATOM   394  C  CG  . LEU A 1 48  ? -1.896  -2.004  8.330   1.00 30.78  ? 47  LEU A CG  1 
ATOM   395  C  CD1 . LEU A 1 48  ? -1.795  -1.592  6.868   1.00 31.21  ? 47  LEU A CD1 1 
ATOM   396  C  CD2 . LEU A 1 48  ? -0.943  -1.170  9.157   1.00 32.45  ? 47  LEU A CD2 1 
ATOM   397  N  N   . ASP A 1 49  ? -4.874  -0.587  11.263  1.00 30.92  ? 48  ASP A N   1 
ATOM   398  C  CA  . ASP A 1 49  ? -6.010  0.154   11.866  1.00 33.08  ? 48  ASP A CA  1 
ATOM   399  C  C   . ASP A 1 49  ? -6.898  0.729   10.752  1.00 34.47  ? 48  ASP A C   1 
ATOM   400  O  O   . ASP A 1 49  ? -8.047  1.151   11.019  1.00 30.53  ? 48  ASP A O   1 
ATOM   401  C  CB  . ASP A 1 49  ? -5.441  1.220   12.806  1.00 34.46  ? 48  ASP A CB  1 
ATOM   402  C  CG  . ASP A 1 49  ? -4.483  2.168   12.090  1.00 34.06  ? 48  ASP A CG  1 
ATOM   403  O  OD1 . ASP A 1 49  ? -4.934  3.279   11.739  1.00 35.94  ? 48  ASP A OD1 1 
ATOM   404  O  OD2 . ASP A 1 49  ? -3.276  1.780   11.879  1.00 32.95  ? 48  ASP A OD2 1 
ATOM   405  N  N   . LYS A 1 50  ? -6.382  0.822   9.529   1.00 30.24  ? 49  LYS A N   1 
ATOM   406  C  CA  . LYS A 1 50  ? -7.193  1.300   8.384   1.00 30.76  ? 49  LYS A CA  1 
ATOM   407  C  C   . LYS A 1 50  ? -6.582  0.687   7.118   1.00 28.99  ? 49  LYS A C   1 
ATOM   408  O  O   . LYS A 1 50  ? -5.612  -0.078  7.222   1.00 29.39  ? 49  LYS A O   1 
ATOM   409  C  CB  . LYS A 1 50  ? -7.306  2.829   8.414   1.00 32.47  ? 49  LYS A CB  1 
ATOM   410  C  CG  . LYS A 1 50  ? -6.072  3.594   7.971   1.00 31.74  ? 49  LYS A CG  1 
ATOM   411  C  CD  . LYS A 1 50  ? -6.201  5.106   8.051   1.00 33.90  ? 49  LYS A CD  1 
ATOM   412  C  CE  . LYS A 1 50  ? -4.881  5.777   7.694   1.00 36.85  ? 49  LYS A CE  1 
ATOM   413  N  NZ  . LYS A 1 50  ? -5.009  7.246   7.583   1.00 38.40  ? 49  LYS A NZ  1 
ATOM   414  N  N   A THR A 1 51  ? -7.144  0.986   5.945   0.06 28.67  ? 50  THR A N   1 
ATOM   415  N  N   B THR A 1 51  ? -7.171  1.023   5.970   0.45 29.32  ? 50  THR A N   1 
ATOM   416  C  CA  A THR A 1 51  ? -6.695  0.406   4.647   0.06 28.10  ? 50  THR A CA  1 
ATOM   417  C  CA  B THR A 1 51  ? -6.868  0.440   4.634   0.45 28.91  ? 50  THR A CA  1 
ATOM   418  C  C   A THR A 1 51  ? -6.200  1.504   3.696   0.06 27.79  ? 50  THR A C   1 
ATOM   419  C  C   B THR A 1 51  ? -6.231  1.492   3.718   0.45 28.12  ? 50  THR A C   1 
ATOM   420  O  O   A THR A 1 51  ? -5.251  1.216   2.938   0.06 27.35  ? 50  THR A O   1 
ATOM   421  O  O   B THR A 1 51  ? -5.273  1.146   2.982   0.45 25.52  ? 50  THR A O   1 
ATOM   422  C  CB  A THR A 1 51  ? -7.792  -0.464  4.022   0.06 28.13  ? 50  THR A CB  1 
ATOM   423  C  CB  B THR A 1 51  ? -8.148  -0.093  3.980   0.45 30.82  ? 50  THR A CB  1 
ATOM   424  O  OG1 A THR A 1 51  ? -7.294  -1.004  2.797   0.06 28.27  ? 50  THR A OG1 1 
ATOM   425  O  OG1 B THR A 1 51  ? -8.676  -1.131  4.810   0.45 33.79  ? 50  THR A OG1 1 
ATOM   426  C  CG2 A THR A 1 51  ? -9.075  0.295   3.767   0.06 28.10  ? 50  THR A CG2 1 
ATOM   427  C  CG2 B THR A 1 51  ? -7.920  -0.627  2.586   0.45 31.82  ? 50  THR A CG2 1 
ATOM   428  N  N   . LYS A 1 52  ? -6.801  2.699   3.724   1.00 26.87  ? 51  LYS A N   1 
ATOM   429  C  CA  . LYS A 1 52  ? -6.444  3.807   2.799   1.00 28.32  ? 51  LYS A CA  1 
ATOM   430  C  C   . LYS A 1 52  ? -5.490  4.787   3.483   1.00 28.34  ? 51  LYS A C   1 
ATOM   431  O  O   . LYS A 1 52  ? -5.864  5.361   4.524   1.00 27.39  ? 51  LYS A O   1 
ATOM   432  C  CB  . LYS A 1 52  ? -7.742  4.454   2.311   1.00 28.64  ? 51  LYS A CB  1 
ATOM   433  C  CG  . LYS A 1 52  ? -7.541  5.531   1.270   1.00 31.83  ? 51  LYS A CG  1 
ATOM   434  C  CD  . LYS A 1 52  ? -8.835  6.127   0.815   1.00 34.97  ? 51  LYS A CD  1 
ATOM   435  C  CE  . LYS A 1 52  ? -9.449  7.001   1.880   1.00 37.35  ? 51  LYS A CE  1 
ATOM   436  N  NZ  . LYS A 1 52  ? -10.584 7.760   1.330   1.00 40.29  ? 51  LYS A NZ  1 
ATOM   437  N  N   . PHE A 1 53  ? -4.319  5.011   2.866   1.00 25.92  ? 52  PHE A N   1 
ATOM   438  C  CA  . PHE A 1 53  ? -3.200  5.837   3.390   1.00 25.97  ? 52  PHE A CA  1 
ATOM   439  C  C   . PHE A 1 53  ? -2.884  6.929   2.357   1.00 27.13  ? 52  PHE A C   1 
ATOM   440  O  O   . PHE A 1 53  ? -2.906  6.650   1.136   1.00 25.67  ? 52  PHE A O   1 
ATOM   441  C  CB  . PHE A 1 53  ? -1.983  4.949   3.692   1.00 26.28  ? 52  PHE A CB  1 
ATOM   442  C  CG  . PHE A 1 53  ? -2.233  3.966   4.812   1.00 29.00  ? 52  PHE A CG  1 
ATOM   443  C  CD1 . PHE A 1 53  ? -2.890  2.774   4.566   1.00 26.72  ? 52  PHE A CD1 1 
ATOM   444  C  CD2 . PHE A 1 53  ? -1.926  4.285   6.127   1.00 32.63  ? 52  PHE A CD2 1 
ATOM   445  C  CE1 . PHE A 1 53  ? -3.166  1.874   5.586   1.00 29.14  ? 52  PHE A CE1 1 
ATOM   446  C  CE2 . PHE A 1 53  ? -2.212  3.390   7.156   1.00 34.39  ? 52  PHE A CE2 1 
ATOM   447  C  CZ  . PHE A 1 53  ? -2.837  2.187   6.885   1.00 30.31  ? 52  PHE A CZ  1 
ATOM   448  N  N   . LEU A 1 54  ? -2.618  8.151   2.816   1.00 26.14  ? 53  LEU A N   1 
ATOM   449  C  CA  . LEU A 1 54  ? -2.115  9.246   1.960   1.00 26.67  ? 53  LEU A CA  1 
ATOM   450  C  C   . LEU A 1 54  ? -0.612  9.371   2.202   1.00 27.87  ? 53  LEU A C   1 
ATOM   451  O  O   . LEU A 1 54  ? -0.229  9.825   3.272   1.00 29.35  ? 53  LEU A O   1 
ATOM   452  C  CB  . LEU A 1 54  ? -2.887  10.541  2.275   1.00 29.62  ? 53  LEU A CB  1 
ATOM   453  C  CG  . LEU A 1 54  ? -4.387  10.520  2.011   1.00 34.41  ? 53  LEU A CG  1 
ATOM   454  C  CD1 . LEU A 1 54  ? -4.915  11.926  1.892   1.00 36.18  ? 53  LEU A CD1 1 
ATOM   455  C  CD2 . LEU A 1 54  ? -4.742  9.741   0.776   1.00 37.40  ? 53  LEU A CD2 1 
ATOM   456  N  N   . VAL A 1 55  ? 0.228   8.932   1.275   1.00 24.34  ? 54  VAL A N   1 
ATOM   457  C  CA  . VAL A 1 55  ? 1.707   8.890   1.493   1.00 24.53  ? 54  VAL A CA  1 
ATOM   458  C  C   . VAL A 1 55  ? 2.343   10.108  0.815   1.00 23.88  ? 54  VAL A C   1 
ATOM   459  O  O   . VAL A 1 55  ? 2.137   10.317  -0.366  1.00 26.37  ? 54  VAL A O   1 
ATOM   460  C  CB  . VAL A 1 55  ? 2.322   7.557   1.010   1.00 24.50  ? 54  VAL A CB  1 
ATOM   461  C  CG1 . VAL A 1 55  ? 3.800   7.491   1.328   1.00 23.56  ? 54  VAL A CG1 1 
ATOM   462  C  CG2 . VAL A 1 55  ? 1.594   6.367   1.620   1.00 25.68  ? 54  VAL A CG2 1 
ATOM   463  N  N   . PRO A 1 56  ? 3.172   10.918  1.517   1.00 27.60  ? 55  PRO A N   1 
ATOM   464  C  CA  . PRO A 1 56  ? 3.956   11.989  0.888   1.00 24.10  ? 55  PRO A CA  1 
ATOM   465  C  C   . PRO A 1 56  ? 4.722   11.454  -0.320  1.00 25.51  ? 55  PRO A C   1 
ATOM   466  O  O   . PRO A 1 56  ? 5.439   10.476  -0.133  1.00 24.81  ? 55  PRO A O   1 
ATOM   467  C  CB  . PRO A 1 56  ? 4.921   12.430  1.995   1.00 24.23  ? 55  PRO A CB  1 
ATOM   468  C  CG  . PRO A 1 56  ? 4.175   12.089  3.259   1.00 27.28  ? 55  PRO A CG  1 
ATOM   469  C  CD  . PRO A 1 56  ? 3.466   10.793  2.959   1.00 29.65  ? 55  PRO A CD  1 
ATOM   470  N  N   . ASP A 1 57  ? 4.631   12.136  -1.480  1.00 26.21  ? 56  ASP A N   1 
ATOM   471  C  CA  . ASP A 1 57  ? 5.092   11.598  -2.797  1.00 26.36  ? 56  ASP A CA  1 
ATOM   472  C  C   . ASP A 1 57  ? 6.633   11.553  -2.918  1.00 26.35  ? 56  ASP A C   1 
ATOM   473  O  O   . ASP A 1 57  ? 7.121   10.966  -3.884  1.00 27.12  ? 56  ASP A O   1 
ATOM   474  C  CB  . ASP A 1 57  ? 4.405   12.294  -3.970  1.00 26.78  ? 56  ASP A CB  1 
ATOM   475  C  CG  . ASP A 1 57  ? 5.044   13.606  -4.414  1.00 30.06  ? 56  ASP A CG  1 
ATOM   476  O  OD1 . ASP A 1 57  ? 5.764   14.215  -3.583  1.00 30.85  ? 56  ASP A OD1 1 
ATOM   477  O  OD2 . ASP A 1 57  ? 4.811   13.987  -5.589  1.00 28.37  ? 56  ASP A OD2 1 
ATOM   478  N  N   . HIS A 1 58  ? 7.371   12.140  -1.995  1.00 30.84  ? 57  HIS A N   1 
ATOM   479  C  CA  . HIS A 1 58  ? 8.858   12.180  -2.000  1.00 31.50  ? 57  HIS A CA  1 
ATOM   480  C  C   . HIS A 1 58  ? 9.437   10.992  -1.224  1.00 31.15  ? 57  HIS A C   1 
ATOM   481  O  O   . HIS A 1 58  ? 10.649  10.717  -1.411  1.00 30.07  ? 57  HIS A O   1 
ATOM   482  C  CB  . HIS A 1 58  ? 9.386   13.494  -1.402  1.00 33.92  ? 57  HIS A CB  1 
ATOM   483  C  CG  . HIS A 1 58  ? 9.002   13.670  0.017   1.00 35.17  ? 57  HIS A CG  1 
ATOM   484  N  ND1 . HIS A 1 58  ? 9.778   13.205  1.048   1.00 38.35  ? 57  HIS A ND1 1 
ATOM   485  C  CD2 . HIS A 1 58  ? 7.919   14.243  0.576   1.00 38.83  ? 57  HIS A CD2 1 
ATOM   486  C  CE1 . HIS A 1 58  ? 9.178   13.472  2.190   1.00 45.86  ? 57  HIS A CE1 1 
ATOM   487  N  NE2 . HIS A 1 58  ? 8.042   14.115  1.925   1.00 44.74  ? 57  HIS A NE2 1 
ATOM   488  N  N   . VAL A 1 59  ? 8.660   10.264  -0.415  1.00 27.28  ? 58  VAL A N   1 
ATOM   489  C  CA  . VAL A 1 59  ? 9.265   9.137   0.360   1.00 28.10  ? 58  VAL A CA  1 
ATOM   490  C  C   . VAL A 1 59  ? 9.583   7.963   -0.595  1.00 27.20  ? 58  VAL A C   1 
ATOM   491  O  O   . VAL A 1 59  ? 8.815   7.670   -1.480  1.00 25.53  ? 58  VAL A O   1 
ATOM   492  C  CB  . VAL A 1 59  ? 8.447   8.669   1.586   1.00 34.18  ? 58  VAL A CB  1 
ATOM   493  C  CG1 . VAL A 1 59  ? 8.026   9.821   2.507   1.00 33.00  ? 58  VAL A CG1 1 
ATOM   494  C  CG2 . VAL A 1 59  ? 7.272   7.827   1.174   1.00 36.95  ? 58  VAL A CG2 1 
ATOM   495  N  N   . ASN A 1 60  ? 10.680  7.259   -0.384  1.00 28.23  ? 59  ASN A N   1 
ATOM   496  C  CA  . ASN A 1 60  ? 11.005  6.061   -1.198  1.00 28.46  ? 59  ASN A CA  1 
ATOM   497  C  C   . ASN A 1 60  ? 10.444  4.804   -0.543  1.00 29.42  ? 59  ASN A C   1 
ATOM   498  O  O   . ASN A 1 60  ? 9.920   4.886   0.607   1.00 22.95  ? 59  ASN A O   1 
ATOM   499  C  CB  . ASN A 1 60  ? 12.501  6.005   -1.511  1.00 30.35  ? 59  ASN A CB  1 
ATOM   500  C  CG  . ASN A 1 60  ? 13.390  5.764   -0.318  1.00 34.47  ? 59  ASN A CG  1 
ATOM   501  O  OD1 . ASN A 1 60  ? 12.962  5.286   0.730   1.00 33.30  ? 59  ASN A OD1 1 
ATOM   502  N  ND2 . ASN A 1 60  ? 14.651  6.114   -0.477  1.00 34.77  ? 59  ASN A ND2 1 
ATOM   503  N  N   . MET A 1 61  ? 10.479  3.681   -1.267  1.00 25.95  ? 60  MET A N   1 
ATOM   504  C  CA  . MET A 1 61  ? 9.815   2.439   -0.811  1.00 28.49  ? 60  MET A CA  1 
ATOM   505  C  C   . MET A 1 61  ? 10.457  1.908   0.491   1.00 28.12  ? 60  MET A C   1 
ATOM   506  O  O   . MET A 1 61  ? 9.729   1.324   1.335   1.00 28.24  ? 60  MET A O   1 
ATOM   507  C  CB  . MET A 1 61  ? 9.798   1.356   -1.897  1.00 34.53  ? 60  MET A CB  1 
ATOM   508  C  CG  . MET A 1 61  ? 8.873   1.677   -3.077  1.00 35.88  ? 60  MET A CG  1 
ATOM   509  S  SD  . MET A 1 61  ? 7.193   2.153   -2.588  1.00 43.51  ? 60  MET A SD  1 
ATOM   510  C  CE  . MET A 1 61  ? 6.621   0.674   -1.767  1.00 43.82  ? 60  MET A CE  1 
ATOM   511  N  N   A SER A 1 62  ? 11.776  2.076   0.645   0.47 26.29  ? 61  SER A N   1 
ATOM   512  N  N   B SER A 1 62  ? 11.774  2.089   0.647   0.04 27.12  ? 61  SER A N   1 
ATOM   513  C  CA  A SER A 1 62  ? 12.523  1.673   1.864   0.47 27.70  ? 61  SER A CA  1 
ATOM   514  C  CA  B SER A 1 62  ? 12.541  1.686   1.855   0.04 26.63  ? 61  SER A CA  1 
ATOM   515  C  C   A SER A 1 62  ? 11.908  2.391   3.079   0.47 26.93  ? 61  SER A C   1 
ATOM   516  C  C   B SER A 1 62  ? 11.977  2.407   3.087   0.04 26.25  ? 61  SER A C   1 
ATOM   517  O  O   A SER A 1 62  ? 11.633  1.731   4.087   0.47 26.59  ? 61  SER A O   1 
ATOM   518  O  O   B SER A 1 62  ? 11.857  1.758   4.142   0.04 26.24  ? 61  SER A O   1 
ATOM   519  C  CB  A SER A 1 62  ? 13.987  1.985   1.717   0.47 29.50  ? 61  SER A CB  1 
ATOM   520  C  CB  B SER A 1 62  ? 14.016  1.948   1.681   0.04 26.56  ? 61  SER A CB  1 
ATOM   521  O  OG  A SER A 1 62  ? 14.681  1.683   2.919   0.47 33.01  ? 61  SER A OG  1 
ATOM   522  O  OG  B SER A 1 62  ? 14.281  3.339   1.606   0.04 26.29  ? 61  SER A OG  1 
ATOM   523  N  N   . GLU A 1 63  ? 11.629  3.692   2.950   1.00 25.41  ? 62  GLU A N   1 
ATOM   524  C  CA  . GLU A 1 63  ? 11.046  4.490   4.059   1.00 25.76  ? 62  GLU A CA  1 
ATOM   525  C  C   . GLU A 1 63  ? 9.587   4.066   4.274   1.00 24.74  ? 62  GLU A C   1 
ATOM   526  O  O   . GLU A 1 63  ? 9.163   4.014   5.438   1.00 22.93  ? 62  GLU A O   1 
ATOM   527  C  CB  . GLU A 1 63  ? 11.207  5.985   3.828   1.00 25.39  ? 62  GLU A CB  1 
ATOM   528  C  CG  . GLU A 1 63  ? 10.513  6.814   4.900   1.00 27.14  ? 62  GLU A CG  1 
ATOM   529  C  CD  . GLU A 1 63  ? 10.927  6.560   6.352   1.00 29.77  ? 62  GLU A CD  1 
ATOM   530  O  OE1 . GLU A 1 63  ? 11.965  5.890   6.607   1.00 29.15  ? 62  GLU A OE1 1 
ATOM   531  O  OE2 . GLU A 1 63  ? 10.193  6.988   7.241   1.00 27.20  ? 62  GLU A OE2 1 
ATOM   532  N  N   . LEU A 1 64  ? 8.825   3.794   3.211   1.00 25.98  ? 63  LEU A N   1 
ATOM   533  C  CA  . LEU A 1 64  ? 7.425   3.334   3.372   1.00 25.84  ? 63  LEU A CA  1 
ATOM   534  C  C   . LEU A 1 64  ? 7.413   2.021   4.158   1.00 26.21  ? 63  LEU A C   1 
ATOM   535  O  O   . LEU A 1 64  ? 6.539   1.861   5.023   1.00 25.47  ? 63  LEU A O   1 
ATOM   536  C  CB  . LEU A 1 64  ? 6.701   3.159   2.032   1.00 26.32  ? 63  LEU A CB  1 
ATOM   537  C  CG  . LEU A 1 64  ? 5.210   2.824   2.144   1.00 26.96  ? 63  LEU A CG  1 
ATOM   538  C  CD1 . LEU A 1 64  ? 4.487   3.843   3.006   1.00 30.50  ? 63  LEU A CD1 1 
ATOM   539  C  CD2 . LEU A 1 64  ? 4.557   2.741   0.763   1.00 29.13  ? 63  LEU A CD2 1 
ATOM   540  N  N   . ILE A 1 65  ? 8.341   1.117   3.882   1.00 26.49  ? 64  ILE A N   1 
ATOM   541  C  CA  . ILE A 1 65  ? 8.420   -0.171  4.640   1.00 28.02  ? 64  ILE A CA  1 
ATOM   542  C  C   . ILE A 1 65  ? 8.636   0.148   6.124   1.00 27.80  ? 64  ILE A C   1 
ATOM   543  O  O   . ILE A 1 65  ? 7.901   -0.441  6.954   1.00 26.93  ? 64  ILE A O   1 
ATOM   544  C  CB  . ILE A 1 65  ? 9.500   -1.111  4.055   1.00 31.14  ? 64  ILE A CB  1 
ATOM   545  C  CG1 . ILE A 1 65  ? 9.039   -1.698  2.709   1.00 31.23  ? 64  ILE A CG1 1 
ATOM   546  C  CG2 . ILE A 1 65  ? 9.895   -2.222  5.036   1.00 32.13  ? 64  ILE A CG2 1 
ATOM   547  C  CD1 . ILE A 1 65  ? 10.165  -2.263  1.866   1.00 32.04  ? 64  ILE A CD1 1 
ATOM   548  N  N   . LYS A 1 66  ? 9.543   1.091   6.443   1.00 26.67  ? 65  LYS A N   1 
ATOM   549  C  CA  . LYS A 1 66  ? 9.827   1.505   7.852   1.00 25.15  ? 65  LYS A CA  1 
ATOM   550  C  C   . LYS A 1 66  ? 8.560   2.076   8.502   1.00 27.96  ? 65  LYS A C   1 
ATOM   551  O  O   . LYS A 1 66  ? 8.243   1.675   9.662   1.00 25.55  ? 65  LYS A O   1 
ATOM   552  C  CB  . LYS A 1 66  ? 11.016  2.462   7.901   1.00 26.65  ? 65  LYS A CB  1 
ATOM   553  C  CG  . LYS A 1 66  ? 12.321  1.782   7.521   1.00 29.98  ? 65  LYS A CG  1 
ATOM   554  C  CD  . LYS A 1 66  ? 13.549  2.645   7.516   1.00 35.44  ? 65  LYS A CD  1 
ATOM   555  C  CE  . LYS A 1 66  ? 14.629  2.001   6.652   1.00 38.56  ? 65  LYS A CE  1 
ATOM   556  N  NZ  . LYS A 1 66  ? 15.950  2.058   7.297   1.00 53.85  ? 65  LYS A NZ  1 
ATOM   557  N  N   . ILE A 1 67  ? 7.821   2.922   7.780   1.00 25.61  ? 66  ILE A N   1 
ATOM   558  C  CA  . ILE A 1 67  ? 6.534   3.503   8.237   1.00 24.35  ? 66  ILE A CA  1 
ATOM   559  C  C   . ILE A 1 67  ? 5.508   2.396   8.572   1.00 24.67  ? 66  ILE A C   1 
ATOM   560  O  O   . ILE A 1 67  ? 4.862   2.474   9.616   1.00 23.59  ? 66  ILE A O   1 
ATOM   561  C  CB  . ILE A 1 67  ? 5.969   4.512   7.204   1.00 24.93  ? 66  ILE A CB  1 
ATOM   562  C  CG1 . ILE A 1 67  ? 6.848   5.745   7.039   1.00 25.12  ? 66  ILE A CG1 1 
ATOM   563  C  CG2 . ILE A 1 67  ? 4.550   4.914   7.555   1.00 27.49  ? 66  ILE A CG2 1 
ATOM   564  C  CD1 . ILE A 1 67  ? 6.432   6.638   5.870   1.00 25.46  ? 66  ILE A CD1 1 
ATOM   565  N  N   A ILE A 1 68  ? 5.353   1.400   7.693   0.17 25.19  ? 67  ILE A N   1 
ATOM   566  N  N   B ILE A 1 68  ? 5.357   1.402   7.691   0.34 24.51  ? 67  ILE A N   1 
ATOM   567  C  CA  A ILE A 1 68  ? 4.351   0.305   7.874   0.17 26.32  ? 67  ILE A CA  1 
ATOM   568  C  CA  B ILE A 1 68  ? 4.359   0.302   7.865   0.34 25.74  ? 67  ILE A CA  1 
ATOM   569  C  C   A ILE A 1 68  ? 4.788   -0.610  9.027   0.17 26.17  ? 67  ILE A C   1 
ATOM   570  C  C   B ILE A 1 68  ? 4.790   -0.613  9.021   0.34 25.27  ? 67  ILE A C   1 
ATOM   571  O  O   A ILE A 1 68  ? 3.901   -1.047  9.784   0.17 26.96  ? 67  ILE A O   1 
ATOM   572  O  O   B ILE A 1 68  ? 3.908   -1.042  9.784   0.34 26.63  ? 67  ILE A O   1 
ATOM   573  C  CB  A ILE A 1 68  ? 4.109   -0.498  6.582   0.17 26.62  ? 67  ILE A CB  1 
ATOM   574  C  CB  B ILE A 1 68  ? 4.125   -0.491  6.567   0.34 25.67  ? 67  ILE A CB  1 
ATOM   575  C  CG1 A ILE A 1 68  ? 3.617   0.388   5.432   0.17 27.25  ? 67  ILE A CG1 1 
ATOM   576  C  CG1 B ILE A 1 68  ? 3.625   0.409   5.428   0.34 26.28  ? 67  ILE A CG1 1 
ATOM   577  C  CG2 A ILE A 1 68  ? 3.136   -1.635  6.862   0.17 26.90  ? 67  ILE A CG2 1 
ATOM   578  C  CG2 B ILE A 1 68  ? 3.150   -1.627  6.852   0.34 26.31  ? 67  ILE A CG2 1 
ATOM   579  C  CD1 A ILE A 1 68  ? 2.421   1.248   5.781   0.17 26.60  ? 67  ILE A CD1 1 
ATOM   580  C  CD1 B ILE A 1 68  ? 3.619   -0.238  4.059   0.34 24.28  ? 67  ILE A CD1 1 
ATOM   581  N  N   . ARG A 1 69  ? 6.089   -0.887  9.164   1.00 27.65  ? 68  ARG A N   1 
ATOM   582  C  CA  . ARG A 1 69  ? 6.602   -1.686  10.327  1.00 27.04  ? 68  ARG A CA  1 
ATOM   583  C  C   . ARG A 1 69  ? 6.235   -0.945  11.624  1.00 26.10  ? 68  ARG A C   1 
ATOM   584  O  O   . ARG A 1 69  ? 5.761   -1.612  12.572  1.00 26.51  ? 68  ARG A O   1 
ATOM   585  C  CB  . ARG A 1 69  ? 8.099   -2.000  10.231  1.00 27.89  ? 68  ARG A CB  1 
ATOM   586  C  CG  . ARG A 1 69  ? 8.465   -2.953  9.094   1.00 29.12  ? 68  ARG A CG  1 
ATOM   587  C  CD  . ARG A 1 69  ? 9.958   -3.267  9.046   1.00 30.50  ? 68  ARG A CD  1 
ATOM   588  N  NE  . ARG A 1 69  ? 10.343  -3.940  10.284  1.00 30.07  ? 68  ARG A NE  1 
ATOM   589  C  CZ  . ARG A 1 69  ? 10.382  -5.267  10.486  1.00 35.50  ? 68  ARG A CZ  1 
ATOM   590  N  NH1 . ARG A 1 69  ? 10.126  -6.138  9.512   1.00 32.03  ? 68  ARG A NH1 1 
ATOM   591  N  NH2 . ARG A 1 69  ? 10.691  -5.720  11.686  1.00 34.96  ? 68  ARG A NH2 1 
ATOM   592  N  N   . ARG A 1 70  ? 6.407   0.381   11.681  1.00 23.84  ? 69  ARG A N   1 
ATOM   593  C  CA  . ARG A 1 70  ? 6.059   1.174   12.894  1.00 23.00  ? 69  ARG A CA  1 
ATOM   594  C  C   . ARG A 1 70  ? 4.553   1.190   13.146  1.00 24.26  ? 69  ARG A C   1 
ATOM   595  O  O   . ARG A 1 70  ? 4.175   1.062   14.301  1.00 23.79  ? 69  ARG A O   1 
ATOM   596  C  CB  . ARG A 1 70  ? 6.586   2.601   12.767  1.00 23.43  ? 69  ARG A CB  1 
ATOM   597  C  CG  . ARG A 1 70  ? 8.092   2.684   12.956  1.00 23.49  ? 69  ARG A CG  1 
ATOM   598  C  CD  . ARG A 1 70  ? 8.676   4.078   13.138  1.00 21.03  ? 69  ARG A CD  1 
ATOM   599  N  NE  . ARG A 1 70  ? 8.572   4.964   11.988  1.00 22.19  ? 69  ARG A NE  1 
ATOM   600  C  CZ  . ARG A 1 70  ? 9.522   5.222   11.075  1.00 25.28  ? 69  ARG A CZ  1 
ATOM   601  N  NH1 . ARG A 1 70  ? 10.663  4.555   11.109  1.00 22.26  ? 69  ARG A NH1 1 
ATOM   602  N  NH2 . ARG A 1 70  ? 9.310   6.117   10.104  1.00 21.53  ? 69  ARG A NH2 1 
ATOM   603  N  N   . ARG A 1 71  ? 3.732   1.319   12.091  1.00 25.61  ? 70  ARG A N   1 
ATOM   604  C  CA  . ARG A 1 71  ? 2.262   1.345   12.174  1.00 24.35  ? 70  ARG A CA  1 
ATOM   605  C  C   . ARG A 1 71  ? 1.730   0.013   12.746  1.00 27.97  ? 70  ARG A C   1 
ATOM   606  O  O   . ARG A 1 71  ? 0.744   0.040   13.523  1.00 28.12  ? 70  ARG A O   1 
ATOM   607  C  CB  . ARG A 1 71  ? 1.714   1.614   10.782  1.00 26.65  ? 70  ARG A CB  1 
ATOM   608  C  CG  . ARG A 1 71  ? 0.224   1.900   10.774  1.00 29.42  ? 70  ARG A CG  1 
ATOM   609  C  CD  . ARG A 1 71  ? -0.007  3.363   10.912  1.00 32.01  ? 70  ARG A CD  1 
ATOM   610  N  NE  . ARG A 1 71  ? -1.421  3.728   10.950  1.00 30.14  ? 70  ARG A NE  1 
ATOM   611  C  CZ  . ARG A 1 71  ? -1.857  4.937   10.647  1.00 31.28  ? 70  ARG A CZ  1 
ATOM   612  N  NH1 . ARG A 1 71  ? -0.990  5.873   10.283  1.00 27.22  ? 70  ARG A NH1 1 
ATOM   613  N  NH2 . ARG A 1 71  ? -3.145  5.222   10.766  1.00 31.07  ? 70  ARG A NH2 1 
ATOM   614  N  N   . LEU A 1 72  ? 2.317   -1.101  12.310  1.00 28.39  ? 71  LEU A N   1 
ATOM   615  C  CA  . LEU A 1 72  ? 2.002   -2.486  12.756  1.00 31.97  ? 71  LEU A CA  1 
ATOM   616  C  C   . LEU A 1 72  ? 2.650   -2.792  14.115  1.00 32.63  ? 71  LEU A C   1 
ATOM   617  O  O   . LEU A 1 72  ? 2.303   -3.852  14.686  1.00 32.18  ? 71  LEU A O   1 
ATOM   618  C  CB  . LEU A 1 72  ? 2.554   -3.489  11.736  1.00 29.59  ? 71  LEU A CB  1 
ATOM   619  C  CG  . LEU A 1 72  ? 1.852   -3.532  10.381  1.00 33.77  ? 71  LEU A CG  1 
ATOM   620  C  CD1 . LEU A 1 72  ? 2.668   -4.361  9.406   1.00 32.47  ? 71  LEU A CD1 1 
ATOM   621  C  CD2 . LEU A 1 72  ? 0.425   -4.045  10.499  1.00 31.24  ? 71  LEU A CD2 1 
ATOM   622  N  N   . GLN A 1 73  ? 3.589   -1.965  14.586  1.00 31.81  ? 72  GLN A N   1 
ATOM   623  C  CA  . GLN A 1 73  ? 4.236   -2.108  15.920  1.00 36.08  ? 72  GLN A CA  1 
ATOM   624  C  C   . GLN A 1 73  ? 5.016   -3.432  15.952  1.00 37.17  ? 72  GLN A C   1 
ATOM   625  O  O   . GLN A 1 73  ? 4.978   -4.146  16.977  1.00 32.89  ? 72  GLN A O   1 
ATOM   626  C  CB  . GLN A 1 73  ? 3.167   -1.948  17.011  1.00 39.98  ? 72  GLN A CB  1 
ATOM   627  C  CG  . GLN A 1 73  ? 2.937   -0.506  17.455  1.00 49.26  ? 72  GLN A CG  1 
ATOM   628  C  CD  . GLN A 1 73  ? 4.163   0.218   18.013  1.00 57.63  ? 72  GLN A CD  1 
ATOM   629  O  OE1 . GLN A 1 73  ? 4.284   0.497   19.224  1.00 38.70  ? 72  GLN A OE1 1 
ATOM   630  N  NE2 . GLN A 1 73  ? 5.096   0.567   17.119  1.00 66.58  ? 72  GLN A NE2 1 
ATOM   631  N  N   . LEU A 1 74  ? 5.719   -3.743  14.864  1.00 32.33  ? 73  LEU A N   1 
ATOM   632  C  CA  . LEU A 1 74  ? 6.576   -4.952  14.752  1.00 35.95  ? 73  LEU A CA  1 
ATOM   633  C  C   . LEU A 1 74  ? 7.834   -4.823  15.625  1.00 36.87  ? 73  LEU A C   1 
ATOM   634  O  O   . LEU A 1 74  ? 8.291   -3.721  15.904  1.00 35.01  ? 73  LEU A O   1 
ATOM   635  C  CB  . LEU A 1 74  ? 6.986   -5.190  13.290  1.00 32.12  ? 73  LEU A CB  1 
ATOM   636  C  CG  . LEU A 1 74  ? 5.845   -5.357  12.274  1.00 32.24  ? 73  LEU A CG  1 
ATOM   637  C  CD1 . LEU A 1 74  ? 6.385   -5.932  10.981  1.00 32.05  ? 73  LEU A CD1 1 
ATOM   638  C  CD2 . LEU A 1 74  ? 4.728   -6.233  12.792  1.00 35.88  ? 73  LEU A CD2 1 
ATOM   639  N  N   . ASN A 1 75  ? 8.422   -5.959  15.984  1.00 39.53  ? 74  ASN A N   1 
ATOM   640  C  CA  . ASN A 1 75  ? 9.727   -5.976  16.674  1.00 40.47  ? 74  ASN A CA  1 
ATOM   641  C  C   . ASN A 1 75  ? 10.797  -6.391  15.656  1.00 39.84  ? 74  ASN A C   1 
ATOM   642  O  O   . ASN A 1 75  ? 10.431  -6.816  14.509  1.00 36.27  ? 74  ASN A O   1 
ATOM   643  C  CB  . ASN A 1 75  ? 9.638   -6.791  17.966  1.00 51.65  ? 74  ASN A CB  1 
ATOM   644  C  CG  . ASN A 1 75  ? 9.253   -8.229  17.720  1.00 56.58  ? 74  ASN A CG  1 
ATOM   645  O  OD1 . ASN A 1 75  ? 9.933   -8.935  16.972  1.00 55.11  ? 74  ASN A OD1 1 
ATOM   646  N  ND2 . ASN A 1 75  ? 8.187   -8.672  18.372  1.00 61.73  ? 74  ASN A ND2 1 
ATOM   647  N  N   . ALA A 1 76  ? 12.060  -6.201  16.039  1.00 42.04  ? 75  ALA A N   1 
ATOM   648  C  CA  . ALA A 1 76  ? 13.258  -6.242  15.167  1.00 50.16  ? 75  ALA A CA  1 
ATOM   649  C  C   . ALA A 1 76  ? 13.299  -7.544  14.357  1.00 52.83  ? 75  ALA A C   1 
ATOM   650  O  O   . ALA A 1 76  ? 13.729  -7.496  13.199  1.00 54.61  ? 75  ALA A O   1 
ATOM   651  C  CB  . ALA A 1 76  ? 14.504  -6.086  16.006  1.00 52.55  ? 75  ALA A CB  1 
ATOM   652  N  N   . ASN A 1 77  ? 12.859  -8.667  14.924  1.00 50.25  ? 76  ASN A N   1 
ATOM   653  C  CA  . ASN A 1 77  ? 13.114  -9.992  14.291  1.00 61.52  ? 76  ASN A CA  1 
ATOM   654  C  C   . ASN A 1 77  ? 11.935  -10.460 13.418  1.00 57.86  ? 76  ASN A C   1 
ATOM   655  O  O   . ASN A 1 77  ? 12.177  -11.410 12.641  1.00 60.19  ? 76  ASN A O   1 
ATOM   656  C  CB  . ASN A 1 77  ? 13.517  -11.048 15.320  1.00 67.37  ? 76  ASN A CB  1 
ATOM   657  C  CG  . ASN A 1 77  ? 12.514  -11.177 16.442  1.00 72.38  ? 76  ASN A CG  1 
ATOM   658  O  OD1 . ASN A 1 77  ? 11.307  -11.235 16.201  1.00 73.03  ? 76  ASN A OD1 1 
ATOM   659  N  ND2 . ASN A 1 77  ? 13.012  -11.198 17.668  1.00 76.80  ? 76  ASN A ND2 1 
ATOM   660  N  N   . GLN A 1 78  ? 10.752  -9.813  13.481  1.00 49.05  ? 77  GLN A N   1 
ATOM   661  C  CA  . GLN A 1 78  ? 9.560   -10.170 12.651  1.00 44.13  ? 77  GLN A CA  1 
ATOM   662  C  C   . GLN A 1 78  ? 9.855   -9.841  11.182  1.00 45.12  ? 77  GLN A C   1 
ATOM   663  O  O   . GLN A 1 78  ? 10.233  -8.680  10.884  1.00 40.97  ? 77  GLN A O   1 
ATOM   664  C  CB  . GLN A 1 78  ? 8.280   -9.448  13.086  1.00 41.13  ? 77  GLN A CB  1 
ATOM   665  C  CG  . GLN A 1 78  ? 7.542   -10.130 14.232  1.00 46.46  ? 77  GLN A CG  1 
ATOM   666  C  CD  . GLN A 1 78  ? 6.490   -9.242  14.859  1.00 46.33  ? 77  GLN A CD  1 
ATOM   667  O  OE1 . GLN A 1 78  ? 6.781   -8.232  15.480  1.00 43.81  ? 77  GLN A OE1 1 
ATOM   668  N  NE2 . GLN A 1 78  ? 5.234   -9.611  14.692  1.00 50.40  ? 77  GLN A NE2 1 
ATOM   669  N  N   . ALA A 1 79  ? 9.676   -10.828 10.296  1.00 40.08  ? 78  ALA A N   1 
ATOM   670  C  CA  . ALA A 1 79  ? 9.845   -10.682 8.834   1.00 39.78  ? 78  ALA A CA  1 
ATOM   671  C  C   . ALA A 1 79  ? 8.625   -9.939  8.291   1.00 36.86  ? 78  ALA A C   1 
ATOM   672  O  O   . ALA A 1 79  ? 7.542   -10.113 8.842   1.00 35.10  ? 78  ALA A O   1 
ATOM   673  C  CB  . ALA A 1 79  ? 10.000  -12.027 8.165   1.00 41.92  ? 78  ALA A CB  1 
ATOM   674  N  N   . PHE A 1 80  ? 8.832   -9.159  7.238   1.00 37.76  ? 79  PHE A N   1 
ATOM   675  C  CA  . PHE A 1 80  ? 7.796   -8.346  6.563   1.00 38.72  ? 79  PHE A CA  1 
ATOM   676  C  C   . PHE A 1 80  ? 8.136   -8.314  5.070   1.00 37.15  ? 79  PHE A C   1 
ATOM   677  O  O   . PHE A 1 80  ? 9.273   -7.910  4.735   1.00 34.56  ? 79  PHE A O   1 
ATOM   678  C  CB  . PHE A 1 80  ? 7.739   -6.960  7.209   1.00 33.95  ? 79  PHE A CB  1 
ATOM   679  C  CG  . PHE A 1 80  ? 6.740   -6.009  6.609   1.00 31.60  ? 79  PHE A CG  1 
ATOM   680  C  CD1 . PHE A 1 80  ? 5.412   -6.028  7.005   1.00 33.37  ? 79  PHE A CD1 1 
ATOM   681  C  CD2 . PHE A 1 80  ? 7.125   -5.093  5.645   1.00 32.63  ? 79  PHE A CD2 1 
ATOM   682  C  CE1 . PHE A 1 80  ? 4.495   -5.140  6.463   1.00 32.57  ? 79  PHE A CE1 1 
ATOM   683  C  CE2 . PHE A 1 80  ? 6.203   -4.223  5.079   1.00 33.07  ? 79  PHE A CE2 1 
ATOM   684  C  CZ  . PHE A 1 80  ? 4.887   -4.237  5.498   1.00 31.78  ? 79  PHE A CZ  1 
ATOM   685  N  N   . PHE A 1 81  ? 7.190   -8.741  4.222   1.00 35.86  ? 80  PHE A N   1 
ATOM   686  C  CA  . PHE A 1 81  ? 7.300   -8.663  2.744   1.00 35.36  ? 80  PHE A CA  1 
ATOM   687  C  C   . PHE A 1 81  ? 6.111   -7.855  2.213   1.00 32.74  ? 80  PHE A C   1 
ATOM   688  O  O   . PHE A 1 81  ? 4.973   -7.992  2.696   1.00 32.81  ? 80  PHE A O   1 
ATOM   689  C  CB  . PHE A 1 81  ? 7.440   -10.070 2.145   1.00 39.16  ? 80  PHE A CB  1 
ATOM   690  C  CG  . PHE A 1 81  ? 8.675   -10.814 2.604   1.00 43.07  ? 80  PHE A CG  1 
ATOM   691  C  CD1 . PHE A 1 81  ? 8.626   -11.663 3.706   1.00 49.35  ? 80  PHE A CD1 1 
ATOM   692  C  CD2 . PHE A 1 81  ? 9.904   -10.640 1.968   1.00 44.11  ? 80  PHE A CD2 1 
ATOM   693  C  CE1 . PHE A 1 81  ? 9.765   -12.332 4.147   1.00 52.03  ? 80  PHE A CE1 1 
ATOM   694  C  CE2 . PHE A 1 81  ? 11.038  -11.318 2.404   1.00 48.01  ? 80  PHE A CE2 1 
ATOM   695  C  CZ  . PHE A 1 81  ? 10.967  -12.161 3.493   1.00 47.70  ? 80  PHE A CZ  1 
ATOM   696  N  N   . LEU A 1 82  ? 6.390   -6.967  1.262   1.00 32.66  ? 81  LEU A N   1 
ATOM   697  C  CA  . LEU A 1 82  ? 5.387   -6.038  0.678   1.00 31.26  ? 81  LEU A CA  1 
ATOM   698  C  C   . LEU A 1 82  ? 5.326   -6.245  -0.839  1.00 34.69  ? 81  LEU A C   1 
ATOM   699  O  O   . LEU A 1 82  ? 6.374   -6.093  -1.498  1.00 35.69  ? 81  LEU A O   1 
ATOM   700  C  CB  . LEU A 1 82  ? 5.836   -4.618  1.013   1.00 34.83  ? 81  LEU A CB  1 
ATOM   701  C  CG  . LEU A 1 82  ? 4.847   -3.498  0.721   1.00 32.04  ? 81  LEU A CG  1 
ATOM   702  C  CD1 . LEU A 1 82  ? 3.610   -3.650  1.567   1.00 31.34  ? 81  LEU A CD1 1 
ATOM   703  C  CD2 . LEU A 1 82  ? 5.509   -2.162  0.997   1.00 31.94  ? 81  LEU A CD2 1 
ATOM   704  N  N   . LEU A 1 83  ? 4.158   -6.610  -1.373  1.00 29.62  ? 82  LEU A N   1 
ATOM   705  C  CA  . LEU A 1 83  ? 3.933   -6.586  -2.836  1.00 32.59  ? 82  LEU A CA  1 
ATOM   706  C  C   . LEU A 1 83  ? 3.359   -5.231  -3.244  1.00 30.55  ? 82  LEU A C   1 
ATOM   707  O  O   . LEU A 1 83  ? 2.580   -4.605  -2.465  1.00 28.79  ? 82  LEU A O   1 
ATOM   708  C  CB  . LEU A 1 83  ? 2.977   -7.708  -3.210  1.00 37.52  ? 82  LEU A CB  1 
ATOM   709  C  CG  . LEU A 1 83  ? 3.430   -9.106  -2.794  1.00 40.32  ? 82  LEU A CG  1 
ATOM   710  C  CD1 . LEU A 1 83  ? 2.394   -10.126 -3.233  1.00 44.97  ? 82  LEU A CD1 1 
ATOM   711  C  CD2 . LEU A 1 83  ? 4.797   -9.429  -3.368  1.00 37.72  ? 82  LEU A CD2 1 
ATOM   712  N  N   . VAL A 1 84  ? 3.677   -4.811  -4.458  1.00 27.57  ? 83  VAL A N   1 
ATOM   713  C  CA  . VAL A 1 84  ? 3.083   -3.574  -5.028  1.00 27.55  ? 83  VAL A CA  1 
ATOM   714  C  C   . VAL A 1 84  ? 2.499   -3.988  -6.381  1.00 28.34  ? 83  VAL A C   1 
ATOM   715  O  O   . VAL A 1 84  ? 3.247   -4.653  -7.166  1.00 27.33  ? 83  VAL A O   1 
ATOM   716  C  CB  . VAL A 1 84  ? 4.137   -2.446  -5.159  1.00 29.64  ? 83  VAL A CB  1 
ATOM   717  C  CG1 . VAL A 1 84  ? 3.499   -1.195  -5.750  1.00 30.80  ? 83  VAL A CG1 1 
ATOM   718  C  CG2 . VAL A 1 84  ? 4.825   -2.130  -3.834  1.00 32.45  ? 83  VAL A CG2 1 
ATOM   719  N  N   . ASN A 1 85  ? 1.240   -3.630  -6.622  1.00 27.42  ? 84  ASN A N   1 
ATOM   720  C  CA  . ASN A 1 85  ? 0.513   -3.950  -7.873  1.00 30.33  ? 84  ASN A CA  1 
ATOM   721  C  C   . ASN A 1 85  ? 0.594   -5.470  -8.115  1.00 30.18  ? 84  ASN A C   1 
ATOM   722  O  O   . ASN A 1 85  ? 0.675   -5.854  -9.278  1.00 30.70  ? 84  ASN A O   1 
ATOM   723  C  CB  . ASN A 1 85  ? 1.077   -3.117  -9.027  1.00 28.41  ? 84  ASN A CB  1 
ATOM   724  C  CG  . ASN A 1 85  ? 0.319   -3.265  -10.331 1.00 29.23  ? 84  ASN A CG  1 
ATOM   725  O  OD1 . ASN A 1 85  ? -0.898  -3.422  -10.364 1.00 30.18  ? 84  ASN A OD1 1 
ATOM   726  N  ND2 . ASN A 1 85  ? 1.048   -3.164  -11.416 1.00 32.70  ? 84  ASN A ND2 1 
ATOM   727  N  N   . GLY A 1 86  ? 0.636   -6.294  -7.054  1.00 31.61  ? 85  GLY A N   1 
ATOM   728  C  CA  . GLY A 1 86  ? 0.607   -7.773  -7.151  1.00 32.77  ? 85  GLY A CA  1 
ATOM   729  C  C   . GLY A 1 86  ? 1.970   -8.463  -7.233  1.00 32.26  ? 85  GLY A C   1 
ATOM   730  O  O   . GLY A 1 86  ? 1.970   -9.705  -7.296  1.00 32.39  ? 85  GLY A O   1 
ATOM   731  N  N   . HIS A 1 87  ? 3.099   -7.747  -7.273  1.00 26.82  ? 86  HIS A N   1 
ATOM   732  C  CA  . HIS A 1 87  ? 4.444   -8.340  -7.472  1.00 31.09  ? 86  HIS A CA  1 
ATOM   733  C  C   . HIS A 1 87  ? 5.465   -7.727  -6.513  1.00 31.56  ? 86  HIS A C   1 
ATOM   734  O  O   . HIS A 1 87  ? 5.200   -6.644  -5.951  1.00 28.53  ? 86  HIS A O   1 
ATOM   735  C  CB  . HIS A 1 87  ? 4.908   -8.155  -8.926  1.00 30.97  ? 86  HIS A CB  1 
ATOM   736  C  CG  . HIS A 1 87  ? 4.878   -6.747  -9.408  1.00 31.97  ? 86  HIS A CG  1 
ATOM   737  N  ND1 . HIS A 1 87  ? 5.931   -5.874  -9.186  1.00 36.10  ? 86  HIS A ND1 1 
ATOM   738  C  CD2 . HIS A 1 87  ? 3.913   -6.033  -10.031 1.00 34.04  ? 86  HIS A CD2 1 
ATOM   739  C  CE1 . HIS A 1 87  ? 5.631   -4.697  -9.695  1.00 36.97  ? 86  HIS A CE1 1 
ATOM   740  N  NE2 . HIS A 1 87  ? 4.400   -4.779  -10.241 1.00 34.49  ? 86  HIS A NE2 1 
ATOM   741  N  N   A SER A 1 88  ? 6.611   -8.391  -6.346  0.06 31.24  ? 87  SER A N   1 
ATOM   742  N  N   B SER A 1 88  ? 6.612   -8.401  -6.361  0.44 31.92  ? 87  SER A N   1 
ATOM   743  C  CA  A SER A 1 88  ? 7.737   -7.925  -5.494  0.06 31.85  ? 87  SER A CA  1 
ATOM   744  C  CA  B SER A 1 88  ? 7.809   -7.937  -5.607  0.44 34.72  ? 87  SER A CA  1 
ATOM   745  C  C   A SER A 1 88  ? 8.327   -6.640  -6.088  0.06 32.71  ? 87  SER A C   1 
ATOM   746  C  C   B SER A 1 88  ? 8.214   -6.553  -6.103  0.44 33.42  ? 87  SER A C   1 
ATOM   747  O  O   A SER A 1 88  ? 8.328   -6.509  -7.326  0.06 32.70  ? 87  SER A O   1 
ATOM   748  O  O   B SER A 1 88  ? 7.996   -6.280  -7.297  0.44 35.90  ? 87  SER A O   1 
ATOM   749  C  CB  A SER A 1 88  ? 8.789   -8.994  -5.341  0.06 31.59  ? 87  SER A CB  1 
ATOM   750  C  CB  B SER A 1 88  ? 8.993   -8.868  -5.780  0.44 38.28  ? 87  SER A CB  1 
ATOM   751  O  OG  A SER A 1 88  ? 9.585   -9.099  -6.513  0.06 30.71  ? 87  SER A OG  1 
ATOM   752  O  OG  B SER A 1 88  ? 8.741   -10.151 -5.241  0.44 42.71  ? 87  SER A OG  1 
ATOM   753  N  N   . MET A 1 89  ? 8.793   -5.732  -5.226  1.00 33.61  ? 88  MET A N   1 
ATOM   754  C  CA  . MET A 1 89  ? 9.491   -4.488  -5.633  1.00 38.58  ? 88  MET A CA  1 
ATOM   755  C  C   . MET A 1 89  ? 10.887  -4.843  -6.203  1.00 38.89  ? 88  MET A C   1 
ATOM   756  O  O   . MET A 1 89  ? 11.648  -5.610  -5.559  1.00 38.32  ? 88  MET A O   1 
ATOM   757  C  CB  . MET A 1 89  ? 9.652   -3.560  -4.427  1.00 43.76  ? 88  MET A CB  1 
ATOM   758  C  CG  . MET A 1 89  ? 8.322   -3.039  -3.878  1.00 53.97  ? 88  MET A CG  1 
ATOM   759  S  SD  . MET A 1 89  ? 8.438   -2.501  -2.143  1.00 62.04  ? 88  MET A SD  1 
ATOM   760  C  CE  . MET A 1 89  ? 10.150  -1.987  -2.062  1.00 59.41  ? 88  MET A CE  1 
ATOM   761  N  N   . VAL A 1 90  ? 11.199  -4.351  -7.401  1.00 41.50  ? 89  VAL A N   1 
ATOM   762  C  CA  . VAL A 1 90  ? 12.527  -4.533  -8.053  1.00 43.99  ? 89  VAL A CA  1 
ATOM   763  C  C   . VAL A 1 90  ? 13.556  -3.777  -7.219  1.00 39.15  ? 89  VAL A C   1 
ATOM   764  O  O   . VAL A 1 90  ? 14.684  -4.269  -7.122  1.00 38.39  ? 89  VAL A O   1 
ATOM   765  C  CB  . VAL A 1 90  ? 12.498  -4.050  -9.518  1.00 50.56  ? 89  VAL A CB  1 
ATOM   766  C  CG1 . VAL A 1 90  ? 13.882  -3.799  -10.068 1.00 50.87  ? 89  VAL A CG1 1 
ATOM   767  C  CG2 . VAL A 1 90  ? 11.765  -5.029  -10.411 1.00 56.72  ? 89  VAL A CG2 1 
ATOM   768  N  N   . SER A 1 91  ? 13.158  -2.627  -6.649  1.00 41.11  ? 90  SER A N   1 
ATOM   769  C  CA  . SER A 1 91  ? 14.018  -1.701  -5.857  1.00 45.66  ? 90  SER A CA  1 
ATOM   770  C  C   . SER A 1 91  ? 13.201  -0.955  -4.793  1.00 42.25  ? 90  SER A C   1 
ATOM   771  O  O   . SER A 1 91  ? 12.051  -0.589  -5.067  1.00 46.91  ? 90  SER A O   1 
ATOM   772  C  CB  . SER A 1 91  ? 14.734  -0.689  -6.737  1.00 44.46  ? 90  SER A CB  1 
ATOM   773  O  OG  . SER A 1 91  ? 15.703  0.018   -5.963  1.00 57.00  ? 90  SER A OG  1 
ATOM   774  N  N   . VAL A 1 92  ? 13.841  -0.663  -3.665  1.00 41.06  ? 91  VAL A N   1 
ATOM   775  C  CA  . VAL A 1 92  ? 13.277  0.074   -2.499  1.00 42.69  ? 91  VAL A CA  1 
ATOM   776  C  C   . VAL A 1 92  ? 13.760  1.538   -2.520  1.00 40.69  ? 91  VAL A C   1 
ATOM   777  O  O   . VAL A 1 92  ? 13.318  2.317   -1.666  1.00 38.56  ? 91  VAL A O   1 
ATOM   778  C  CB  . VAL A 1 92  ? 13.661  -0.632  -1.176  1.00 47.54  ? 91  VAL A CB  1 
ATOM   779  C  CG1 . VAL A 1 92  ? 13.107  -2.047  -1.093  1.00 50.08  ? 91  VAL A CG1 1 
ATOM   780  C  CG2 . VAL A 1 92  ? 15.167  -0.631  -0.921  1.00 49.91  ? 91  VAL A CG2 1 
ATOM   781  N  N   . SER A 1 93  ? 14.628  1.913   -3.458  1.00 36.08  ? 92  SER A N   1 
ATOM   782  C  CA  . SER A 1 93  ? 15.254  3.250   -3.547  1.00 39.11  ? 92  SER A CA  1 
ATOM   783  C  C   . SER A 1 93  ? 14.396  4.225   -4.369  1.00 34.46  ? 92  SER A C   1 
ATOM   784  O  O   . SER A 1 93  ? 14.699  5.437   -4.405  1.00 37.77  ? 92  SER A O   1 
ATOM   785  C  CB  . SER A 1 93  ? 16.634  3.105   -4.139  1.00 46.00  ? 92  SER A CB  1 
ATOM   786  O  OG  . SER A 1 93  ? 16.559  2.570   -5.464  1.00 46.84  ? 92  SER A OG  1 
ATOM   787  N  N   . THR A 1 94  ? 13.389  3.737   -5.077  1.00 34.05  ? 93  THR A N   1 
ATOM   788  C  CA  . THR A 1 94  ? 12.556  4.583   -5.972  1.00 35.38  ? 93  THR A CA  1 
ATOM   789  C  C   . THR A 1 94  ? 11.622  5.486   -5.153  1.00 29.27  ? 93  THR A C   1 
ATOM   790  O  O   . THR A 1 94  ? 10.944  5.000   -4.250  1.00 32.18  ? 93  THR A O   1 
ATOM   791  C  CB  . THR A 1 94  ? 11.712  3.692   -6.887  1.00 38.25  ? 93  THR A CB  1 
ATOM   792  O  OG1 . THR A 1 94  ? 12.498  2.541   -7.215  1.00 55.28  ? 93  THR A OG1 1 
ATOM   793  C  CG2 . THR A 1 94  ? 11.225  4.424   -8.115  1.00 39.28  ? 93  THR A CG2 1 
ATOM   794  N  N   . PRO A 1 95  ? 11.546  6.796   -5.450  1.00 28.39  ? 94  PRO A N   1 
ATOM   795  C  CA  . PRO A 1 95  ? 10.516  7.678   -4.890  1.00 29.34  ? 94  PRO A CA  1 
ATOM   796  C  C   . PRO A 1 95  ? 9.113   7.175   -5.243  1.00 26.78  ? 94  PRO A C   1 
ATOM   797  O  O   . PRO A 1 95  ? 8.933   6.692   -6.359  1.00 26.46  ? 94  PRO A O   1 
ATOM   798  C  CB  . PRO A 1 95  ? 10.741  9.051   -5.549  1.00 32.80  ? 94  PRO A CB  1 
ATOM   799  C  CG  . PRO A 1 95  ? 12.131  8.973   -6.180  1.00 37.35  ? 94  PRO A CG  1 
ATOM   800  C  CD  . PRO A 1 95  ? 12.436  7.507   -6.386  1.00 33.17  ? 94  PRO A CD  1 
ATOM   801  N  N   . ILE A 1 96  ? 8.178   7.217   -4.283  1.00 24.56  ? 95  ILE A N   1 
ATOM   802  C  CA  . ILE A 1 96  ? 6.820   6.634   -4.473  1.00 24.31  ? 95  ILE A CA  1 
ATOM   803  C  C   . ILE A 1 96  ? 6.084   7.392   -5.602  1.00 22.71  ? 95  ILE A C   1 
ATOM   804  O  O   . ILE A 1 96  ? 5.233   6.776   -6.236  1.00 22.66  ? 95  ILE A O   1 
ATOM   805  C  CB  . ILE A 1 96  ? 6.013   6.545   -3.151  1.00 23.82  ? 95  ILE A CB  1 
ATOM   806  C  CG1 . ILE A 1 96  ? 4.787   5.645   -3.336  1.00 23.70  ? 95  ILE A CG1 1 
ATOM   807  C  CG2 . ILE A 1 96  ? 5.615   7.925   -2.628  1.00 24.47  ? 95  ILE A CG2 1 
ATOM   808  C  CD1 . ILE A 1 96  ? 4.041   5.331   -2.055  1.00 26.42  ? 95  ILE A CD1 1 
ATOM   809  N  N   . SER A 1 97  ? 6.391   8.664   -5.907  1.00 24.14  ? 96  SER A N   1 
ATOM   810  C  CA  . SER A 1 97  ? 5.803   9.379   -7.077  1.00 23.80  ? 96  SER A CA  1 
ATOM   811  C  C   . SER A 1 97  ? 6.095   8.575   -8.371  1.00 27.01  ? 96  SER A C   1 
ATOM   812  O  O   . SER A 1 97  ? 5.181   8.434   -9.221  1.00 24.92  ? 96  SER A O   1 
ATOM   813  C  CB  . SER A 1 97  ? 6.352   10.786  -7.165  1.00 24.38  ? 96  SER A CB  1 
ATOM   814  O  OG  . SER A 1 97  ? 7.790   10.750  -7.175  1.00 25.79  ? 96  SER A OG  1 
ATOM   815  N  N   . GLU A 1 98  ? 7.329   8.058   -8.506  1.00 26.77  ? 97  GLU A N   1 
ATOM   816  C  CA  . GLU A 1 98  ? 7.795   7.260   -9.688  1.00 30.98  ? 97  GLU A CA  1 
ATOM   817  C  C   . GLU A 1 98  ? 7.153   5.874   -9.655  1.00 30.24  ? 97  GLU A C   1 
ATOM   818  O  O   . GLU A 1 98  ? 6.668   5.409   -10.714 1.00 27.01  ? 97  GLU A O   1 
ATOM   819  C  CB  . GLU A 1 98  ? 9.307   7.061   -9.699  1.00 36.77  ? 97  GLU A CB  1 
ATOM   820  C  CG  . GLU A 1 98  ? 10.076  8.157   -10.410 1.00 47.70  ? 97  GLU A CG  1 
ATOM   821  C  CD  . GLU A 1 98  ? 11.584  7.992   -10.256 1.00 54.20  ? 97  GLU A CD  1 
ATOM   822  O  OE1 . GLU A 1 98  ? 12.276  8.995   -9.897  1.00 54.75  ? 97  GLU A OE1 1 
ATOM   823  O  OE2 . GLU A 1 98  ? 12.057  6.852   -10.461 1.00 53.55  ? 97  GLU A OE2 1 
ATOM   824  N  N   . VAL A 1 99  ? 7.123   5.238   -8.477  1.00 25.28  ? 98  VAL A N   1 
ATOM   825  C  CA  . VAL A 1 99  ? 6.440   3.923   -8.313  1.00 29.14  ? 98  VAL A CA  1 
ATOM   826  C  C   . VAL A 1 99  ? 4.986   4.086   -8.744  1.00 27.33  ? 98  VAL A C   1 
ATOM   827  O  O   . VAL A 1 99  ? 4.522   3.268   -9.536  1.00 27.34  ? 98  VAL A O   1 
ATOM   828  C  CB  . VAL A 1 99  ? 6.552   3.368   -6.883  1.00 30.01  ? 98  VAL A CB  1 
ATOM   829  C  CG1 . VAL A 1 99  ? 5.758   2.084   -6.693  1.00 31.28  ? 98  VAL A CG1 1 
ATOM   830  C  CG2 . VAL A 1 99  ? 8.014   3.141   -6.533  1.00 31.84  ? 98  VAL A CG2 1 
ATOM   831  N  N   . TYR A 1 100 ? 4.303   5.120   -8.263  1.00 24.15  ? 99  TYR A N   1 
ATOM   832  C  CA  . TYR A 1 100 ? 2.859   5.362   -8.558  1.00 25.26  ? 99  TYR A CA  1 
ATOM   833  C  C   . TYR A 1 100 ? 2.620   5.431   -10.078 1.00 27.33  ? 99  TYR A C   1 
ATOM   834  O  O   . TYR A 1 100 ? 1.669   4.797   -10.591 1.00 29.16  ? 99  TYR A O   1 
ATOM   835  C  CB  . TYR A 1 100 ? 2.409   6.657   -7.890  1.00 25.01  ? 99  TYR A CB  1 
ATOM   836  C  CG  . TYR A 1 100 ? 0.972   6.979   -8.151  1.00 23.56  ? 99  TYR A CG  1 
ATOM   837  C  CD1 . TYR A 1 100 ? -0.025  6.250   -7.519  1.00 22.69  ? 99  TYR A CD1 1 
ATOM   838  C  CD2 . TYR A 1 100 ? 0.597   7.945   -9.072  1.00 22.74  ? 99  TYR A CD2 1 
ATOM   839  C  CE1 . TYR A 1 100 ? -1.357  6.520   -7.753  1.00 23.54  ? 99  TYR A CE1 1 
ATOM   840  C  CE2 . TYR A 1 100 ? -0.737  8.217   -9.322  1.00 25.97  ? 99  TYR A CE2 1 
ATOM   841  C  CZ  . TYR A 1 100 ? -1.719  7.505   -8.647  1.00 24.33  ? 99  TYR A CZ  1 
ATOM   842  O  OH  . TYR A 1 100 ? -3.029  7.738   -8.901  1.00 25.96  ? 99  TYR A OH  1 
ATOM   843  N  N   . GLU A 1 101 ? 3.409   6.236   -10.798 1.00 27.14  ? 100 GLU A N   1 
ATOM   844  C  CA  . GLU A 1 101 ? 3.186   6.461   -12.245 1.00 29.92  ? 100 GLU A CA  1 
ATOM   845  C  C   . GLU A 1 101 ? 3.259   5.132   -13.007 1.00 27.57  ? 100 GLU A C   1 
ATOM   846  O  O   . GLU A 1 101 ? 2.514   4.987   -13.963 1.00 29.34  ? 100 GLU A O   1 
ATOM   847  C  CB  . GLU A 1 101 ? 4.188   7.436   -12.871 1.00 33.96  ? 100 GLU A CB  1 
ATOM   848  C  CG  . GLU A 1 101 ? 3.810   8.884   -12.680 1.00 42.99  ? 100 GLU A CG  1 
ATOM   849  C  CD  . GLU A 1 101 ? 4.122   9.778   -13.882 1.00 44.87  ? 100 GLU A CD  1 
ATOM   850  O  OE1 . GLU A 1 101 ? 4.924   9.385   -14.713 1.00 42.88  ? 100 GLU A OE1 1 
ATOM   851  O  OE2 . GLU A 1 101 ? 3.538   10.855  -13.959 1.00 59.43  ? 100 GLU A OE2 1 
ATOM   852  N  N   . SER A 1 102 ? 4.093   4.199   -12.597 1.00 28.53  ? 101 SER A N   1 
ATOM   853  C  CA  . SER A 1 102 ? 4.266   2.941   -13.362 1.00 31.54  ? 101 SER A CA  1 
ATOM   854  C  C   . SER A 1 102 ? 3.416   1.790   -12.795 1.00 32.59  ? 101 SER A C   1 
ATOM   855  O  O   . SER A 1 102 ? 3.059   0.917   -13.586 1.00 29.62  ? 101 SER A O   1 
ATOM   856  C  CB  . SER A 1 102 ? 5.723   2.631   -13.550 1.00 37.36  ? 101 SER A CB  1 
ATOM   857  O  OG  . SER A 1 102 ? 6.149   1.603   -12.700 1.00 44.06  ? 101 SER A OG  1 
ATOM   858  N  N   . GLU A 1 103 ? 2.993   1.813   -11.523 1.00 27.26  ? 102 GLU A N   1 
ATOM   859  C  CA  . GLU A 1 103 ? 2.343   0.647   -10.877 1.00 26.51  ? 102 GLU A CA  1 
ATOM   860  C  C   . GLU A 1 103 ? 0.923   0.944   -10.411 1.00 25.10  ? 102 GLU A C   1 
ATOM   861  O  O   . GLU A 1 103 ? 0.298   0.024   -9.879  1.00 27.09  ? 102 GLU A O   1 
ATOM   862  C  CB  . GLU A 1 103 ? 3.165   0.174   -9.693  1.00 28.49  ? 102 GLU A CB  1 
ATOM   863  C  CG  . GLU A 1 103 ? 4.594   -0.175  -10.065 1.00 31.01  ? 102 GLU A CG  1 
ATOM   864  C  CD  . GLU A 1 103 ? 4.745   -1.405  -10.939 1.00 37.08  ? 102 GLU A CD  1 
ATOM   865  O  OE1 . GLU A 1 103 ? 3.793   -2.188  -11.030 1.00 37.72  ? 102 GLU A OE1 1 
ATOM   866  O  OE2 . GLU A 1 103 ? 5.823   -1.571  -11.527 1.00 43.44  ? 102 GLU A OE2 1 
ATOM   867  N  N   . LYS A 1 104 ? 0.435   2.152   -10.594 1.00 26.82  ? 103 LYS A N   1 
ATOM   868  C  CA  . LYS A 1 104 ? -0.953  2.492   -10.219 1.00 25.60  ? 103 LYS A CA  1 
ATOM   869  C  C   . LYS A 1 104 ? -1.943  1.538   -10.893 1.00 26.33  ? 103 LYS A C   1 
ATOM   870  O  O   . LYS A 1 104 ? -1.727  1.143   -12.068 1.00 27.97  ? 103 LYS A O   1 
ATOM   871  C  CB  . LYS A 1 104 ? -1.342  3.909   -10.628 1.00 26.55  ? 103 LYS A CB  1 
ATOM   872  C  CG  . LYS A 1 104 ? -1.192  4.252   -12.095 1.00 28.96  ? 103 LYS A CG  1 
ATOM   873  C  CD  . LYS A 1 104 ? -1.220  5.750   -12.342 1.00 30.84  ? 103 LYS A CD  1 
ATOM   874  C  CE  . LYS A 1 104 ? -1.349  6.063   -13.810 1.00 33.41  ? 103 LYS A CE  1 
ATOM   875  N  NZ  . LYS A 1 104 ? -0.106  5.751   -14.548 1.00 35.94  ? 103 LYS A NZ  1 
ATOM   876  N  N   . ASP A 1 105 ? -3.024  1.246   -10.190 1.00 28.93  ? 104 ASP A N   1 
ATOM   877  C  CA  . ASP A 1 105 ? -4.220  0.544   -10.725 1.00 28.97  ? 104 ASP A CA  1 
ATOM   878  C  C   . ASP A 1 105 ? -5.005  1.461   -11.685 1.00 29.13  ? 104 ASP A C   1 
ATOM   879  O  O   . ASP A 1 105 ? -4.953  2.719   -11.587 1.00 26.15  ? 104 ASP A O   1 
ATOM   880  C  CB  . ASP A 1 105 ? -5.095  0.115   -9.555  1.00 30.52  ? 104 ASP A CB  1 
ATOM   881  C  CG  . ASP A 1 105 ? -6.110  -0.951  -9.934  1.00 31.13  ? 104 ASP A CG  1 
ATOM   882  O  OD1 . ASP A 1 105 ? -5.729  -2.133  -9.864  1.00 33.25  ? 104 ASP A OD1 1 
ATOM   883  O  OD2 . ASP A 1 105 ? -7.247  -0.574  -10.295 1.00 32.09  ? 104 ASP A OD2 1 
ATOM   884  N  N   . GLU A 1 106 ? -5.803  0.875   -12.573 1.00 31.03  ? 105 GLU A N   1 
ATOM   885  C  CA  . GLU A 1 106 ? -6.730  1.661   -13.423 1.00 32.71  ? 105 GLU A CA  1 
ATOM   886  C  C   . GLU A 1 106 ? -7.673  2.526   -12.602 1.00 30.84  ? 105 GLU A C   1 
ATOM   887  O  O   . GLU A 1 106 ? -8.126  3.521   -13.177 1.00 29.91  ? 105 GLU A O   1 
ATOM   888  C  CB  . GLU A 1 106 ? -7.608  0.765   -14.281 1.00 38.73  ? 105 GLU A CB  1 
ATOM   889  C  CG  . GLU A 1 106 ? -6.787  0.017   -15.289 1.00 48.52  ? 105 GLU A CG  1 
ATOM   890  C  CD  . GLU A 1 106 ? -7.626  -0.845  -16.201 1.00 52.84  ? 105 GLU A CD  1 
ATOM   891  O  OE1 . GLU A 1 106 ? -8.689  -0.345  -16.694 1.00 44.49  ? 105 GLU A OE1 1 
ATOM   892  O  OE2 . GLU A 1 106 ? -7.193  -1.993  -16.406 1.00 63.45  ? 105 GLU A OE2 1 
ATOM   893  N  N   . ASP A 1 107 ? -7.980  2.204   -11.335 1.00 30.62  ? 106 ASP A N   1 
ATOM   894  C  CA  . ASP A 1 107 ? -8.884  3.075   -10.511 1.00 29.81  ? 106 ASP A CA  1 
ATOM   895  C  C   . ASP A 1 107 ? -8.133  4.326   -9.992  1.00 30.98  ? 106 ASP A C   1 
ATOM   896  O  O   . ASP A 1 107 ? -8.821  5.285   -9.527  1.00 27.03  ? 106 ASP A O   1 
ATOM   897  C  CB  . ASP A 1 107 ? -9.600  2.319   -9.382  1.00 28.68  ? 106 ASP A CB  1 
ATOM   898  C  CG  . ASP A 1 107 ? -8.736  1.694   -8.286  1.00 30.95  ? 106 ASP A CG  1 
ATOM   899  O  OD1 . ASP A 1 107 ? -7.511  1.972   -8.216  1.00 26.98  ? 106 ASP A OD1 1 
ATOM   900  O  OD2 . ASP A 1 107 ? -9.296  0.881   -7.499  1.00 28.35  ? 106 ASP A OD2 1 
ATOM   901  N  N   . GLY A 1 108 ? -6.790  4.317   -10.048 1.00 26.00  ? 107 GLY A N   1 
ATOM   902  C  CA  . GLY A 1 108 ? -5.920  5.403   -9.557  1.00 23.58  ? 107 GLY A CA  1 
ATOM   903  C  C   . GLY A 1 108 ? -5.334  5.166   -8.172  1.00 22.08  ? 107 GLY A C   1 
ATOM   904  O  O   . GLY A 1 108 ? -4.496  5.983   -7.749  1.00 23.55  ? 107 GLY A O   1 
ATOM   905  N  N   . PHE A 1 109 ? -5.696  4.082   -7.469  1.00 21.74  ? 108 PHE A N   1 
ATOM   906  C  CA  . PHE A 1 109 ? -5.054  3.689   -6.193  1.00 25.19  ? 108 PHE A CA  1 
ATOM   907  C  C   . PHE A 1 109 ? -3.775  2.931   -6.531  1.00 27.41  ? 108 PHE A C   1 
ATOM   908  O  O   . PHE A 1 109 ? -3.683  2.326   -7.660  1.00 27.06  ? 108 PHE A O   1 
ATOM   909  C  CB  . PHE A 1 109 ? -5.962  2.822   -5.300  1.00 25.14  ? 108 PHE A CB  1 
ATOM   910  C  CG  . PHE A 1 109 ? -6.935  3.617   -4.486  1.00 27.62  ? 108 PHE A CG  1 
ATOM   911  C  CD1 . PHE A 1 109 ? -6.488  4.418   -3.451  1.00 26.93  ? 108 PHE A CD1 1 
ATOM   912  C  CD2 . PHE A 1 109 ? -8.291  3.597   -4.778  1.00 27.45  ? 108 PHE A CD2 1 
ATOM   913  C  CE1 . PHE A 1 109 ? -7.374  5.215   -2.746  1.00 26.35  ? 108 PHE A CE1 1 
ATOM   914  C  CE2 . PHE A 1 109 ? -9.185  4.349   -4.028  1.00 28.61  ? 108 PHE A CE2 1 
ATOM   915  C  CZ  . PHE A 1 109 ? -8.729  5.161   -3.012  1.00 27.26  ? 108 PHE A CZ  1 
ATOM   916  N  N   . LEU A 1 110 ? -2.835  2.942   -5.587  1.00 25.41  ? 109 LEU A N   1 
ATOM   917  C  CA  . LEU A 1 110 ? -1.647  2.055   -5.589  1.00 25.46  ? 109 LEU A CA  1 
ATOM   918  C  C   . LEU A 1 110 ? -1.875  0.962   -4.541  1.00 24.69  ? 109 LEU A C   1 
ATOM   919  O  O   . LEU A 1 110 ? -2.007  1.317   -3.323  1.00 25.36  ? 109 LEU A O   1 
ATOM   920  C  CB  . LEU A 1 110 ? -0.410  2.895   -5.286  1.00 24.64  ? 109 LEU A CB  1 
ATOM   921  C  CG  . LEU A 1 110 ? 0.934   2.201   -5.403  1.00 27.40  ? 109 LEU A CG  1 
ATOM   922  C  CD1 . LEU A 1 110 ? 1.136   1.702   -6.846  1.00 28.30  ? 109 LEU A CD1 1 
ATOM   923  C  CD2 . LEU A 1 110 ? 2.066   3.169   -5.009  1.00 27.21  ? 109 LEU A CD2 1 
ATOM   924  N  N   . TYR A 1 111 ? -1.917  -0.301  -4.969  1.00 22.61  ? 110 TYR A N   1 
ATOM   925  C  CA  . TYR A 1 111 ? -2.299  -1.478  -4.150  1.00 23.53  ? 110 TYR A CA  1 
ATOM   926  C  C   . TYR A 1 111 ? -1.057  -2.182  -3.610  1.00 25.81  ? 110 TYR A C   1 
ATOM   927  O  O   . TYR A 1 111 ? -0.119  -2.469  -4.357  1.00 28.18  ? 110 TYR A O   1 
ATOM   928  C  CB  . TYR A 1 111 ? -3.208  -2.433  -4.936  1.00 25.11  ? 110 TYR A CB  1 
ATOM   929  C  CG  . TYR A 1 111 ? -4.614  -1.894  -5.112  1.00 23.31  ? 110 TYR A CG  1 
ATOM   930  C  CD1 . TYR A 1 111 ? -4.933  -1.032  -6.143  1.00 26.00  ? 110 TYR A CD1 1 
ATOM   931  C  CD2 . TYR A 1 111 ? -5.608  -2.176  -4.186  1.00 27.76  ? 110 TYR A CD2 1 
ATOM   932  C  CE1 . TYR A 1 111 ? -6.213  -0.502  -6.279  1.00 24.69  ? 110 TYR A CE1 1 
ATOM   933  C  CE2 . TYR A 1 111 ? -6.890  -1.667  -4.316  1.00 27.40  ? 110 TYR A CE2 1 
ATOM   934  C  CZ  . TYR A 1 111 ? -7.199  -0.827  -5.368  1.00 27.16  ? 110 TYR A CZ  1 
ATOM   935  O  OH  . TYR A 1 111 ? -8.457  -0.316  -5.468  1.00 27.45  ? 110 TYR A OH  1 
ATOM   936  N  N   . MET A 1 112 ? -1.053  -2.396  -2.294  1.00 24.54  ? 111 MET A N   1 
ATOM   937  C  CA  . MET A 1 112 ? 0.030   -3.112  -1.597  1.00 27.71  ? 111 MET A CA  1 
ATOM   938  C  C   . MET A 1 112 ? -0.558  -4.207  -0.693  1.00 27.36  ? 111 MET A C   1 
ATOM   939  O  O   . MET A 1 112 ? -1.653  -4.029  -0.104  1.00 27.44  ? 111 MET A O   1 
ATOM   940  C  CB  . MET A 1 112 ? 0.863   -2.121  -0.799  1.00 27.44  ? 111 MET A CB  1 
ATOM   941  C  CG  . MET A 1 112 ? 1.297   -0.932  -1.647  1.00 29.16  ? 111 MET A CG  1 
ATOM   942  S  SD  . MET A 1 112 ? 2.608   -0.058  -0.807  1.00 32.58  ? 111 MET A SD  1 
ATOM   943  C  CE  . MET A 1 112 ? 2.996   1.178   -2.049  1.00 32.09  ? 111 MET A CE  1 
ATOM   944  N  N   A VAL A 1 113 ? 0.173   -5.317  -0.593  0.41 29.01  ? 112 VAL A N   1 
ATOM   945  N  N   B VAL A 1 113 ? 0.135   -5.344  -0.598  0.10 27.80  ? 112 VAL A N   1 
ATOM   946  C  CA  A VAL A 1 113 ? -0.177  -6.500  0.247   0.41 29.49  ? 112 VAL A CA  1 
ATOM   947  C  CA  B VAL A 1 113 ? -0.247  -6.458  0.321   0.10 27.84  ? 112 VAL A CA  1 
ATOM   948  C  C   A VAL A 1 113 ? 1.067   -6.923  1.028   0.41 29.09  ? 112 VAL A C   1 
ATOM   949  C  C   B VAL A 1 113 ? 1.016   -6.985  1.007   0.10 27.93  ? 112 VAL A C   1 
ATOM   950  O  O   A VAL A 1 113 ? 2.144   -6.957  0.425   0.41 29.33  ? 112 VAL A O   1 
ATOM   951  O  O   B VAL A 1 113 ? 2.041   -7.153  0.322   0.10 28.05  ? 112 VAL A O   1 
ATOM   952  C  CB  A VAL A 1 113 ? -0.690  -7.661  -0.620  0.41 30.81  ? 112 VAL A CB  1 
ATOM   953  C  CB  B VAL A 1 113 ? -1.018  -7.576  -0.408  0.10 28.02  ? 112 VAL A CB  1 
ATOM   954  C  CG1 A VAL A 1 113 ? -1.087  -8.844  0.243   0.41 31.59  ? 112 VAL A CG1 1 
ATOM   955  C  CG1 B VAL A 1 113 ? -2.441  -7.151  -0.739  0.10 27.88  ? 112 VAL A CG1 1 
ATOM   956  C  CG2 A VAL A 1 113 ? -1.834  -7.220  -1.527  0.41 30.46  ? 112 VAL A CG2 1 
ATOM   957  C  CG2 B VAL A 1 113 ? -0.296  -8.047  -1.658  0.10 27.86  ? 112 VAL A CG2 1 
ATOM   958  N  N   . TYR A 1 114 ? 0.919   -7.228  2.317   1.00 27.40  ? 113 TYR A N   1 
ATOM   959  C  CA  . TYR A 1 114 ? 2.047   -7.625  3.176   1.00 28.36  ? 113 TYR A CA  1 
ATOM   960  C  C   . TYR A 1 114 ? 1.797   -9.018  3.744   1.00 29.96  ? 113 TYR A C   1 
ATOM   961  O  O   . TYR A 1 114 ? 0.638   -9.385  4.050   1.00 32.97  ? 113 TYR A O   1 
ATOM   962  C  CB  . TYR A 1 114 ? 2.286   -6.596  4.282   1.00 26.93  ? 113 TYR A CB  1 
ATOM   963  C  CG  . TYR A 1 114 ? 1.191   -6.394  5.298   1.00 28.97  ? 113 TYR A CG  1 
ATOM   964  C  CD1 . TYR A 1 114 ? 0.220   -5.423  5.133   1.00 26.08  ? 113 TYR A CD1 1 
ATOM   965  C  CD2 . TYR A 1 114 ? 1.189   -7.116  6.484   1.00 29.05  ? 113 TYR A CD2 1 
ATOM   966  C  CE1 . TYR A 1 114 ? -0.765  -5.219  6.091   1.00 29.32  ? 113 TYR A CE1 1 
ATOM   967  C  CE2 . TYR A 1 114 ? 0.205   -6.921  7.448   1.00 27.71  ? 113 TYR A CE2 1 
ATOM   968  C  CZ  . TYR A 1 114 ? -0.748  -5.952  7.272   1.00 30.34  ? 113 TYR A CZ  1 
ATOM   969  O  OH  . TYR A 1 114 ? -1.677  -5.795  8.263   1.00 31.57  ? 113 TYR A OH  1 
ATOM   970  N  N   . ALA A 1 115 ? 2.896   -9.723  3.955   1.00 30.43  ? 114 ALA A N   1 
ATOM   971  C  CA  . ALA A 1 115 ? 2.916   -11.075 4.547   1.00 34.33  ? 114 ALA A CA  1 
ATOM   972  C  C   . ALA A 1 115 ? 4.230   -11.234 5.316   1.00 34.29  ? 114 ALA A C   1 
ATOM   973  O  O   . ALA A 1 115 ? 5.145   -10.423 5.086   1.00 32.98  ? 114 ALA A O   1 
ATOM   974  C  CB  . ALA A 1 115 ? 2.808   -12.099 3.444   1.00 34.75  ? 114 ALA A CB  1 
ATOM   975  N  N   . SER A 1 116 ? 4.327   -12.266 6.162   1.00 39.05  ? 115 SER A N   1 
ATOM   976  C  CA  . SER A 1 116 ? 5.565   -12.625 6.909   1.00 42.34  ? 115 SER A CA  1 
ATOM   977  C  C   . SER A 1 116 ? 6.430   -13.577 6.081   1.00 49.71  ? 115 SER A C   1 
ATOM   978  O  O   . SER A 1 116 ? 7.590   -13.810 6.502   1.00 49.26  ? 115 SER A O   1 
ATOM   979  C  CB  . SER A 1 116 ? 5.264   -13.233 8.259   1.00 42.16  ? 115 SER A CB  1 
ATOM   980  O  OG  . SER A 1 116 ? 4.283   -14.229 8.127   1.00 47.27  ? 115 SER A OG  1 
ATOM   981  N  N   . GLN A 1 117 ? 5.898   -14.110 4.971   1.00 46.74  ? 116 GLN A N   1 
ATOM   982  C  CA  . GLN A 1 117 ? 6.645   -15.041 4.077   1.00 52.78  ? 116 GLN A CA  1 
ATOM   983  C  C   . GLN A 1 117 ? 6.758   -14.394 2.686   1.00 56.23  ? 116 GLN A C   1 
ATOM   984  O  O   . GLN A 1 117 ? 5.798   -13.676 2.279   1.00 47.12  ? 116 GLN A O   1 
ATOM   985  C  CB  . GLN A 1 117 ? 5.965   -16.415 4.026   1.00 47.56  ? 116 GLN A CB  1 
ATOM   986  N  N   . GLU A 1 118 ? 7.881   -14.638 1.997   1.00 61.53  ? 117 GLU A N   1 
ATOM   987  C  CA  . GLU A 1 118 ? 8.146   -14.227 0.588   1.00 74.86  ? 117 GLU A CA  1 
ATOM   988  C  C   . GLU A 1 118 ? 7.172   -14.966 -0.339  1.00 80.59  ? 117 GLU A C   1 
ATOM   989  O  O   . GLU A 1 118 ? 6.688   -14.349 -1.305  1.00 85.63  ? 117 GLU A O   1 
ATOM   990  C  CB  . GLU A 1 118 ? 9.599   -14.532 0.214   1.00 84.97  ? 117 GLU A CB  1 
ATOM   991  C  CG  . GLU A 1 118 ? 10.224  -13.501 -0.714  1.00 88.24  ? 117 GLU A CG  1 
ATOM   992  C  CD  . GLU A 1 118 ? 11.707  -13.697 -0.969  1.00 92.61  ? 117 GLU A CD  1 
ATOM   993  O  OE1 . GLU A 1 118 ? 12.324  -14.519 -0.263  1.00 97.96  ? 117 GLU A OE1 1 
ATOM   994  O  OE2 . GLU A 1 118 ? 12.234  -13.030 -1.878  1.00 100.42 ? 117 GLU A OE2 1 
ATOM   995  N  N   . THR A 1 119 ? 6.907   -16.243 -0.048  1.00 85.62  ? 118 THR A N   1 
ATOM   996  C  CA  . THR A 1 119 ? 5.868   -17.079 -0.704  1.00 96.02  ? 118 THR A CA  1 
ATOM   997  C  C   . THR A 1 119 ? 4.472   -16.596 -0.259  1.00 103.13 ? 118 THR A C   1 
ATOM   998  O  O   . THR A 1 119 ? 3.981   -17.094 0.781   1.00 113.86 ? 118 THR A O   1 
ATOM   999  C  CB  . THR A 1 119 ? 6.123   -18.564 -0.402  1.00 87.84  ? 118 THR A CB  1 
ATOM   1000 N  N   . PHE A 1 120 ? 3.867   -15.650 -0.998  1.00 96.68  ? 119 PHE A N   1 
ATOM   1001 C  CA  . PHE A 1 120 ? 2.469   -15.176 -0.797  1.00 90.58  ? 119 PHE A CA  1 
ATOM   1002 C  C   . PHE A 1 120 ? 1.509   -16.260 -1.299  1.00 92.81  ? 119 PHE A C   1 
ATOM   1003 O  O   . PHE A 1 120 ? 1.119   -16.275 -2.465  1.00 89.75  ? 119 PHE A O   1 
ATOM   1004 C  CB  . PHE A 1 120 ? 2.213   -13.842 -1.509  1.00 87.63  ? 119 PHE A CB  1 
ATOM   1005 C  CG  . PHE A 1 120 ? 2.779   -12.626 -0.814  1.00 86.20  ? 119 PHE A CG  1 
ATOM   1006 C  CD1 . PHE A 1 120 ? 4.141   -12.361 -0.853  1.00 81.11  ? 119 PHE A CD1 1 
ATOM   1007 C  CD2 . PHE A 1 120 ? 1.953   -11.731 -0.140  1.00 82.64  ? 119 PHE A CD2 1 
ATOM   1008 C  CE1 . PHE A 1 120 ? 4.669   -11.237 -0.231  1.00 77.05  ? 119 PHE A CE1 1 
ATOM   1009 C  CE2 . PHE A 1 120 ? 2.482   -10.607 0.487   1.00 76.55  ? 119 PHE A CE2 1 
ATOM   1010 C  CZ  . PHE A 1 120 ? 3.838   -10.366 0.444   1.00 76.07  ? 119 PHE A CZ  1 
HETATM 1011 N  N1  . KCC B 2 .   ? -10.642 13.166  -14.888 0.76 33.55  ? 201 KCC A N1  1 
HETATM 1012 N  N3  . KCC B 2 .   ? -10.054 14.060  -12.848 0.76 30.83  ? 201 KCC A N3  1 
HETATM 1013 C  C4  . KCC B 2 .   ? -11.730 15.321  -11.630 0.76 30.34  ? 201 KCC A C4  1 
HETATM 1014 C  C5  . KCC B 2 .   ? -12.069 16.069  -10.487 0.76 31.38  ? 201 KCC A C5  1 
HETATM 1015 C  C6  . KCC B 2 .   ? -11.152 16.254  -9.494  0.76 30.42  ? 201 KCC A C6  1 
HETATM 1016 C  C7  . KCC B 2 .   ? -9.854  15.705  -9.604  0.76 31.05  ? 201 KCC A C7  1 
HETATM 1017 C  C8  . KCC B 2 .   ? -9.497  14.984  -10.702 0.76 30.47  ? 201 KCC A C8  1 
HETATM 1018 C  C1  . KCC B 2 .   ? -9.554  12.207  -14.895 0.76 34.88  ? 201 KCC A C1  1 
HETATM 1019 C  C2  . KCC B 2 .   ? -10.967 13.874  -13.790 0.76 31.46  ? 201 KCC A C2  1 
HETATM 1020 C  C3  . KCC B 2 .   ? -12.289 14.430  -13.675 0.76 30.20  ? 201 KCC A C3  1 
HETATM 1021 C  C9  . KCC B 2 .   ? -10.425 14.784  -11.744 0.76 30.74  ? 201 KCC A C9  1 
HETATM 1022 N  N2  . KCC B 2 .   ? -12.654 15.143  -12.641 0.76 30.26  ? 201 KCC A N2  1 
HETATM 1023 C  C1  . EDO C 3 .   ? 10.358  -7.730  -9.693  1.00 81.79  ? 202 EDO A C1  1 
HETATM 1024 O  O1  . EDO C 3 .   ? 9.110   -8.401  -9.734  1.00 87.14  ? 202 EDO A O1  1 
HETATM 1025 C  C2  . EDO C 3 .   ? 11.545  -8.569  -9.373  1.00 73.38  ? 202 EDO A C2  1 
HETATM 1026 O  O2  . EDO C 3 .   ? 12.135  -9.180  -10.505 1.00 60.75  ? 202 EDO A O2  1 
HETATM 1027 C  C1  . EDO D 3 .   ? 1.174   7.299   6.157   1.00 58.93  ? 203 EDO A C1  1 
HETATM 1028 O  O1  . EDO D 3 .   ? 2.191   7.897   5.391   1.00 57.34  ? 203 EDO A O1  1 
HETATM 1029 C  C2  . EDO D 3 .   ? 0.500   8.288   7.037   1.00 60.19  ? 203 EDO A C2  1 
HETATM 1030 O  O2  . EDO D 3 .   ? -0.918  8.286   6.911   1.00 63.30  ? 203 EDO A O2  1 
HETATM 1031 C  C1  . EDO E 3 .   ? -8.761  -3.531  -12.040 1.00 53.95  ? 204 EDO A C1  1 
HETATM 1032 O  O1  . EDO E 3 .   ? -8.967  -4.680  -11.228 1.00 53.00  ? 204 EDO A O1  1 
HETATM 1033 C  C2  . EDO E 3 .   ? -9.749  -2.434  -11.784 1.00 55.15  ? 204 EDO A C2  1 
HETATM 1034 O  O2  . EDO E 3 .   ? -9.734  -1.943  -10.444 1.00 48.97  ? 204 EDO A O2  1 
HETATM 1035 C  C1  . EDO F 3 .   ? 14.798  -0.651  11.001  1.00 49.12  ? 205 EDO A C1  1 
HETATM 1036 O  O1  . EDO F 3 .   ? 15.439  0.482   10.379  1.00 48.20  ? 205 EDO A O1  1 
HETATM 1037 C  C2  . EDO F 3 .   ? 13.337  -0.510  11.150  1.00 45.32  ? 205 EDO A C2  1 
HETATM 1038 O  O2  . EDO F 3 .   ? 12.564  -1.015  10.083  1.00 40.43  ? 205 EDO A O2  1 
HETATM 1039 C  C1  . EDO G 3 .   ? 14.875  -1.481  4.045   1.00 78.11  ? 206 EDO A C1  1 
HETATM 1040 O  O1  . EDO G 3 .   ? 15.031  -1.663  2.640   1.00 66.89  ? 206 EDO A O1  1 
HETATM 1041 C  C2  . EDO G 3 .   ? 13.651  -0.697  4.441   1.00 69.74  ? 206 EDO A C2  1 
HETATM 1042 O  O2  . EDO G 3 .   ? 13.034  -1.094  5.646   1.00 71.85  ? 206 EDO A O2  1 
HETATM 1043 C  C1  . EDO H 3 .   ? -6.139  -9.458  -0.230  1.00 80.03  ? 207 EDO A C1  1 
HETATM 1044 O  O1  . EDO H 3 .   ? -5.788  -8.299  -0.962  1.00 75.11  ? 207 EDO A O1  1 
HETATM 1045 C  C2  . EDO H 3 .   ? -4.961  -10.187 0.315   1.00 81.16  ? 207 EDO A C2  1 
HETATM 1046 O  O2  . EDO H 3 .   ? -4.647  -11.404 -0.362  1.00 73.71  ? 207 EDO A O2  1 
HETATM 1047 C  C1  . EDO I 3 .   ? -12.898 5.027   -1.612  1.00 76.66  ? 208 EDO A C1  1 
HETATM 1048 O  O1  . EDO I 3 .   ? -13.710 5.676   -2.582  1.00 67.68  ? 208 EDO A O1  1 
HETATM 1049 C  C2  . EDO I 3 .   ? -13.257 5.361   -0.194  1.00 77.94  ? 208 EDO A C2  1 
HETATM 1050 O  O2  . EDO I 3 .   ? -12.291 4.967   0.774   1.00 77.17  ? 208 EDO A O2  1 
HETATM 1051 C  C1  . EDO J 3 .   ? -5.477  -8.306  -8.939  1.00 78.88  ? 209 EDO A C1  1 
HETATM 1052 O  O1  . EDO J 3 .   ? -6.686  -8.410  -8.210  1.00 69.64  ? 209 EDO A O1  1 
HETATM 1053 C  C2  . EDO J 3 .   ? -4.267  -8.738  -8.184  1.00 81.99  ? 209 EDO A C2  1 
HETATM 1054 O  O2  . EDO J 3 .   ? -3.097  -8.830  -8.995  1.00 77.14  ? 209 EDO A O2  1 
HETATM 1055 C  C1  . EDO K 3 .   ? 7.977   -1.524  -8.129  1.00 70.12  ? 210 EDO A C1  1 
HETATM 1056 O  O1  . EDO K 3 .   ? 8.595   -2.741  -8.560  1.00 63.72  ? 210 EDO A O1  1 
HETATM 1057 C  C2  . EDO K 3 .   ? 8.225   -1.165  -6.697  1.00 71.50  ? 210 EDO A C2  1 
HETATM 1058 O  O2  . EDO K 3 .   ? 9.428   -0.425  -6.430  1.00 70.97  ? 210 EDO A O2  1 
HETATM 1059 CL CL  . CL  L 4 .   ? -1.152  17.919  -0.196  1.00 32.96  ? 211 CL  A CL  1 
HETATM 1060 O  O   . HOH M 5 .   ? 8.626   9.601   -3.646  1.00 142.93 ? 301 HOH A O   1 
HETATM 1061 O  O   . HOH M 5 .   ? -9.010  -4.558  3.309   1.00 52.29  ? 302 HOH A O   1 
HETATM 1062 O  O   . HOH M 5 .   ? -10.089 -7.669  -4.084  1.00 63.12  ? 303 HOH A O   1 
HETATM 1063 O  O   . HOH M 5 .   ? 5.223   -0.065  21.191  1.00 44.36  ? 304 HOH A O   1 
HETATM 1064 O  O   . HOH M 5 .   ? 8.498   -6.600  -2.504  1.00 40.95  ? 305 HOH A O   1 
HETATM 1065 O  O   . HOH M 5 .   ? 11.815  4.748   -11.728 1.00 57.94  ? 306 HOH A O   1 
HETATM 1066 O  O   . HOH M 5 .   ? 16.937  -4.340  -6.082  1.00 44.77  ? 307 HOH A O   1 
HETATM 1067 O  O   . HOH M 5 .   ? 7.607   5.438   -13.053 1.00 48.15  ? 308 HOH A O   1 
HETATM 1068 O  O   . HOH M 5 .   ? -13.734 1.391   2.446   1.00 55.09  ? 309 HOH A O   1 
HETATM 1069 O  O   . HOH M 5 .   ? -22.581 6.468   -12.988 1.00 55.58  ? 310 HOH A O   1 
HETATM 1070 O  O   . HOH M 5 .   ? -2.149  -6.600  -9.783  1.00 38.52  ? 311 HOH A O   1 
HETATM 1071 O  O   . HOH M 5 .   ? -21.568 2.601   -11.363 1.00 58.53  ? 312 HOH A O   1 
HETATM 1072 O  O   . HOH M 5 .   ? -7.497  7.262   5.086   1.00 65.17  ? 313 HOH A O   1 
HETATM 1073 O  O   . HOH M 5 .   ? 0.121   0.932   -13.880 1.00 35.79  ? 314 HOH A O   1 
HETATM 1074 O  O   . HOH M 5 .   ? -5.580  -2.645  5.822   1.00 31.52  ? 315 HOH A O   1 
HETATM 1075 O  O   . HOH M 5 .   ? -5.928  -5.616  -7.421  1.00 43.90  ? 316 HOH A O   1 
HETATM 1076 O  O   . HOH M 5 .   ? -2.984  -2.960  -8.847  1.00 31.81  ? 317 HOH A O   1 
HETATM 1077 O  O   . HOH M 5 .   ? -11.689 1.421   3.834   1.00 49.37  ? 318 HOH A O   1 
HETATM 1078 O  O   . HOH M 5 .   ? -4.938  -13.798 7.209   1.00 69.60  ? 319 HOH A O   1 
HETATM 1079 O  O   . HOH M 5 .   ? -3.312  8.589   5.845   1.00 33.28  ? 320 HOH A O   1 
HETATM 1080 O  O   . HOH M 5 .   ? 3.348   -11.980 -7.391  1.00 41.01  ? 321 HOH A O   1 
HETATM 1081 O  O   . HOH M 5 .   ? -5.425  -11.484 6.126   1.00 54.13  ? 322 HOH A O   1 
HETATM 1082 O  O   . HOH M 5 .   ? -2.772  -2.530  13.966  1.00 42.71  ? 323 HOH A O   1 
HETATM 1083 O  O   . HOH M 5 .   ? 13.479  -5.390  -3.592  1.00 47.78  ? 324 HOH A O   1 
HETATM 1084 O  O   . HOH M 5 .   ? 6.905   -4.470  18.860  1.00 48.36  ? 325 HOH A O   1 
HETATM 1085 O  O   . HOH M 5 .   ? 10.589  0.591   11.088  1.00 35.99  ? 326 HOH A O   1 
HETATM 1086 O  O   . HOH M 5 .   ? 8.181   14.964  -4.648  1.00 35.82  ? 327 HOH A O   1 
HETATM 1087 O  O   . HOH M 5 .   ? 3.468   10.587  -9.347  1.00 25.98  ? 328 HOH A O   1 
HETATM 1088 O  O   . HOH M 5 .   ? 3.898   4.628   11.055  1.00 24.58  ? 329 HOH A O   1 
HETATM 1089 O  O   . HOH M 5 .   ? -4.581  17.708  -8.436  1.00 26.70  ? 330 HOH A O   1 
HETATM 1090 O  O   . HOH M 5 .   ? -2.066  14.316  -7.013  1.00 22.60  ? 331 HOH A O   1 
HETATM 1091 O  O   . HOH M 5 .   ? -4.118  -4.318  -1.581  1.00 35.27  ? 332 HOH A O   1 
HETATM 1092 O  O   . HOH M 5 .   ? -2.112  -5.144  -12.173 1.00 35.68  ? 333 HOH A O   1 
HETATM 1093 O  O   . HOH M 5 .   ? 11.132  -11.189 -4.281  1.00 58.38  ? 334 HOH A O   1 
HETATM 1094 O  O   . HOH M 5 .   ? 0.269   -3.107  -14.104 1.00 36.55  ? 335 HOH A O   1 
HETATM 1095 O  O   . HOH M 5 .   ? -1.928  -0.516  12.896  1.00 32.27  ? 336 HOH A O   1 
HETATM 1096 O  O   . HOH M 5 .   ? -9.082  7.946   -10.364 1.00 32.55  ? 337 HOH A O   1 
HETATM 1097 O  O   . HOH M 5 .   ? -3.235  13.176  -4.732  1.00 34.44  ? 338 HOH A O   1 
HETATM 1098 O  O   . HOH M 5 .   ? -0.588  -10.904 -6.898  1.00 43.53  ? 339 HOH A O   1 
HETATM 1099 O  O   . HOH M 5 .   ? -6.099  -6.391  5.481   1.00 44.01  ? 340 HOH A O   1 
HETATM 1100 O  O   . HOH M 5 .   ? -1.424  -0.850  -7.733  1.00 26.74  ? 341 HOH A O   1 
HETATM 1101 O  O   . HOH M 5 .   ? 5.670   15.168  -0.861  1.00 46.89  ? 342 HOH A O   1 
HETATM 1102 O  O   . HOH M 5 .   ? -2.197  16.973  2.423   1.00 35.74  ? 343 HOH A O   1 
HETATM 1103 O  O   . HOH M 5 .   ? -10.001 -0.373  7.269   1.00 50.97  ? 344 HOH A O   1 
HETATM 1104 O  O   . HOH M 5 .   ? 17.787  -1.849  -5.211  1.00 54.69  ? 345 HOH A O   1 
HETATM 1105 O  O   . HOH M 5 .   ? 8.357   -0.825  15.648  1.00 31.06  ? 346 HOH A O   1 
HETATM 1106 O  O   . HOH M 5 .   ? -8.492  -4.601  -2.817  1.00 32.32  ? 347 HOH A O   1 
HETATM 1107 O  O   . HOH M 5 .   ? -0.076  -5.714  -4.286  1.00 28.99  ? 348 HOH A O   1 
HETATM 1108 O  O   . HOH M 5 .   ? -3.151  10.548  -7.777  1.00 24.86  ? 349 HOH A O   1 
HETATM 1109 O  O   . HOH M 5 .   ? 3.691   15.347  0.656   1.00 34.96  ? 350 HOH A O   1 
HETATM 1110 O  O   . HOH M 5 .   ? 6.351   16.582  -1.953  1.00 51.25  ? 351 HOH A O   1 
HETATM 1111 O  O   . HOH M 5 .   ? 11.964  -10.138 -2.315  1.00 53.34  ? 352 HOH A O   1 
HETATM 1112 O  O   . HOH M 5 .   ? 10.857  -16.249 -2.129  1.00 70.23  ? 353 HOH A O   1 
HETATM 1113 O  O   . HOH M 5 .   ? -19.494 6.210   1.155   1.00 75.78  ? 354 HOH A O   1 
HETATM 1114 O  O   . HOH M 5 .   ? -4.503  -8.015  14.158  1.00 39.16  ? 355 HOH A O   1 
HETATM 1115 O  O   . HOH M 5 .   ? 16.582  -1.778  8.839   1.00 60.74  ? 356 HOH A O   1 
HETATM 1116 O  O   . HOH M 5 .   ? 1.549   -16.656 7.920   1.00 56.70  ? 357 HOH A O   1 
HETATM 1117 O  O   . HOH M 5 .   ? 0.027   2.933   -15.498 1.00 47.50  ? 358 HOH A O   1 
HETATM 1118 O  O   . HOH M 5 .   ? 9.227   -5.514  2.964   1.00 68.88  ? 359 HOH A O   1 
HETATM 1119 O  O   . HOH M 5 .   ? -4.694  -4.802  7.349   1.00 37.98  ? 360 HOH A O   1 
HETATM 1120 O  O   . HOH M 5 .   ? 10.379  -15.779 3.169   1.00 67.91  ? 361 HOH A O   1 
HETATM 1121 O  O   . HOH M 5 .   ? 12.438  8.509   1.719   1.00 31.41  ? 362 HOH A O   1 
HETATM 1122 O  O   . HOH M 5 .   ? 9.346   -6.375  0.790   1.00 42.98  ? 363 HOH A O   1 
HETATM 1123 O  O   . HOH M 5 .   ? 11.055  -5.650  6.629   1.00 40.18  ? 364 HOH A O   1 
HETATM 1124 O  O   . HOH M 5 .   ? -9.456  2.981   5.323   1.00 29.59  ? 365 HOH A O   1 
HETATM 1125 O  O   . HOH M 5 .   ? -4.867  10.791  -5.641  1.00 34.63  ? 366 HOH A O   1 
HETATM 1126 O  O   . HOH M 5 .   ? 14.619  4.468   4.494   1.00 38.64  ? 367 HOH A O   1 
HETATM 1127 O  O   . HOH M 5 .   ? -7.393  9.497   -14.156 1.00 43.38  ? 368 HOH A O   1 
HETATM 1128 O  O   . HOH M 5 .   ? 6.511   -11.983 11.164  1.00 56.79  ? 369 HOH A O   1 
HETATM 1129 O  O   . HOH M 5 .   ? 2.663   -16.279 5.499   1.00 70.21  ? 370 HOH A O   1 
HETATM 1130 O  O   . HOH M 5 .   ? 15.846  -3.189  -3.414  1.00 71.17  ? 371 HOH A O   1 
HETATM 1131 O  O   . HOH M 5 .   ? -4.316  21.280  -0.050  1.00 43.19  ? 372 HOH A O   1 
HETATM 1132 O  O   . HOH M 5 .   ? 11.977  -8.929  6.260   1.00 48.70  ? 373 HOH A O   1 
HETATM 1133 O  O   . HOH M 5 .   ? -4.766  -2.151  -13.271 1.00 41.25  ? 374 HOH A O   1 
HETATM 1134 O  O   . HOH M 5 .   ? -2.068  -1.947  -13.184 1.00 55.35  ? 375 HOH A O   1 
HETATM 1135 O  O   . HOH M 5 .   ? -8.978  -2.299  8.918   1.00 58.42  ? 376 HOH A O   1 
HETATM 1136 O  O   . HOH M 5 .   ? -2.578  -9.310  -5.536  1.00 48.37  ? 377 HOH A O   1 
HETATM 1137 O  O   . HOH M 5 .   ? 8.209   -13.849 11.442  1.00 58.13  ? 378 HOH A O   1 
HETATM 1138 O  O   . HOH M 5 .   ? 3.250   19.699  0.786   1.00 60.38  ? 379 HOH A O   1 
HETATM 1139 O  O   . HOH M 5 .   ? -17.539 7.952   1.175   1.00 73.95  ? 380 HOH A O   1 
HETATM 1140 O  O   . HOH M 5 .   ? -10.687 1.420   6.801   1.00 78.94  ? 381 HOH A O   1 
HETATM 1141 O  O   . HOH M 5 .   ? 7.864   7.528   -13.541 1.00 58.99  ? 382 HOH A O   1 
HETATM 1142 O  O   . HOH M 5 .   ? -4.312  -6.004  -3.504  1.00 38.21  ? 383 HOH A O   1 
HETATM 1143 O  O   . HOH M 5 .   ? -2.531  -6.375  -5.072  1.00 34.84  ? 384 HOH A O   1 
HETATM 1144 O  O   . HOH M 5 .   ? -10.664 6.728   -14.796 1.00 45.86  ? 385 HOH A O   1 
HETATM 1145 O  O   . HOH M 5 .   ? -3.238  -5.339  -7.538  1.00 39.01  ? 386 HOH A O   1 
HETATM 1146 O  O   . HOH M 5 .   ? 6.438   13.382  5.298   1.00 52.79  ? 387 HOH A O   1 
HETATM 1147 O  O   . HOH M 5 .   ? -9.479  5.605   5.839   1.00 52.42  ? 388 HOH A O   1 
HETATM 1148 O  O   . HOH M 5 .   ? 17.666  3.540   -0.640  1.00 49.65  ? 389 HOH A O   1 
HETATM 1149 O  O   . HOH M 5 .   ? -7.140  -5.687  -4.580  1.00 44.47  ? 390 HOH A O   1 
HETATM 1150 O  O   . HOH M 5 .   ? -7.423  9.252   3.790   1.00 69.55  ? 391 HOH A O   1 
HETATM 1151 O  O   . HOH M 5 .   ? 17.971  0.539   -0.545  1.00 69.87  ? 392 HOH A O   1 
# 
